data_2EAD
#
_entry.id   2EAD
#
_cell.length_a   88.448
_cell.length_b   72.743
_cell.length_c   129.207
_cell.angle_alpha   90.00
_cell.angle_beta   96.68
_cell.angle_gamma   90.00
#
_symmetry.space_group_name_H-M   'P 1 21 1'
#
loop_
_entity.id
_entity.type
_entity.pdbx_description
1 polymer Alpha-fucosidase
2 branched alpha-L-fucopyranose-(1-2)-beta-D-galactopyranose-(1-4)-beta-D-glucopyranose
3 non-polymer 'CALCIUM ION'
4 non-polymer '2-(N-MORPHOLINO)-ETHANESULFONIC ACID'
5 water water
#
_entity_poly.entity_id   1
_entity_poly.type   'polypeptide(L)'
_entity_poly.pdbx_seq_one_letter_code
;MVIASVEDGGDGDTSKDDWLWYKQPASQTDATATAGGNYGNPDNNRWQQTTLPFGNGKIGGTVWGEVSRERVTFNEETLW
TGGPGSSTSYNGGNNETKGQNGATLRALNKQLANGAETVNPGNLTGGENAAEQGNYLNWGDIYLDYGFNDTTVTEYRRDL
NLSKGKADVTFKHDGVTYTREYFASNPDNVMVARLTASKAGKLNFNVSMPTNTNYSKTGETTTVKGDTLTVKGALGNNGL
LYNSQIKVVLDNGEGTLSEGSDGASLKVSDAKAVTLYIAAATDYKQKYPSYRTGETAAEVNTRVAKVVQDAANKGYTAVK
KAHIDDHSAIYDRVKIDLGQSGHSSDGAVATDALLKAYQRGSATTAQKRELETLVYKYGRYLTIGSSRENSQLPSNLQGI
WSVTAGDNAHGNTPWGSDFHMNVNLQMNYWPTYSANMGELAEPLIEYVEGLVKPGRVTAKVYAGAETTNPETTPIGEGEG
YMAHTENTAYGWTAPGQSFSWGWSPAAVPWILQNVYEAYEYSGDPALLDRVYALLKEESHFYVNYMLHKAGSSSGDRLTT
GVAYSPAQGPLGTDGNTYESSLVWQMLNDAIEAAKAKGDPDGLVGNTTDCSADNWAKNDSGNFTDANANRSWSCAKSLLK
PIEVGDSGQIKEWYFEGALGKKKDGSTISGYQADNQHRHMSHLLGLFPGDLITIDNSEYMDAAKTSLRYRCFKGNVLQSN
TGWAIGQRINSWARTGDGNTTYQLVELQLKNAMYANLFDYHAPFQIDGNFGNTSGVDEMLLQSNSTFTDTAGKKYVNYTN
ILPALPDAWAGGSVSGLVARGNFTVGTTWKNGKATEVRLTSNKGKQAAVKITAGGAQNYEVKNGDTAVNAKVVTNADGAS
LLVFDTTAGTTYTITKKAS
;
_entity_poly.pdbx_strand_id   A,B
#
loop_
_chem_comp.id
_chem_comp.type
_chem_comp.name
_chem_comp.formula
BGC D-saccharide, beta linking beta-D-glucopyranose 'C6 H12 O6'
CA non-polymer 'CALCIUM ION' 'Ca 2'
FUC L-saccharide, alpha linking alpha-L-fucopyranose 'C6 H12 O5'
GAL D-saccharide, beta linking beta-D-galactopyranose 'C6 H12 O6'
MES non-polymer '2-(N-MORPHOLINO)-ETHANESULFONIC ACID' 'C6 H13 N O4 S'
#
# COMPACT_ATOMS: atom_id res chain seq x y z
N GLY A 12 29.95 -5.33 -2.93
CA GLY A 12 29.32 -6.43 -3.71
C GLY A 12 30.09 -6.91 -4.93
N ASP A 13 29.56 -7.95 -5.59
CA ASP A 13 30.09 -8.39 -6.87
C ASP A 13 29.43 -7.59 -7.99
N THR A 14 30.19 -6.70 -8.62
CA THR A 14 29.65 -5.84 -9.68
C THR A 14 30.13 -6.27 -11.08
N SER A 15 30.80 -7.42 -11.16
CA SER A 15 31.41 -7.84 -12.42
C SER A 15 30.38 -8.00 -13.53
N LYS A 16 29.14 -8.31 -13.16
CA LYS A 16 28.09 -8.58 -14.14
C LYS A 16 27.23 -7.36 -14.46
N ASP A 17 27.49 -6.27 -13.77
CA ASP A 17 26.73 -5.02 -13.93
C ASP A 17 27.15 -4.28 -15.18
N ASP A 18 26.21 -3.50 -15.73
CA ASP A 18 26.48 -2.65 -16.90
C ASP A 18 27.07 -1.31 -16.48
N TRP A 19 28.27 -1.00 -16.95
CA TRP A 19 28.95 0.27 -16.59
C TRP A 19 29.25 1.12 -17.78
N LEU A 20 29.08 2.44 -17.63
CA LEU A 20 29.79 3.39 -18.44
C LEU A 20 30.96 3.77 -17.56
N TRP A 21 32.17 3.66 -18.07
CA TRP A 21 33.34 3.92 -17.20
C TRP A 21 34.46 4.68 -17.88
N TYR A 22 35.19 5.46 -17.07
CA TYR A 22 36.21 6.42 -17.54
C TYR A 22 37.42 6.40 -16.60
N LYS A 23 38.60 6.59 -17.16
CA LYS A 23 39.85 6.53 -16.37
C LYS A 23 40.42 7.91 -16.04
N GLN A 24 39.56 8.94 -16.08
CA GLN A 24 39.97 10.33 -15.81
C GLN A 24 38.71 11.13 -15.46
N PRO A 25 38.85 12.21 -14.68
CA PRO A 25 37.73 13.11 -14.33
C PRO A 25 37.05 13.75 -15.57
N ALA A 26 35.84 14.27 -15.39
CA ALA A 26 35.13 14.99 -16.46
C ALA A 26 36.00 16.07 -17.07
N SER A 27 36.69 16.83 -16.23
CA SER A 27 37.59 17.89 -16.68
C SER A 27 38.65 17.44 -17.70
N GLN A 28 39.00 16.16 -17.68
CA GLN A 28 40.01 15.61 -18.59
C GLN A 28 39.43 14.65 -19.64
N THR A 29 38.10 14.62 -19.72
CA THR A 29 37.39 13.78 -20.70
C THR A 29 37.15 14.57 -22.00
N ASP A 30 37.24 13.88 -23.14
CA ASP A 30 37.05 14.48 -24.44
C ASP A 30 35.66 15.17 -24.57
N ALA A 31 35.66 16.49 -24.76
CA ALA A 31 34.42 17.27 -25.01
C ALA A 31 34.59 18.03 -26.31
N THR A 32 35.23 17.38 -27.29
CA THR A 32 35.55 18.00 -28.58
C THR A 32 34.42 17.91 -29.64
N ALA A 33 33.33 17.18 -29.36
CA ALA A 33 32.23 17.19 -30.31
C ALA A 33 31.53 18.58 -30.37
N THR A 34 30.76 18.82 -31.43
CA THR A 34 29.98 20.05 -31.57
C THR A 34 29.22 20.42 -30.32
N ALA A 35 29.48 21.63 -29.81
CA ALA A 35 28.89 22.15 -28.59
C ALA A 35 27.43 22.51 -28.78
N GLY A 36 27.11 23.19 -29.89
CA GLY A 36 25.77 23.71 -30.17
C GLY A 36 25.42 25.00 -29.43
N GLY A 37 24.27 25.57 -29.82
CA GLY A 37 23.78 26.82 -29.25
C GLY A 37 23.67 26.72 -27.74
N ASN A 38 23.98 27.82 -27.09
CA ASN A 38 23.94 28.01 -25.63
C ASN A 38 25.10 27.40 -24.87
N TYR A 39 26.01 26.77 -25.60
CA TYR A 39 27.11 26.07 -24.97
C TYR A 39 28.49 26.64 -25.30
N GLY A 40 28.53 27.97 -25.48
CA GLY A 40 29.77 28.73 -25.74
C GLY A 40 30.77 28.76 -24.58
N ASN A 41 30.25 28.66 -23.36
CA ASN A 41 31.06 28.53 -22.18
C ASN A 41 31.68 27.13 -22.15
N PRO A 42 33.02 27.07 -22.24
CA PRO A 42 33.71 25.76 -22.23
C PRO A 42 33.26 24.87 -21.05
N ASP A 43 32.97 25.48 -19.90
CA ASP A 43 32.53 24.73 -18.71
C ASP A 43 31.15 24.07 -18.86
N ASN A 44 30.22 24.80 -19.50
CA ASN A 44 28.90 24.25 -19.77
C ASN A 44 29.00 23.18 -20.86
N ASN A 45 29.83 23.41 -21.86
CA ASN A 45 30.02 22.36 -22.86
C ASN A 45 30.65 21.08 -22.27
N ARG A 46 31.62 21.26 -21.37
CA ARG A 46 32.20 20.13 -20.67
C ARG A 46 31.15 19.33 -19.87
N TRP A 47 30.26 20.01 -19.14
CA TRP A 47 29.14 19.37 -18.44
C TRP A 47 28.40 18.38 -19.37
N GLN A 48 27.96 18.88 -20.52
CA GLN A 48 27.04 18.10 -21.36
C GLN A 48 27.66 16.85 -22.00
N GLN A 49 28.98 16.88 -22.20
CA GLN A 49 29.67 15.86 -22.96
C GLN A 49 30.35 14.81 -22.08
N THR A 50 30.54 15.11 -20.80
CA THR A 50 31.42 14.30 -19.93
C THR A 50 30.85 13.85 -18.59
N THR A 51 29.80 14.50 -18.09
CA THR A 51 29.32 14.16 -16.74
C THR A 51 28.34 12.99 -16.79
N LEU A 52 28.16 12.30 -15.66
CA LEU A 52 27.34 11.09 -15.60
C LEU A 52 26.06 11.27 -14.76
N PRO A 53 24.88 11.12 -15.41
CA PRO A 53 23.60 11.41 -14.75
C PRO A 53 23.07 10.28 -13.87
N PHE A 54 22.34 10.66 -12.83
CA PHE A 54 21.51 9.73 -12.06
C PHE A 54 20.31 10.52 -11.47
N GLY A 55 19.25 9.84 -11.03
CA GLY A 55 18.08 10.55 -10.54
C GLY A 55 17.04 9.61 -9.99
N ASN A 56 16.00 10.14 -9.34
CA ASN A 56 14.90 9.34 -8.82
C ASN A 56 13.57 9.75 -9.45
N GLY A 57 13.63 10.38 -10.62
CA GLY A 57 12.43 10.90 -11.30
C GLY A 57 12.12 12.34 -10.90
N LYS A 58 12.70 12.79 -9.78
CA LYS A 58 12.36 14.09 -9.15
C LYS A 58 13.63 14.92 -8.98
N ILE A 59 14.62 14.40 -8.24
CA ILE A 59 15.93 15.06 -8.23
C ILE A 59 16.94 14.32 -9.07
N GLY A 60 17.92 15.06 -9.57
CA GLY A 60 18.96 14.46 -10.41
C GLY A 60 20.27 15.10 -10.11
N GLY A 61 21.33 14.32 -10.29
CA GLY A 61 22.68 14.85 -10.30
C GLY A 61 23.42 14.43 -11.55
N THR A 62 24.45 15.18 -11.90
CA THR A 62 25.40 14.78 -12.94
C THR A 62 26.81 14.89 -12.35
N VAL A 63 27.47 13.74 -12.23
CA VAL A 63 28.74 13.63 -11.49
C VAL A 63 29.93 13.94 -12.35
N TRP A 64 30.78 14.84 -11.86
CA TRP A 64 31.97 15.25 -12.55
C TRP A 64 33.17 14.33 -12.24
N GLY A 65 33.26 13.85 -10.99
CA GLY A 65 34.40 13.02 -10.56
C GLY A 65 35.74 13.73 -10.43
N GLU A 66 35.73 15.03 -10.13
CA GLU A 66 36.99 15.79 -9.97
C GLU A 66 37.74 15.36 -8.69
N VAL A 67 39.07 15.37 -8.70
CA VAL A 67 39.75 14.79 -7.52
C VAL A 67 39.63 15.70 -6.29
N SER A 68 39.96 16.98 -6.44
CA SER A 68 39.87 17.93 -5.31
C SER A 68 38.52 18.67 -5.19
N ARG A 69 38.21 19.54 -6.14
CA ARG A 69 36.93 20.23 -6.10
C ARG A 69 35.86 19.43 -6.86
N GLU A 70 35.33 18.40 -6.20
CA GLU A 70 34.38 17.48 -6.78
C GLU A 70 33.05 18.23 -6.92
N ARG A 71 32.27 17.87 -7.94
CA ARG A 71 31.10 18.66 -8.32
C ARG A 71 30.00 17.71 -8.76
N VAL A 72 28.79 17.93 -8.27
CA VAL A 72 27.62 17.20 -8.74
C VAL A 72 26.61 18.28 -9.13
N THR A 73 26.40 18.44 -10.43
CA THR A 73 25.42 19.43 -10.94
C THR A 73 24.05 18.91 -10.57
N PHE A 74 23.20 19.80 -10.05
CA PHE A 74 22.00 19.40 -9.34
C PHE A 74 20.73 19.93 -9.99
N ASN A 75 19.68 19.11 -10.05
CA ASN A 75 18.40 19.49 -10.65
C ASN A 75 17.26 18.98 -9.79
N GLU A 76 16.15 19.70 -9.82
CA GLU A 76 14.89 19.16 -9.35
C GLU A 76 13.89 19.49 -10.43
N GLU A 77 13.05 18.50 -10.75
CA GLU A 77 12.20 18.52 -11.98
C GLU A 77 11.23 19.69 -12.04
N THR A 78 10.85 20.25 -10.88
CA THR A 78 9.79 21.28 -10.87
C THR A 78 10.34 22.71 -10.82
N LEU A 79 11.66 22.88 -10.93
CA LEU A 79 12.23 24.24 -10.85
C LEU A 79 12.07 24.93 -12.19
N TRP A 80 10.90 25.54 -12.38
CA TRP A 80 10.47 26.09 -13.66
C TRP A 80 10.08 27.54 -13.42
N THR A 81 10.68 28.46 -14.18
CA THR A 81 10.11 29.80 -14.22
C THR A 81 8.88 29.78 -15.14
N GLY A 82 8.18 30.91 -15.17
CA GLY A 82 6.96 31.07 -15.95
C GLY A 82 5.73 30.88 -15.10
N GLY A 83 4.57 30.97 -15.75
CA GLY A 83 3.34 30.54 -15.12
C GLY A 83 2.70 31.63 -14.28
N PRO A 84 1.70 31.24 -13.48
CA PRO A 84 1.01 32.20 -12.64
C PRO A 84 2.03 32.89 -11.73
N GLY A 85 1.86 34.19 -11.56
CA GLY A 85 2.82 34.94 -10.74
C GLY A 85 3.91 35.60 -11.56
N SER A 86 4.12 35.17 -12.82
CA SER A 86 5.15 35.77 -13.67
C SER A 86 4.65 37.08 -14.28
N SER A 87 3.33 37.25 -14.27
CA SER A 87 2.66 38.47 -14.67
C SER A 87 1.39 38.51 -13.86
N THR A 88 0.64 39.62 -13.93
CA THR A 88 -0.65 39.72 -13.22
C THR A 88 -1.79 39.13 -14.06
N SER A 89 -1.50 38.69 -15.28
CA SER A 89 -2.58 38.25 -16.17
C SER A 89 -2.31 36.92 -16.87
N TYR A 90 -1.43 36.10 -16.28
CA TYR A 90 -1.06 34.83 -16.90
C TYR A 90 -2.28 34.00 -17.36
N ASN A 91 -2.31 33.70 -18.66
CA ASN A 91 -3.41 32.95 -19.23
C ASN A 91 -2.92 31.96 -20.30
N GLY A 92 -1.81 31.27 -20.02
CA GLY A 92 -1.38 30.16 -20.86
C GLY A 92 -0.82 30.60 -22.21
N GLY A 93 -0.54 31.91 -22.34
CA GLY A 93 0.02 32.49 -23.56
C GLY A 93 -1.02 32.86 -24.61
N ASN A 94 -2.30 32.63 -24.30
CA ASN A 94 -3.36 32.78 -25.29
C ASN A 94 -3.56 34.23 -25.66
N ASN A 95 -3.65 34.49 -26.97
CA ASN A 95 -3.86 35.87 -27.44
C ASN A 95 -5.27 36.09 -27.98
N GLU A 96 -6.15 36.73 -27.19
CA GLU A 96 -7.56 36.88 -27.59
C GLU A 96 -7.70 37.68 -28.88
N THR A 97 -6.86 38.71 -29.04
CA THR A 97 -6.91 39.58 -30.19
C THR A 97 -6.55 38.86 -31.48
N LYS A 98 -5.66 37.88 -31.40
CA LYS A 98 -5.26 37.09 -32.57
C LYS A 98 -6.30 36.03 -32.89
N GLY A 99 -6.75 35.31 -31.86
CA GLY A 99 -7.64 34.16 -32.02
C GLY A 99 -9.08 34.56 -32.36
N GLN A 100 -9.55 35.66 -31.74
CA GLN A 100 -10.94 36.15 -31.86
C GLN A 100 -11.98 35.03 -31.71
N ASN A 101 -11.82 34.21 -30.66
CA ASN A 101 -12.72 33.09 -30.35
C ASN A 101 -13.07 32.22 -31.57
N GLY A 102 -12.04 31.93 -32.37
CA GLY A 102 -12.15 31.06 -33.52
C GLY A 102 -12.41 31.69 -34.86
N ALA A 103 -12.72 33.00 -34.85
CA ALA A 103 -13.09 33.75 -36.06
C ALA A 103 -11.96 33.83 -37.08
N THR A 104 -10.74 34.00 -36.59
CA THR A 104 -9.57 34.13 -37.45
C THR A 104 -9.30 32.82 -38.21
N LEU A 105 -9.30 31.71 -37.49
CA LEU A 105 -9.14 30.39 -38.09
C LEU A 105 -10.29 30.04 -39.03
N ARG A 106 -11.49 30.45 -38.66
CA ARG A 106 -12.67 30.16 -39.48
C ARG A 106 -12.58 30.85 -40.85
N ALA A 107 -12.19 32.13 -40.85
CA ALA A 107 -12.06 32.89 -42.09
C ALA A 107 -10.99 32.30 -43.01
N LEU A 108 -9.85 31.94 -42.42
CA LEU A 108 -8.78 31.25 -43.14
C LEU A 108 -9.22 29.92 -43.78
N ASN A 109 -9.93 29.09 -43.03
CA ASN A 109 -10.43 27.80 -43.54
C ASN A 109 -11.46 27.97 -44.66
N LYS A 110 -12.27 29.03 -44.56
CA LYS A 110 -13.25 29.34 -45.62
C LYS A 110 -12.54 29.68 -46.94
N GLN A 111 -11.46 30.47 -46.88
CA GLN A 111 -10.63 30.76 -48.06
C GLN A 111 -10.09 29.48 -48.70
N LEU A 112 -9.47 28.64 -47.91
CA LEU A 112 -9.08 27.29 -48.37
C LEU A 112 -10.24 26.48 -49.00
N ALA A 113 -11.38 26.42 -48.32
CA ALA A 113 -12.55 25.70 -48.85
C ALA A 113 -13.03 26.26 -50.21
N ASN A 114 -12.89 27.57 -50.40
CA ASN A 114 -13.33 28.24 -51.64
C ASN A 114 -12.26 28.22 -52.74
N GLY A 115 -11.22 27.45 -52.51
CA GLY A 115 -10.31 27.07 -53.55
C GLY A 115 -8.90 27.58 -53.41
N ALA A 116 -8.62 28.30 -52.32
CA ALA A 116 -7.29 28.82 -52.08
C ALA A 116 -6.35 27.64 -51.82
N GLU A 117 -5.14 27.74 -52.38
CA GLU A 117 -4.10 26.73 -52.24
C GLU A 117 -3.29 26.93 -50.94
N THR A 118 -3.07 28.19 -50.61
CA THR A 118 -2.40 28.60 -49.40
C THR A 118 -3.15 29.83 -48.87
N VAL A 119 -3.05 30.08 -47.57
CA VAL A 119 -3.54 31.32 -46.96
C VAL A 119 -2.42 31.85 -46.08
N ASN A 120 -2.46 33.11 -45.70
CA ASN A 120 -1.48 33.66 -44.76
C ASN A 120 -1.96 33.39 -43.34
N PRO A 121 -1.26 32.46 -42.63
CA PRO A 121 -1.67 32.06 -41.27
C PRO A 121 -1.00 32.87 -40.17
N GLY A 122 -0.44 34.02 -40.55
CA GLY A 122 0.38 34.85 -39.70
C GLY A 122 -0.21 35.29 -38.37
N ASN A 123 -1.54 35.43 -38.30
CA ASN A 123 -2.18 35.83 -37.06
C ASN A 123 -2.64 34.68 -36.15
N LEU A 124 -2.35 33.43 -36.54
CA LEU A 124 -2.55 32.27 -35.67
C LEU A 124 -1.36 32.08 -34.74
N THR A 125 -1.21 33.01 -33.80
CA THR A 125 -0.03 33.06 -32.95
C THR A 125 -0.44 33.45 -31.51
N GLY A 126 0.53 33.34 -30.60
CA GLY A 126 0.33 33.78 -29.23
C GLY A 126 1.64 33.62 -28.50
N GLY A 127 1.57 33.53 -27.18
CA GLY A 127 2.77 33.16 -26.39
C GLY A 127 3.94 34.14 -26.55
N GLU A 128 3.62 35.43 -26.59
CA GLU A 128 4.63 36.47 -26.85
C GLU A 128 5.47 36.85 -25.65
N ASN A 129 4.97 36.55 -24.44
CA ASN A 129 5.64 36.96 -23.22
C ASN A 129 6.57 35.89 -22.68
N ALA A 130 7.89 36.09 -22.87
CA ALA A 130 8.88 35.06 -22.57
C ALA A 130 9.01 34.82 -21.05
N ALA A 131 8.62 35.81 -20.26
CA ALA A 131 8.57 35.68 -18.77
C ALA A 131 7.42 34.75 -18.29
N GLU A 132 6.31 34.81 -19.02
CA GLU A 132 5.14 33.96 -18.75
C GLU A 132 5.42 32.53 -19.22
N GLN A 133 6.10 32.41 -20.34
CA GLN A 133 6.47 31.08 -20.85
C GLN A 133 7.43 30.40 -19.88
N GLY A 134 8.53 31.09 -19.58
CA GLY A 134 9.59 30.57 -18.67
C GLY A 134 10.26 29.35 -19.28
N ASN A 135 10.88 28.55 -18.43
CA ASN A 135 11.75 27.47 -18.88
C ASN A 135 12.22 26.68 -17.66
N TYR A 136 12.83 25.52 -17.93
CA TYR A 136 13.39 24.66 -16.90
C TYR A 136 14.76 25.21 -16.53
N LEU A 137 15.06 25.24 -15.23
CA LEU A 137 16.32 25.77 -14.71
C LEU A 137 17.21 24.69 -14.13
N ASN A 138 18.50 24.80 -14.40
CA ASN A 138 19.46 24.12 -13.58
C ASN A 138 19.36 24.72 -12.18
N TRP A 139 19.19 23.89 -11.17
CA TRP A 139 19.05 24.35 -9.79
C TRP A 139 20.37 24.98 -9.31
N GLY A 140 21.43 24.19 -9.41
CA GLY A 140 22.77 24.65 -9.11
C GLY A 140 23.73 23.48 -9.05
N ASP A 141 24.61 23.47 -8.04
CA ASP A 141 25.67 22.49 -7.95
C ASP A 141 25.90 22.11 -6.50
N ILE A 142 26.29 20.86 -6.28
CA ILE A 142 26.82 20.43 -4.99
C ILE A 142 28.32 20.40 -5.21
N TYR A 143 29.06 21.10 -4.35
CA TYR A 143 30.52 21.10 -4.45
C TYR A 143 31.09 20.45 -3.21
N LEU A 144 31.95 19.46 -3.43
CA LEU A 144 32.59 18.76 -2.34
C LEU A 144 34.07 18.99 -2.48
N ASP A 145 34.57 20.03 -1.78
CA ASP A 145 35.93 20.48 -2.03
C ASP A 145 36.85 19.90 -0.98
N TYR A 146 37.69 18.97 -1.45
CA TYR A 146 38.60 18.18 -0.57
C TYR A 146 39.82 19.00 -0.16
N GLY A 147 40.05 20.08 -0.90
CA GLY A 147 41.09 21.04 -0.58
C GLY A 147 42.48 20.46 -0.61
N PHE A 148 42.71 19.55 -1.57
CA PHE A 148 44.02 18.96 -1.83
C PHE A 148 44.94 20.02 -2.38
N ASN A 149 46.24 19.84 -2.20
CA ASN A 149 47.24 20.78 -2.69
C ASN A 149 47.47 20.65 -4.19
N ASP A 150 47.16 19.47 -4.72
CA ASP A 150 47.27 19.16 -6.14
C ASP A 150 46.25 18.04 -6.45
N THR A 151 46.21 17.59 -7.70
CA THR A 151 45.24 16.57 -8.09
C THR A 151 45.94 15.32 -8.60
N THR A 152 47.17 15.10 -8.14
CA THR A 152 47.94 13.93 -8.53
C THR A 152 47.28 12.68 -7.97
N VAL A 153 46.93 11.75 -8.85
CA VAL A 153 46.31 10.51 -8.41
C VAL A 153 46.85 9.30 -9.16
N THR A 154 46.52 8.13 -8.65
CA THR A 154 46.69 6.91 -9.39
C THR A 154 45.46 6.06 -9.15
N GLU A 155 45.30 5.05 -10.01
CA GLU A 155 44.22 4.09 -9.90
C GLU A 155 42.89 4.85 -9.88
N TYR A 156 42.81 5.85 -10.76
CA TYR A 156 41.59 6.65 -10.88
C TYR A 156 40.59 5.94 -11.78
N ARG A 157 39.36 5.83 -11.30
CA ARG A 157 38.23 5.45 -12.14
C ARG A 157 36.95 6.19 -11.74
N ARG A 158 36.14 6.56 -12.73
CA ARG A 158 34.77 6.95 -12.45
C ARG A 158 33.86 6.12 -13.36
N ASP A 159 32.71 5.72 -12.83
CA ASP A 159 31.74 4.96 -13.60
C ASP A 159 30.31 5.37 -13.29
N LEU A 160 29.42 4.92 -14.18
CA LEU A 160 28.02 4.95 -13.92
C LEU A 160 27.57 3.49 -14.03
N ASN A 161 27.10 2.95 -12.91
CA ASN A 161 26.60 1.59 -12.86
C ASN A 161 25.11 1.59 -13.18
N LEU A 162 24.81 1.27 -14.43
CA LEU A 162 23.44 1.31 -14.96
C LEU A 162 22.55 0.28 -14.29
N SER A 163 23.15 -0.87 -13.89
CA SER A 163 22.43 -1.96 -13.23
C SER A 163 22.00 -1.61 -11.80
N LYS A 164 22.85 -0.87 -11.08
CA LYS A 164 22.56 -0.50 -9.69
C LYS A 164 22.12 0.97 -9.48
N GLY A 165 22.06 1.75 -10.57
CA GLY A 165 21.63 3.14 -10.49
C GLY A 165 22.47 4.00 -9.57
N LYS A 166 23.78 3.91 -9.73
CA LYS A 166 24.64 4.71 -8.88
C LYS A 166 25.93 5.05 -9.62
N ALA A 167 26.52 6.17 -9.25
CA ALA A 167 27.76 6.63 -9.85
C ALA A 167 28.84 6.45 -8.81
N ASP A 168 30.01 6.04 -9.27
CA ASP A 168 31.13 5.69 -8.38
C ASP A 168 32.34 6.48 -8.83
N VAL A 169 33.17 6.85 -7.88
CA VAL A 169 34.44 7.52 -8.15
C VAL A 169 35.45 6.93 -7.16
N THR A 170 36.63 6.59 -7.66
CA THR A 170 37.71 6.09 -6.80
C THR A 170 39.07 6.57 -7.30
N PHE A 171 39.98 6.83 -6.37
CA PHE A 171 41.34 7.22 -6.74
C PHE A 171 42.20 7.17 -5.49
N LYS A 172 43.52 7.11 -5.70
CA LYS A 172 44.50 7.16 -4.63
C LYS A 172 45.27 8.47 -4.70
N HIS A 173 45.31 9.19 -3.59
CA HIS A 173 45.97 10.49 -3.53
C HIS A 173 46.80 10.54 -2.24
N ASP A 174 48.12 10.70 -2.41
CA ASP A 174 49.03 10.80 -1.27
C ASP A 174 48.80 9.70 -0.26
N GLY A 175 48.90 8.46 -0.72
CA GLY A 175 48.82 7.29 0.16
C GLY A 175 47.45 6.88 0.65
N VAL A 176 46.42 7.65 0.29
CA VAL A 176 45.07 7.36 0.76
C VAL A 176 44.17 7.11 -0.44
N THR A 177 43.36 6.05 -0.36
CA THR A 177 42.30 5.78 -1.34
C THR A 177 40.99 6.45 -0.94
N TYR A 178 40.47 7.27 -1.84
CA TYR A 178 39.24 8.02 -1.65
C TYR A 178 38.18 7.41 -2.55
N THR A 179 37.01 7.13 -1.98
CA THR A 179 35.88 6.62 -2.77
C THR A 179 34.64 7.52 -2.60
N ARG A 180 33.84 7.59 -3.65
CA ARG A 180 32.60 8.32 -3.65
C ARG A 180 31.55 7.46 -4.35
N GLU A 181 30.33 7.47 -3.81
CA GLU A 181 29.20 6.78 -4.40
C GLU A 181 28.00 7.74 -4.35
N TYR A 182 27.28 7.82 -5.47
CA TYR A 182 26.12 8.71 -5.56
C TYR A 182 24.93 7.96 -6.12
N PHE A 183 23.79 8.12 -5.48
CA PHE A 183 22.54 7.66 -6.04
C PHE A 183 21.39 8.52 -5.56
N ALA A 184 20.28 8.40 -6.26
CA ALA A 184 19.05 9.07 -5.83
C ALA A 184 17.95 8.03 -5.67
N SER A 185 17.55 7.79 -4.42
CA SER A 185 16.53 6.80 -4.07
C SER A 185 15.16 7.34 -4.41
N ASN A 186 14.39 6.56 -5.15
CA ASN A 186 12.97 6.85 -5.28
C ASN A 186 12.17 6.45 -3.99
N PRO A 187 12.35 5.20 -3.48
CA PRO A 187 11.54 4.86 -2.28
C PRO A 187 11.69 5.78 -1.07
N ASP A 188 12.89 6.32 -0.85
CA ASP A 188 13.13 7.21 0.28
C ASP A 188 13.29 8.67 -0.15
N ASN A 189 13.04 8.93 -1.44
CA ASN A 189 12.96 10.30 -1.99
C ASN A 189 14.18 11.19 -1.68
N VAL A 190 15.37 10.62 -1.84
CA VAL A 190 16.57 11.25 -1.28
C VAL A 190 17.80 10.90 -2.06
N MET A 191 18.69 11.88 -2.22
CA MET A 191 19.98 11.70 -2.87
C MET A 191 21.03 11.37 -1.80
N VAL A 192 21.85 10.37 -2.10
CA VAL A 192 22.89 9.93 -1.17
C VAL A 192 24.27 10.12 -1.77
N ALA A 193 25.16 10.72 -1.00
CA ALA A 193 26.57 10.69 -1.34
C ALA A 193 27.32 9.94 -0.23
N ARG A 194 27.84 8.75 -0.56
CA ARG A 194 28.68 8.01 0.38
C ARG A 194 30.15 8.28 0.09
N LEU A 195 30.84 8.89 1.07
CA LEU A 195 32.23 9.30 0.91
C LEU A 195 33.22 8.65 1.93
N THR A 196 34.31 8.07 1.43
CA THR A 196 35.27 7.39 2.31
C THR A 196 36.71 7.80 2.04
N ALA A 197 37.54 7.64 3.06
CA ALA A 197 38.99 7.61 2.90
C ALA A 197 39.49 6.29 3.52
N SER A 198 40.63 5.78 3.07
CA SER A 198 41.13 4.47 3.53
C SER A 198 41.86 4.50 4.89
N LYS A 199 42.23 5.72 5.31
CA LYS A 199 42.91 5.96 6.58
C LYS A 199 42.10 6.90 7.46
N ALA A 200 42.01 6.58 8.75
CA ALA A 200 41.26 7.40 9.70
C ALA A 200 41.80 8.83 9.73
N GLY A 201 40.89 9.79 9.86
CA GLY A 201 41.24 11.21 9.86
C GLY A 201 41.66 11.84 8.53
N LYS A 202 41.67 11.07 7.45
CA LYS A 202 42.16 11.59 6.18
C LYS A 202 41.02 12.12 5.27
N LEU A 203 39.78 12.03 5.73
CA LEU A 203 38.66 12.61 4.99
C LEU A 203 38.35 14.01 5.47
N ASN A 204 38.75 14.99 4.68
CA ASN A 204 38.49 16.38 4.95
C ASN A 204 37.94 17.09 3.71
N PHE A 205 36.71 17.61 3.81
CA PHE A 205 36.11 18.41 2.71
C PHE A 205 35.15 19.51 3.17
N ASN A 206 34.99 20.50 2.31
CA ASN A 206 33.94 21.50 2.40
C ASN A 206 32.69 21.18 1.52
N VAL A 207 31.50 21.15 2.13
CA VAL A 207 30.21 20.95 1.45
C VAL A 207 29.50 22.29 1.23
N SER A 208 29.26 22.62 -0.04
CA SER A 208 28.43 23.79 -0.43
C SER A 208 27.40 23.37 -1.51
N MET A 209 26.35 24.16 -1.67
CA MET A 209 25.34 23.87 -2.69
C MET A 209 24.81 25.15 -3.31
N PRO A 210 25.66 25.89 -4.04
CA PRO A 210 25.22 27.19 -4.59
C PRO A 210 24.15 26.99 -5.64
N THR A 211 23.11 27.81 -5.60
CA THR A 211 22.15 27.88 -6.72
C THR A 211 22.84 28.55 -7.89
N ASN A 212 22.46 28.16 -9.11
CA ASN A 212 22.96 28.81 -10.33
C ASN A 212 22.76 30.34 -10.26
N THR A 213 23.79 31.11 -10.62
CA THR A 213 23.70 32.58 -10.49
C THR A 213 23.06 33.27 -11.69
N ASN A 214 22.57 32.50 -12.67
CA ASN A 214 22.07 33.07 -13.92
C ASN A 214 20.53 33.16 -13.96
N TYR A 215 19.91 32.73 -12.87
CA TYR A 215 18.49 32.99 -12.66
C TYR A 215 18.24 33.90 -11.45
N SER A 216 17.12 34.63 -11.50
CA SER A 216 16.74 35.64 -10.50
C SER A 216 16.15 34.99 -9.27
N LYS A 217 16.62 35.43 -8.09
CA LYS A 217 16.20 34.92 -6.80
C LYS A 217 15.86 36.03 -5.79
N THR A 218 14.81 35.81 -5.02
CA THR A 218 14.39 36.76 -4.02
C THR A 218 14.59 36.12 -2.67
N GLY A 219 15.27 36.85 -1.78
CA GLY A 219 15.40 36.46 -0.38
C GLY A 219 16.06 35.12 -0.11
N GLU A 220 17.05 34.76 -0.93
CA GLU A 220 17.76 33.51 -0.71
C GLU A 220 18.66 33.65 0.50
N THR A 221 18.65 32.59 1.31
CA THR A 221 19.55 32.46 2.45
C THR A 221 20.21 31.06 2.43
N THR A 222 21.45 31.02 2.90
CA THR A 222 22.15 29.78 3.16
C THR A 222 22.51 29.72 4.64
N THR A 223 21.94 28.73 5.34
CA THR A 223 22.18 28.59 6.75
C THR A 223 22.77 27.24 7.05
N VAL A 224 23.64 27.22 8.05
CA VAL A 224 24.22 25.99 8.54
C VAL A 224 23.70 25.79 9.96
N LYS A 225 23.38 24.56 10.28
CA LYS A 225 22.93 24.17 11.61
C LYS A 225 23.44 22.77 11.67
N GLY A 226 24.77 22.63 11.76
CA GLY A 226 25.47 21.34 11.65
C GLY A 226 24.49 20.50 12.40
N ASP A 227 24.02 19.38 11.82
CA ASP A 227 24.66 18.65 10.73
C ASP A 227 24.16 18.99 9.30
N THR A 228 23.37 20.07 9.18
CA THR A 228 22.60 20.32 7.95
C THR A 228 22.84 21.68 7.33
N LEU A 229 23.08 21.71 6.02
CA LEU A 229 23.19 22.94 5.24
C LEU A 229 21.88 23.17 4.44
N THR A 230 21.28 24.34 4.57
CA THR A 230 20.01 24.63 3.86
C THR A 230 20.10 25.86 2.98
N VAL A 231 19.76 25.70 1.69
CA VAL A 231 19.60 26.80 0.76
C VAL A 231 18.11 26.94 0.42
N LYS A 232 17.62 28.17 0.48
CA LYS A 232 16.21 28.39 0.31
C LYS A 232 15.96 29.82 -0.14
N GLY A 233 14.94 29.99 -0.95
CA GLY A 233 14.57 31.30 -1.46
C GLY A 233 13.32 31.13 -2.31
N ALA A 234 13.03 32.16 -3.09
CA ALA A 234 11.98 32.06 -4.11
C ALA A 234 12.50 32.57 -5.45
N LEU A 235 11.95 32.04 -6.55
CA LEU A 235 12.34 32.51 -7.89
C LEU A 235 11.82 33.94 -8.10
N GLY A 236 12.71 34.80 -8.61
CA GLY A 236 12.40 36.17 -8.99
C GLY A 236 11.30 36.27 -10.02
N ASN A 237 11.34 35.40 -11.03
CA ASN A 237 10.41 35.47 -12.14
C ASN A 237 8.95 35.25 -11.74
N ASN A 238 8.70 34.26 -10.88
CA ASN A 238 7.32 33.88 -10.54
C ASN A 238 7.00 33.59 -9.07
N GLY A 239 7.96 33.75 -8.17
CA GLY A 239 7.72 33.54 -6.74
C GLY A 239 7.69 32.08 -6.25
N LEU A 240 8.04 31.13 -7.13
CA LEU A 240 8.10 29.71 -6.79
C LEU A 240 9.06 29.56 -5.64
N LEU A 241 8.64 28.89 -4.57
CA LEU A 241 9.52 28.67 -3.42
C LEU A 241 10.40 27.46 -3.67
N TYR A 242 11.67 27.56 -3.30
CA TYR A 242 12.58 26.41 -3.43
C TYR A 242 13.37 26.18 -2.14
N ASN A 243 13.70 24.93 -1.86
CA ASN A 243 14.43 24.57 -0.64
C ASN A 243 15.24 23.32 -0.92
N SER A 244 16.55 23.40 -0.69
CA SER A 244 17.41 22.21 -0.67
C SER A 244 18.15 22.10 0.67
N GLN A 245 18.41 20.85 1.08
CA GLN A 245 19.16 20.56 2.33
C GLN A 245 20.15 19.40 2.15
N ILE A 246 21.34 19.54 2.72
CA ILE A 246 22.30 18.45 2.84
C ILE A 246 22.58 18.14 4.34
N LYS A 247 22.25 16.92 4.76
CA LYS A 247 22.51 16.45 6.12
C LYS A 247 23.73 15.54 6.07
N VAL A 248 24.72 15.87 6.89
CA VAL A 248 26.00 15.17 6.90
C VAL A 248 25.99 14.25 8.10
N VAL A 249 26.13 12.95 7.87
CA VAL A 249 26.16 11.95 8.95
C VAL A 249 27.53 11.27 9.01
N LEU A 250 28.33 11.67 9.99
CA LEU A 250 29.66 11.09 10.22
C LEU A 250 29.51 9.64 10.69
N ASP A 251 30.17 8.72 9.99
CA ASP A 251 29.82 7.28 10.04
C ASP A 251 30.65 6.58 11.11
N ASN A 252 30.03 6.45 12.29
CA ASN A 252 30.72 6.54 13.59
C ASN A 252 31.04 8.01 13.71
N GLY A 253 30.56 8.63 14.80
CA GLY A 253 30.65 10.09 15.00
C GLY A 253 32.06 10.62 15.01
N GLU A 254 32.96 9.83 14.40
CA GLU A 254 34.37 10.16 14.22
C GLU A 254 34.56 11.30 13.20
N GLY A 255 35.45 12.23 13.54
CA GLY A 255 35.64 13.43 12.77
C GLY A 255 34.84 14.59 13.36
N THR A 256 35.03 15.77 12.80
CA THR A 256 34.40 16.99 13.32
C THR A 256 33.61 17.74 12.26
N LEU A 257 32.48 18.33 12.69
CA LEU A 257 31.57 19.06 11.83
C LEU A 257 31.57 20.53 12.22
N SER A 258 32.03 21.40 11.32
CA SER A 258 32.06 22.82 11.60
C SER A 258 31.45 23.63 10.47
N GLU A 259 31.39 24.95 10.64
CA GLU A 259 30.86 25.85 9.63
C GLU A 259 31.98 26.46 8.80
N GLY A 260 31.78 26.47 7.48
CA GLY A 260 32.75 27.06 6.57
C GLY A 260 32.88 28.54 6.76
N SER A 261 34.06 29.06 6.47
CA SER A 261 34.40 30.47 6.66
C SER A 261 33.64 31.45 5.77
N ASP A 262 32.90 30.93 4.80
CA ASP A 262 32.22 31.77 3.81
C ASP A 262 30.73 32.09 4.05
N GLY A 263 30.05 31.37 4.93
CA GLY A 263 28.58 31.48 4.98
C GLY A 263 27.79 30.29 5.52
N ALA A 264 27.43 29.28 4.71
CA ALA A 264 27.44 29.17 3.23
C ALA A 264 27.94 27.80 2.82
N SER A 265 28.61 27.13 3.77
CA SER A 265 29.17 25.78 3.59
C SER A 265 29.38 25.08 4.94
N LEU A 266 29.53 23.77 4.89
CA LEU A 266 29.77 22.91 6.05
C LEU A 266 31.16 22.30 5.85
N LYS A 267 32.01 22.35 6.89
CA LYS A 267 33.33 21.69 6.80
C LYS A 267 33.38 20.42 7.64
N VAL A 268 33.89 19.36 7.01
CA VAL A 268 34.05 18.04 7.63
C VAL A 268 35.54 17.82 7.81
N SER A 269 35.94 17.56 9.06
CA SER A 269 37.36 17.43 9.41
C SER A 269 37.68 16.11 10.09
N ASP A 270 38.84 15.55 9.72
CA ASP A 270 39.45 14.38 10.35
C ASP A 270 38.50 13.18 10.50
N ALA A 271 37.70 12.93 9.45
CA ALA A 271 36.77 11.81 9.41
C ALA A 271 37.39 10.65 8.64
N LYS A 272 36.72 9.49 8.64
CA LYS A 272 37.12 8.39 7.77
C LYS A 272 36.06 8.15 6.66
N ALA A 273 34.78 8.20 7.04
CA ALA A 273 33.67 7.91 6.12
C ALA A 273 32.45 8.69 6.58
N VAL A 274 31.68 9.17 5.61
CA VAL A 274 30.43 9.89 5.89
C VAL A 274 29.35 9.61 4.84
N THR A 275 28.10 9.82 5.22
CA THR A 275 26.97 9.76 4.28
C THR A 275 26.30 11.14 4.30
N LEU A 276 26.08 11.68 3.10
CA LEU A 276 25.34 12.91 2.92
C LEU A 276 23.96 12.56 2.42
N TYR A 277 22.96 13.15 3.05
CA TYR A 277 21.60 12.99 2.60
C TYR A 277 21.16 14.32 2.05
N ILE A 278 20.75 14.30 0.78
CA ILE A 278 20.43 15.51 0.02
C ILE A 278 18.98 15.46 -0.44
N ALA A 279 18.24 16.53 -0.16
CA ALA A 279 16.87 16.62 -0.60
C ALA A 279 16.57 18.02 -1.13
N ALA A 280 15.54 18.12 -1.96
CA ALA A 280 15.10 19.40 -2.50
C ALA A 280 13.65 19.29 -2.89
N ALA A 281 12.96 20.43 -2.83
CA ALA A 281 11.58 20.52 -3.25
C ALA A 281 11.27 21.97 -3.58
N THR A 282 10.13 22.16 -4.23
CA THR A 282 9.54 23.48 -4.41
C THR A 282 8.10 23.36 -3.99
N ASP A 283 7.37 24.47 -4.02
CA ASP A 283 5.91 24.44 -3.82
C ASP A 283 5.12 24.34 -5.14
N TYR A 284 5.77 23.88 -6.22
CA TYR A 284 5.06 23.59 -7.47
C TYR A 284 3.96 22.57 -7.26
N LYS A 285 2.80 22.74 -7.93
CA LYS A 285 1.88 21.62 -8.13
C LYS A 285 1.37 21.67 -9.55
N GLN A 286 1.24 20.50 -10.17
CA GLN A 286 0.61 20.47 -11.50
C GLN A 286 -0.91 20.52 -11.30
N LYS A 287 -1.42 21.74 -11.16
CA LYS A 287 -2.81 21.97 -10.79
C LYS A 287 -3.31 23.33 -11.30
N TYR A 288 -4.08 23.28 -12.39
CA TYR A 288 -4.65 24.47 -12.99
C TYR A 288 -5.70 25.08 -12.04
N PRO A 289 -5.72 26.44 -11.90
CA PRO A 289 -4.83 27.41 -12.55
C PRO A 289 -3.69 27.97 -11.71
N SER A 290 -3.61 27.64 -10.42
CA SER A 290 -2.62 28.28 -9.55
C SER A 290 -1.21 27.66 -9.63
N TYR A 291 -1.14 26.36 -9.94
CA TYR A 291 0.13 25.59 -9.98
C TYR A 291 1.00 25.69 -8.72
N ARG A 292 0.33 25.69 -7.55
CA ARG A 292 1.03 25.78 -6.29
C ARG A 292 0.41 24.84 -5.25
N THR A 293 1.22 24.38 -4.32
CA THR A 293 0.68 23.57 -3.22
C THR A 293 -0.08 24.45 -2.20
N GLY A 294 0.31 25.72 -2.10
CA GLY A 294 -0.26 26.58 -1.05
C GLY A 294 0.57 26.60 0.21
N GLU A 295 1.68 25.87 0.21
CA GLU A 295 2.65 25.93 1.32
C GLU A 295 3.37 27.27 1.48
N THR A 296 3.73 27.58 2.72
CA THR A 296 4.70 28.61 3.03
C THR A 296 6.13 28.09 2.92
N ALA A 297 7.09 29.00 2.84
CA ALA A 297 8.53 28.67 2.85
C ALA A 297 8.89 27.74 4.01
N ALA A 298 8.43 28.08 5.20
CA ALA A 298 8.68 27.24 6.39
C ALA A 298 8.15 25.82 6.21
N GLU A 299 6.96 25.70 5.60
CA GLU A 299 6.32 24.41 5.39
C GLU A 299 7.06 23.53 4.40
N VAL A 300 7.60 24.13 3.36
CA VAL A 300 8.51 23.44 2.45
C VAL A 300 9.80 23.03 3.17
N ASN A 301 10.33 23.94 4.00
CA ASN A 301 11.57 23.70 4.74
C ASN A 301 11.46 22.50 5.66
N THR A 302 10.28 22.37 6.28
CA THR A 302 9.94 21.29 7.20
C THR A 302 9.81 19.96 6.45
N ARG A 303 9.08 19.99 5.33
CA ARG A 303 8.94 18.84 4.42
C ARG A 303 10.29 18.29 3.94
N VAL A 304 11.18 19.18 3.49
CA VAL A 304 12.51 18.79 3.01
C VAL A 304 13.35 18.23 4.19
N ALA A 305 13.25 18.89 5.35
CA ALA A 305 13.91 18.40 6.58
C ALA A 305 13.52 16.98 6.95
N LYS A 306 12.25 16.61 6.76
CA LYS A 306 11.79 15.27 7.10
C LYS A 306 12.41 14.22 6.19
N VAL A 307 12.55 14.55 4.90
CA VAL A 307 13.24 13.64 3.96
C VAL A 307 14.65 13.24 4.44
N VAL A 308 15.50 14.21 4.70
CA VAL A 308 16.88 13.93 5.11
C VAL A 308 16.97 13.27 6.50
N GLN A 309 16.07 13.66 7.41
CA GLN A 309 16.02 13.06 8.74
C GLN A 309 15.55 11.60 8.67
N ASP A 310 14.49 11.34 7.91
CA ASP A 310 13.99 9.99 7.79
C ASP A 310 15.07 9.06 7.25
N ALA A 311 15.78 9.55 6.24
CA ALA A 311 16.83 8.75 5.56
C ALA A 311 17.95 8.45 6.56
N ALA A 312 18.40 9.45 7.30
CA ALA A 312 19.39 9.23 8.36
C ALA A 312 18.93 8.25 9.45
N ASN A 313 17.67 8.33 9.87
CA ASN A 313 17.12 7.34 10.80
C ASN A 313 17.12 5.91 10.27
N LYS A 314 16.82 5.78 8.97
CA LYS A 314 16.90 4.50 8.25
C LYS A 314 18.32 3.98 8.15
N GLY A 315 19.22 4.91 7.82
CA GLY A 315 20.65 4.65 7.71
C GLY A 315 21.05 4.25 6.30
N TYR A 316 22.33 4.38 6.00
CA TYR A 316 22.86 4.12 4.68
C TYR A 316 22.62 2.70 4.14
N THR A 317 22.88 1.67 4.95
CA THR A 317 22.67 0.29 4.51
C THR A 317 21.24 0.03 4.04
N ALA A 318 20.26 0.49 4.83
CA ALA A 318 18.86 0.24 4.52
C ALA A 318 18.39 1.07 3.33
N VAL A 319 18.92 2.29 3.22
CA VAL A 319 18.51 3.22 2.14
C VAL A 319 19.11 2.73 0.84
N LYS A 320 20.39 2.36 0.88
CA LYS A 320 21.04 1.78 -0.29
C LYS A 320 20.38 0.44 -0.77
N LYS A 321 20.11 -0.49 0.14
CA LYS A 321 19.37 -1.71 -0.18
C LYS A 321 18.03 -1.41 -0.83
N ALA A 322 17.24 -0.52 -0.24
CA ALA A 322 15.94 -0.18 -0.80
C ALA A 322 16.07 0.48 -2.19
N HIS A 323 17.07 1.33 -2.36
CA HIS A 323 17.33 1.96 -3.64
C HIS A 323 17.60 0.95 -4.75
N ILE A 324 18.54 0.04 -4.51
CA ILE A 324 18.98 -0.95 -5.51
C ILE A 324 17.88 -1.93 -5.86
N ASP A 325 17.16 -2.39 -4.85
CA ASP A 325 15.97 -3.23 -5.09
C ASP A 325 14.96 -2.56 -6.04
N ASP A 326 14.65 -1.31 -5.74
CA ASP A 326 13.73 -0.52 -6.52
C ASP A 326 14.25 -0.29 -7.96
N HIS A 327 15.49 0.16 -8.09
CA HIS A 327 16.07 0.47 -9.40
C HIS A 327 16.17 -0.82 -10.24
N SER A 328 16.77 -1.85 -9.64
CA SER A 328 16.98 -3.14 -10.32
C SER A 328 15.68 -3.84 -10.75
N ALA A 329 14.60 -3.66 -9.98
CA ALA A 329 13.30 -4.24 -10.34
C ALA A 329 12.86 -3.81 -11.74
N ILE A 330 13.18 -2.59 -12.13
CA ILE A 330 12.79 -2.09 -13.45
C ILE A 330 13.92 -2.36 -14.45
N TYR A 331 15.15 -2.01 -14.06
CA TYR A 331 16.31 -2.14 -14.93
C TYR A 331 16.48 -3.57 -15.46
N ASP A 332 16.35 -4.54 -14.58
CA ASP A 332 16.67 -5.94 -14.92
C ASP A 332 15.58 -6.71 -15.66
N ARG A 333 14.46 -6.04 -15.98
CA ARG A 333 13.39 -6.68 -16.73
C ARG A 333 13.78 -7.09 -18.13
N VAL A 334 14.67 -6.32 -18.74
CA VAL A 334 15.14 -6.60 -20.11
C VAL A 334 16.59 -7.04 -20.08
N LYS A 335 16.91 -8.10 -20.82
CA LYS A 335 18.30 -8.53 -21.06
C LYS A 335 18.53 -8.70 -22.55
N ILE A 336 19.65 -8.16 -23.02
CA ILE A 336 20.06 -8.25 -24.40
C ILE A 336 21.52 -8.72 -24.52
N ASP A 337 21.72 -9.76 -25.31
CA ASP A 337 23.03 -10.31 -25.57
C ASP A 337 23.26 -10.40 -27.06
N LEU A 338 24.11 -9.52 -27.58
CA LEU A 338 24.46 -9.56 -29.00
C LEU A 338 25.92 -9.96 -29.16
N GLY A 339 26.52 -10.43 -28.07
CA GLY A 339 27.93 -10.82 -28.04
C GLY A 339 28.87 -9.73 -27.56
N GLN A 340 28.34 -8.79 -26.80
CA GLN A 340 29.15 -7.65 -26.33
C GLN A 340 30.23 -8.03 -25.31
N SER A 341 31.34 -7.31 -25.42
CA SER A 341 32.27 -7.16 -24.31
C SER A 341 31.63 -6.28 -23.24
N GLY A 342 32.27 -6.19 -22.07
CA GLY A 342 31.78 -5.35 -20.99
C GLY A 342 32.97 -4.93 -20.14
N HIS A 343 32.69 -4.18 -19.06
CA HIS A 343 33.76 -3.64 -18.20
C HIS A 343 34.62 -4.71 -17.51
N SER A 344 34.10 -5.94 -17.42
CA SER A 344 34.80 -7.10 -16.80
C SER A 344 35.55 -7.98 -17.81
N SER A 345 35.45 -7.67 -19.10
CA SER A 345 36.14 -8.45 -20.11
C SER A 345 37.65 -8.31 -19.95
N ASP A 346 38.40 -9.37 -20.30
CA ASP A 346 39.83 -9.19 -20.53
C ASP A 346 39.96 -8.22 -21.70
N GLY A 347 40.88 -7.27 -21.56
CA GLY A 347 41.06 -6.22 -22.54
C GLY A 347 39.88 -5.28 -22.64
N ALA A 348 39.18 -5.07 -21.51
CA ALA A 348 38.04 -4.14 -21.47
C ALA A 348 38.51 -2.72 -21.81
N VAL A 349 37.64 -1.97 -22.49
CA VAL A 349 37.95 -0.65 -22.99
C VAL A 349 37.05 0.38 -22.28
N ALA A 350 37.60 1.51 -21.83
CA ALA A 350 36.77 2.50 -21.16
C ALA A 350 35.80 3.08 -22.21
N THR A 351 34.72 3.69 -21.74
CA THR A 351 33.60 4.00 -22.61
C THR A 351 33.90 5.12 -23.62
N ASP A 352 34.65 6.14 -23.17
CA ASP A 352 35.14 7.14 -24.10
C ASP A 352 36.06 6.54 -25.17
N ALA A 353 36.95 5.65 -24.75
CA ALA A 353 37.85 5.02 -25.73
C ALA A 353 37.06 4.12 -26.67
N LEU A 354 36.01 3.49 -26.14
CA LEU A 354 35.13 2.64 -26.95
C LEU A 354 34.45 3.45 -28.06
N LEU A 355 33.84 4.58 -27.69
CA LEU A 355 33.24 5.51 -28.66
C LEU A 355 34.25 5.92 -29.73
N LYS A 356 35.43 6.34 -29.30
CA LYS A 356 36.42 6.79 -30.26
C LYS A 356 36.82 5.63 -31.21
N ALA A 357 36.94 4.41 -30.68
CA ALA A 357 37.31 3.25 -31.52
C ALA A 357 36.20 2.96 -32.53
N TYR A 358 34.94 3.04 -32.07
CA TYR A 358 33.78 2.91 -32.96
C TYR A 358 33.79 3.98 -34.05
N GLN A 359 34.10 5.22 -33.70
CA GLN A 359 34.17 6.28 -34.70
C GLN A 359 35.33 6.08 -35.68
N ARG A 360 36.46 5.58 -35.18
CA ARG A 360 37.64 5.37 -36.03
C ARG A 360 37.50 4.16 -36.95
N GLY A 361 36.61 3.23 -36.61
CA GLY A 361 36.47 2.00 -37.37
C GLY A 361 37.40 0.90 -36.89
N SER A 362 37.94 1.02 -35.67
CA SER A 362 38.86 0.01 -35.13
C SER A 362 38.24 -0.82 -34.00
N ALA A 363 37.01 -0.50 -33.60
CA ALA A 363 36.32 -1.33 -32.62
C ALA A 363 36.10 -2.74 -33.19
N THR A 364 36.36 -3.74 -32.39
CA THR A 364 36.11 -5.13 -32.75
C THR A 364 34.60 -5.42 -32.74
N THR A 365 34.23 -6.62 -33.16
CA THR A 365 32.81 -7.01 -33.19
C THR A 365 32.20 -6.92 -31.80
N ALA A 366 32.86 -7.53 -30.80
CA ALA A 366 32.40 -7.50 -29.41
C ALA A 366 32.26 -6.08 -28.88
N GLN A 367 33.24 -5.24 -29.21
CA GLN A 367 33.26 -3.83 -28.78
C GLN A 367 32.18 -3.00 -29.46
N LYS A 368 31.98 -3.24 -30.75
CA LYS A 368 30.83 -2.67 -31.46
C LYS A 368 29.52 -3.05 -30.79
N ARG A 369 29.37 -4.35 -30.45
CA ARG A 369 28.17 -4.79 -29.75
C ARG A 369 28.06 -4.22 -28.35
N GLU A 370 29.21 -3.98 -27.70
CA GLU A 370 29.17 -3.32 -26.39
C GLU A 370 28.65 -1.89 -26.49
N LEU A 371 29.17 -1.10 -27.44
CA LEU A 371 28.68 0.27 -27.58
C LEU A 371 27.17 0.30 -27.95
N GLU A 372 26.76 -0.54 -28.89
CA GLU A 372 25.37 -0.56 -29.36
C GLU A 372 24.43 -0.92 -28.23
N THR A 373 24.85 -1.94 -27.50
CA THR A 373 24.08 -2.48 -26.44
C THR A 373 24.07 -1.52 -25.19
N LEU A 374 25.19 -0.84 -24.94
CA LEU A 374 25.21 0.17 -23.85
C LEU A 374 24.31 1.36 -24.15
N VAL A 375 24.36 1.86 -25.38
CA VAL A 375 23.49 2.99 -25.74
C VAL A 375 22.02 2.58 -25.58
N TYR A 376 21.68 1.36 -26.00
CA TYR A 376 20.34 0.82 -25.87
C TYR A 376 19.93 0.84 -24.37
N LYS A 377 20.77 0.26 -23.52
CA LYS A 377 20.49 0.15 -22.09
C LYS A 377 20.37 1.53 -21.43
N TYR A 378 21.16 2.47 -21.91
CA TYR A 378 21.19 3.82 -21.31
C TYR A 378 19.83 4.51 -21.46
N GLY A 379 19.16 4.21 -22.58
CA GLY A 379 17.82 4.77 -22.84
C GLY A 379 16.81 4.31 -21.80
N ARG A 380 16.96 3.05 -21.37
CA ARG A 380 16.12 2.51 -20.28
C ARG A 380 16.55 3.16 -18.96
N TYR A 381 17.85 3.12 -18.69
CA TYR A 381 18.39 3.81 -17.53
C TYR A 381 17.91 5.27 -17.42
N LEU A 382 18.02 6.04 -18.50
CA LEU A 382 17.63 7.45 -18.42
C LEU A 382 16.17 7.65 -18.11
N THR A 383 15.33 6.68 -18.51
CA THR A 383 13.90 6.75 -18.21
C THR A 383 13.68 6.58 -16.68
N ILE A 384 14.32 5.60 -16.09
CA ILE A 384 14.28 5.38 -14.63
C ILE A 384 14.78 6.64 -13.89
N GLY A 385 15.86 7.25 -14.35
CA GLY A 385 16.36 8.47 -13.71
C GLY A 385 15.48 9.71 -13.82
N SER A 386 14.74 9.87 -14.94
CA SER A 386 14.00 11.13 -15.18
C SER A 386 12.48 11.05 -15.11
N SER A 387 11.92 9.84 -15.20
CA SER A 387 10.48 9.69 -15.30
C SER A 387 9.99 8.51 -14.47
N ARG A 388 9.74 8.75 -13.19
CA ARG A 388 9.21 7.68 -12.35
C ARG A 388 7.70 7.75 -12.23
N GLU A 389 7.09 6.63 -11.87
CA GLU A 389 5.64 6.57 -11.76
C GLU A 389 5.08 7.64 -10.79
N ASN A 390 5.91 8.13 -9.87
CA ASN A 390 5.52 9.24 -8.96
C ASN A 390 6.19 10.59 -9.24
N SER A 391 6.82 10.72 -10.41
CA SER A 391 7.36 12.01 -10.84
C SER A 391 6.20 13.01 -11.01
N GLN A 392 6.42 14.27 -10.66
CA GLN A 392 5.37 15.27 -10.89
C GLN A 392 5.30 15.71 -12.35
N LEU A 393 6.42 15.58 -13.07
CA LEU A 393 6.45 15.94 -14.48
C LEU A 393 7.14 14.87 -15.31
N PRO A 394 6.78 14.77 -16.59
CA PRO A 394 7.47 13.82 -17.46
C PRO A 394 8.88 14.29 -17.81
N SER A 395 9.68 13.44 -18.46
CA SER A 395 10.99 13.90 -18.89
C SER A 395 10.82 15.07 -19.86
N ASN A 396 11.71 16.05 -19.76
CA ASN A 396 11.72 17.18 -20.66
C ASN A 396 12.80 16.99 -21.77
N LEU A 397 13.12 18.03 -22.56
CA LEU A 397 14.13 17.91 -23.64
C LEU A 397 15.47 17.36 -23.14
N GLN A 398 15.73 17.50 -21.85
CA GLN A 398 16.96 16.99 -21.23
C GLN A 398 16.74 15.96 -20.11
N GLY A 399 15.54 15.37 -20.07
CA GLY A 399 15.21 14.39 -19.01
C GLY A 399 14.87 15.18 -17.77
N ILE A 400 15.85 15.25 -16.86
CA ILE A 400 15.80 16.21 -15.75
C ILE A 400 17.15 16.90 -15.55
N TRP A 401 18.12 16.64 -16.44
CA TRP A 401 19.51 17.08 -16.19
C TRP A 401 19.90 18.28 -17.03
N SER A 402 20.33 19.35 -16.38
CA SER A 402 20.74 20.59 -17.08
C SER A 402 21.78 21.34 -16.25
N VAL A 403 22.57 22.17 -16.93
CA VAL A 403 23.57 23.02 -16.23
C VAL A 403 23.31 24.50 -16.47
N THR A 404 22.51 24.79 -17.49
CA THR A 404 22.20 26.16 -17.89
C THR A 404 20.91 26.68 -17.23
N ALA A 405 20.85 28.00 -17.02
CA ALA A 405 19.70 28.61 -16.34
C ALA A 405 19.54 30.04 -16.77
N GLY A 406 18.29 30.46 -16.92
CA GLY A 406 17.99 31.87 -17.15
C GLY A 406 16.52 32.03 -16.83
N ASP A 407 16.05 33.26 -16.68
CA ASP A 407 14.66 33.49 -16.31
C ASP A 407 13.63 33.24 -17.37
N ASN A 408 13.96 33.60 -18.62
CA ASN A 408 12.96 33.68 -19.68
C ASN A 408 13.05 32.56 -20.68
N ALA A 409 11.93 32.24 -21.32
CA ALA A 409 11.93 31.30 -22.45
C ALA A 409 12.90 31.76 -23.55
N HIS A 410 13.37 30.79 -24.36
CA HIS A 410 14.28 31.04 -25.50
C HIS A 410 15.49 31.89 -25.04
N GLY A 411 16.06 31.51 -23.90
CA GLY A 411 17.12 32.27 -23.25
C GLY A 411 18.41 31.48 -23.16
N ASN A 412 18.86 31.25 -21.92
CA ASN A 412 20.16 30.57 -21.67
C ASN A 412 20.19 29.05 -21.88
N THR A 413 19.01 28.44 -22.03
CA THR A 413 18.90 26.99 -22.09
C THR A 413 18.22 26.64 -23.41
N PRO A 414 18.79 25.69 -24.18
CA PRO A 414 18.26 25.46 -25.54
C PRO A 414 16.81 25.02 -25.53
N TRP A 415 15.96 25.82 -26.19
CA TRP A 415 14.51 25.54 -26.24
C TRP A 415 13.91 25.35 -24.83
N GLY A 416 14.40 26.13 -23.87
CA GLY A 416 13.96 26.09 -22.47
C GLY A 416 14.10 24.77 -21.74
N SER A 417 14.80 23.80 -22.36
CA SER A 417 14.78 22.37 -21.95
C SER A 417 13.32 21.98 -21.67
N ASP A 418 12.43 22.31 -22.60
CA ASP A 418 10.99 22.32 -22.25
C ASP A 418 10.34 20.99 -22.64
N PHE A 419 9.01 21.01 -22.78
CA PHE A 419 8.25 19.89 -23.31
C PHE A 419 7.87 20.23 -24.72
N HIS A 420 8.66 19.70 -25.65
CA HIS A 420 8.46 19.97 -27.08
C HIS A 420 7.58 18.87 -27.69
N MET A 421 6.30 19.18 -27.90
CA MET A 421 5.30 18.13 -28.10
C MET A 421 4.95 17.89 -29.58
N ASN A 422 5.88 18.19 -30.49
CA ASN A 422 5.60 17.91 -31.91
C ASN A 422 6.74 17.08 -32.50
N VAL A 423 7.26 16.22 -31.62
CA VAL A 423 8.05 15.01 -31.91
C VAL A 423 8.89 14.56 -30.70
N ASN A 424 9.29 15.53 -29.88
CA ASN A 424 10.38 15.28 -28.96
C ASN A 424 9.90 14.63 -27.68
N LEU A 425 8.88 15.22 -27.06
CA LEU A 425 8.26 14.58 -25.92
C LEU A 425 7.68 13.21 -26.29
N GLN A 426 7.15 13.09 -27.50
CA GLN A 426 6.68 11.80 -28.04
C GLN A 426 7.81 10.78 -28.03
N MET A 427 8.96 11.19 -28.57
CA MET A 427 10.16 10.31 -28.63
C MET A 427 10.63 9.88 -27.26
N ASN A 428 10.50 10.77 -26.28
CA ASN A 428 10.93 10.43 -24.90
C ASN A 428 10.20 9.20 -24.38
N TYR A 429 9.01 8.98 -24.94
CA TYR A 429 8.13 7.86 -24.54
C TYR A 429 7.89 6.83 -25.64
N TRP A 430 8.79 6.79 -26.64
CA TRP A 430 8.76 5.69 -27.58
C TRP A 430 9.14 4.29 -27.05
N PRO A 431 10.19 4.19 -26.18
CA PRO A 431 10.54 2.84 -25.73
C PRO A 431 9.90 2.43 -24.42
N THR A 432 9.02 3.25 -23.86
CA THR A 432 8.60 3.07 -22.48
C THR A 432 7.87 1.76 -22.24
N TYR A 433 7.06 1.35 -23.22
CA TYR A 433 6.27 0.13 -23.09
C TYR A 433 6.99 -1.06 -23.66
N SER A 434 7.53 -0.92 -24.88
CA SER A 434 8.24 -2.04 -25.49
C SER A 434 9.44 -2.52 -24.70
N ALA A 435 10.16 -1.61 -24.05
CA ALA A 435 11.31 -1.97 -23.20
C ALA A 435 10.93 -2.16 -21.71
N ASN A 436 9.64 -2.41 -21.47
CA ASN A 436 9.14 -2.93 -20.18
C ASN A 436 9.37 -1.93 -19.06
N MET A 437 8.87 -0.70 -19.26
CA MET A 437 8.94 0.34 -18.25
C MET A 437 7.60 1.06 -18.21
N GLY A 438 6.53 0.30 -18.45
CA GLY A 438 5.19 0.84 -18.64
C GLY A 438 4.72 1.84 -17.59
N GLU A 439 4.94 1.54 -16.30
CA GLU A 439 4.53 2.46 -15.23
C GLU A 439 5.29 3.80 -15.27
N LEU A 440 6.43 3.83 -15.95
CA LEU A 440 7.18 5.09 -16.10
C LEU A 440 6.52 6.08 -17.04
N ALA A 441 5.51 5.61 -17.79
CA ALA A 441 4.67 6.47 -18.63
C ALA A 441 3.63 7.26 -17.80
N GLU A 442 3.42 6.91 -16.54
CA GLU A 442 2.44 7.58 -15.72
C GLU A 442 2.55 9.13 -15.69
N PRO A 443 3.74 9.69 -15.43
CA PRO A 443 3.81 11.16 -15.47
C PRO A 443 3.46 11.79 -16.83
N LEU A 444 3.69 11.05 -17.94
CA LEU A 444 3.22 11.58 -19.25
C LEU A 444 1.71 11.56 -19.29
N ILE A 445 1.09 10.45 -18.85
CA ILE A 445 -0.37 10.42 -18.91
C ILE A 445 -0.91 11.59 -18.07
N GLU A 446 -0.39 11.74 -16.85
CA GLU A 446 -0.82 12.81 -15.97
C GLU A 446 -0.55 14.23 -16.56
N TYR A 447 0.56 14.36 -17.29
CA TYR A 447 0.87 15.62 -17.97
C TYR A 447 -0.17 15.99 -19.03
N VAL A 448 -0.53 15.02 -19.89
CA VAL A 448 -1.53 15.24 -20.93
C VAL A 448 -2.92 15.48 -20.30
N GLU A 449 -3.28 14.70 -19.27
CA GLU A 449 -4.46 15.05 -18.46
C GLU A 449 -4.41 16.52 -17.98
N GLY A 450 -3.22 16.96 -17.58
CA GLY A 450 -3.01 18.31 -17.06
C GLY A 450 -3.19 19.38 -18.12
N LEU A 451 -3.01 19.01 -19.39
CA LEU A 451 -3.20 19.99 -20.47
C LEU A 451 -4.67 20.30 -20.76
N VAL A 452 -5.58 19.48 -20.23
CA VAL A 452 -6.98 19.57 -20.62
C VAL A 452 -7.60 20.90 -20.20
N LYS A 453 -7.45 21.25 -18.92
CA LYS A 453 -8.08 22.51 -18.46
C LYS A 453 -7.50 23.75 -19.14
N PRO A 454 -6.17 23.94 -19.10
CA PRO A 454 -5.66 25.10 -19.83
C PRO A 454 -5.91 25.03 -21.34
N GLY A 455 -5.86 23.83 -21.91
CA GLY A 455 -6.09 23.62 -23.34
C GLY A 455 -7.49 24.02 -23.79
N ARG A 456 -8.48 23.90 -22.91
CA ARG A 456 -9.85 24.42 -23.22
C ARG A 456 -9.86 25.94 -23.41
N VAL A 457 -9.05 26.67 -22.65
CA VAL A 457 -8.91 28.11 -22.87
C VAL A 457 -8.38 28.37 -24.29
N THR A 458 -7.35 27.64 -24.70
CA THR A 458 -6.79 27.80 -26.03
C THR A 458 -7.81 27.41 -27.12
N ALA A 459 -8.50 26.29 -26.89
CA ALA A 459 -9.49 25.78 -27.86
C ALA A 459 -10.57 26.82 -28.05
N LYS A 460 -10.97 27.51 -26.97
CA LYS A 460 -11.93 28.63 -27.11
C LYS A 460 -11.39 29.81 -27.96
N VAL A 461 -10.23 30.33 -27.57
CA VAL A 461 -9.62 31.51 -28.19
C VAL A 461 -9.31 31.29 -29.67
N TYR A 462 -8.78 30.13 -30.04
CA TYR A 462 -8.32 29.90 -31.40
C TYR A 462 -9.26 29.09 -32.29
N ALA A 463 -10.16 28.29 -31.71
CA ALA A 463 -11.05 27.50 -32.55
C ALA A 463 -12.53 27.64 -32.16
N GLY A 464 -12.80 28.48 -31.16
CA GLY A 464 -14.17 28.73 -30.71
C GLY A 464 -14.86 27.56 -29.99
N ALA A 465 -14.08 26.65 -29.44
CA ALA A 465 -14.66 25.53 -28.67
C ALA A 465 -14.63 25.88 -27.20
N GLU A 466 -15.78 26.34 -26.68
CA GLU A 466 -15.91 26.77 -25.28
C GLU A 466 -16.46 25.68 -24.39
N THR A 467 -15.69 25.36 -23.35
CA THR A 467 -16.15 24.49 -22.28
C THR A 467 -16.59 25.45 -21.15
N THR A 468 -17.81 25.31 -20.67
CA THR A 468 -18.21 26.10 -19.49
C THR A 468 -17.38 25.59 -18.29
N ASN A 469 -16.92 26.52 -17.46
CA ASN A 469 -16.08 26.17 -16.35
C ASN A 469 -15.03 25.08 -16.70
N PRO A 470 -14.00 25.45 -17.50
CA PRO A 470 -12.93 24.50 -17.85
C PRO A 470 -12.30 23.84 -16.62
N GLU A 471 -12.24 24.55 -15.49
CA GLU A 471 -11.61 24.03 -14.28
C GLU A 471 -12.30 22.84 -13.66
N THR A 472 -13.63 22.87 -13.70
CA THR A 472 -14.44 21.93 -12.94
C THR A 472 -15.01 20.76 -13.79
N THR A 473 -14.95 20.90 -15.12
CA THR A 473 -15.55 19.93 -16.04
C THR A 473 -14.60 18.76 -16.22
N PRO A 474 -15.03 17.51 -15.86
CA PRO A 474 -14.13 16.37 -16.02
C PRO A 474 -13.61 16.18 -17.45
N ILE A 475 -12.42 15.62 -17.55
CA ILE A 475 -11.83 15.27 -18.85
C ILE A 475 -12.84 14.38 -19.56
N GLY A 476 -13.13 14.68 -20.82
CA GLY A 476 -14.09 13.89 -21.61
C GLY A 476 -15.43 14.57 -21.80
N GLU A 477 -15.74 15.48 -20.88
CA GLU A 477 -17.04 16.15 -20.89
C GLU A 477 -17.02 17.57 -21.45
N GLY A 478 -15.85 18.05 -21.86
CA GLY A 478 -15.74 19.41 -22.39
C GLY A 478 -15.78 19.40 -23.90
N GLU A 479 -15.63 20.57 -24.50
CA GLU A 479 -15.75 20.75 -25.95
C GLU A 479 -14.45 20.55 -26.71
N GLY A 480 -13.35 20.37 -25.97
CA GLY A 480 -12.06 20.10 -26.56
C GLY A 480 -10.95 20.92 -25.96
N TYR A 481 -9.75 20.37 -26.06
CA TYR A 481 -8.56 21.01 -25.54
C TYR A 481 -7.50 21.07 -26.64
N MET A 482 -6.92 22.25 -26.78
CA MET A 482 -5.93 22.49 -27.84
C MET A 482 -4.60 22.89 -27.20
N ALA A 483 -3.52 22.29 -27.70
CA ALA A 483 -2.16 22.65 -27.30
C ALA A 483 -1.26 22.50 -28.53
N HIS A 484 -0.11 23.13 -28.47
CA HIS A 484 0.77 23.21 -29.62
C HIS A 484 2.15 22.61 -29.32
N THR A 485 3.21 23.17 -29.89
CA THR A 485 4.54 22.51 -29.80
C THR A 485 5.23 22.82 -28.47
N GLU A 486 5.42 24.11 -28.18
CA GLU A 486 6.16 24.49 -26.97
C GLU A 486 5.26 24.48 -25.74
N ASN A 487 5.55 23.57 -24.82
CA ASN A 487 4.74 23.40 -23.62
C ASN A 487 5.63 23.49 -22.39
N THR A 488 5.04 23.69 -21.21
CA THR A 488 5.82 23.98 -20.00
C THR A 488 5.21 23.25 -18.80
N ALA A 489 5.68 23.58 -17.59
CA ALA A 489 5.03 23.11 -16.38
C ALA A 489 3.70 23.80 -16.06
N TYR A 490 3.31 24.80 -16.86
CA TYR A 490 2.24 25.71 -16.43
C TYR A 490 1.10 25.85 -17.41
N GLY A 491 0.82 24.81 -18.16
CA GLY A 491 -0.34 24.90 -19.09
C GLY A 491 -0.19 25.98 -20.18
N TRP A 492 1.01 26.10 -20.72
CA TRP A 492 1.31 27.00 -21.85
C TRP A 492 0.87 26.32 -23.12
N THR A 493 -0.43 26.32 -23.34
CA THR A 493 -1.03 25.54 -24.41
C THR A 493 -1.30 26.41 -25.63
N ALA A 494 -1.05 27.71 -25.50
CA ALA A 494 -1.21 28.61 -26.64
C ALA A 494 -0.24 28.23 -27.75
N PRO A 495 -0.55 28.61 -29.00
CA PRO A 495 0.46 28.47 -30.04
C PRO A 495 1.55 29.54 -29.81
N GLY A 496 2.72 29.32 -30.39
CA GLY A 496 3.85 30.23 -30.21
C GLY A 496 3.78 31.44 -31.12
N GLN A 497 4.80 32.29 -31.03
CA GLN A 497 4.65 33.61 -31.62
C GLN A 497 4.88 33.68 -33.12
N SER A 498 5.39 32.58 -33.68
CA SER A 498 5.46 32.45 -35.11
C SER A 498 4.84 31.13 -35.54
N PHE A 499 3.96 31.23 -36.54
CA PHE A 499 3.18 30.09 -36.98
C PHE A 499 4.00 28.85 -37.40
N SER A 500 5.06 29.03 -38.18
CA SER A 500 5.78 27.91 -38.75
C SER A 500 6.24 26.94 -37.69
N TRP A 501 6.82 27.47 -36.60
CA TRP A 501 7.26 26.60 -35.50
C TRP A 501 6.29 26.56 -34.33
N GLY A 502 5.36 27.51 -34.27
CA GLY A 502 4.52 27.71 -33.09
C GLY A 502 3.16 27.06 -33.12
N TRP A 503 2.62 26.82 -34.31
CA TRP A 503 1.24 26.34 -34.43
C TRP A 503 1.29 24.90 -34.87
N SER A 504 0.67 24.01 -34.08
CA SER A 504 0.64 22.57 -34.41
C SER A 504 -0.35 21.85 -33.50
N PRO A 505 -1.68 22.10 -33.69
CA PRO A 505 -2.66 21.49 -32.81
C PRO A 505 -2.68 19.94 -32.87
N ALA A 506 -2.17 19.33 -33.94
CA ALA A 506 -2.12 17.86 -34.03
C ALA A 506 -1.08 17.27 -33.06
N ALA A 507 -0.28 18.13 -32.41
CA ALA A 507 0.58 17.71 -31.28
C ALA A 507 -0.22 16.91 -30.23
N VAL A 508 -1.46 17.34 -29.97
CA VAL A 508 -2.32 16.65 -28.98
C VAL A 508 -2.69 15.23 -29.43
N PRO A 509 -3.36 15.05 -30.60
CA PRO A 509 -3.50 13.70 -31.18
C PRO A 509 -2.25 12.85 -31.07
N TRP A 510 -1.12 13.41 -31.49
CA TRP A 510 0.14 12.70 -31.48
C TRP A 510 0.54 12.20 -30.08
N ILE A 511 0.55 13.09 -29.08
CA ILE A 511 0.91 12.67 -27.76
C ILE A 511 -0.13 11.68 -27.21
N LEU A 512 -1.36 11.74 -27.73
CA LEU A 512 -2.39 10.76 -27.31
C LEU A 512 -2.10 9.37 -27.83
N GLN A 513 -1.18 9.25 -28.78
CA GLN A 513 -0.69 7.92 -29.16
C GLN A 513 0.14 7.29 -28.03
N ASN A 514 1.13 8.03 -27.53
CA ASN A 514 1.91 7.62 -26.38
C ASN A 514 1.01 7.23 -25.23
N VAL A 515 -0.03 8.04 -25.00
CA VAL A 515 -0.95 7.81 -23.89
C VAL A 515 -1.77 6.54 -24.15
N TYR A 516 -2.39 6.44 -25.33
CA TYR A 516 -3.18 5.28 -25.66
C TYR A 516 -2.35 3.99 -25.62
N GLU A 517 -1.08 4.06 -25.99
CA GLU A 517 -0.23 2.86 -25.97
C GLU A 517 -0.06 2.29 -24.55
N ALA A 518 -0.24 3.13 -23.54
CA ALA A 518 -0.19 2.60 -22.17
C ALA A 518 -1.29 1.59 -21.95
N TYR A 519 -2.47 1.84 -22.54
CA TYR A 519 -3.57 0.86 -22.56
C TYR A 519 -3.30 -0.31 -23.53
N GLU A 520 -2.85 0.00 -24.76
CA GLU A 520 -2.59 -1.03 -25.79
C GLU A 520 -1.65 -2.14 -25.31
N TYR A 521 -0.64 -1.77 -24.56
CA TYR A 521 0.37 -2.71 -24.08
C TYR A 521 0.01 -3.37 -22.74
N SER A 522 -1.01 -2.86 -22.04
CA SER A 522 -1.32 -3.41 -20.71
C SER A 522 -2.66 -4.12 -20.61
N GLY A 523 -3.65 -3.69 -21.37
CA GLY A 523 -5.05 -4.18 -21.29
C GLY A 523 -5.77 -3.69 -20.03
N ASP A 524 -5.11 -2.79 -19.31
CA ASP A 524 -5.60 -2.35 -18.03
C ASP A 524 -6.91 -1.55 -18.04
N PRO A 525 -7.92 -1.96 -17.21
CA PRO A 525 -9.24 -1.31 -17.26
C PRO A 525 -9.27 0.17 -16.76
N ALA A 526 -8.51 0.50 -15.71
CA ALA A 526 -8.44 1.88 -15.18
C ALA A 526 -7.79 2.84 -16.18
N LEU A 527 -6.78 2.34 -16.88
CA LEU A 527 -6.16 3.08 -17.97
C LEU A 527 -7.12 3.26 -19.12
N LEU A 528 -7.92 2.25 -19.44
CA LEU A 528 -8.91 2.41 -20.51
C LEU A 528 -9.83 3.64 -20.27
N ASP A 529 -10.27 3.84 -19.03
CA ASP A 529 -11.18 4.93 -18.72
C ASP A 529 -10.51 6.27 -18.94
N ARG A 530 -9.24 6.33 -18.54
CA ARG A 530 -8.44 7.56 -18.62
C ARG A 530 -8.13 7.88 -20.07
N VAL A 531 -7.70 6.87 -20.85
CA VAL A 531 -7.41 7.13 -22.28
C VAL A 531 -8.68 7.38 -23.04
N TYR A 532 -9.77 6.69 -22.70
CA TYR A 532 -11.04 6.92 -23.37
C TYR A 532 -11.52 8.35 -23.12
N ALA A 533 -11.40 8.82 -21.89
CA ALA A 533 -11.85 10.21 -21.62
C ALA A 533 -11.03 11.25 -22.43
N LEU A 534 -9.71 11.08 -22.47
CA LEU A 534 -8.87 11.99 -23.25
C LEU A 534 -9.18 11.94 -24.75
N LEU A 535 -9.32 10.73 -25.25
CA LEU A 535 -9.59 10.52 -26.68
C LEU A 535 -10.97 11.01 -27.08
N LYS A 536 -11.93 10.83 -26.19
CA LYS A 536 -13.31 11.23 -26.50
C LYS A 536 -13.40 12.74 -26.71
N GLU A 537 -12.80 13.50 -25.80
CA GLU A 537 -12.93 14.96 -25.90
C GLU A 537 -12.08 15.53 -27.05
N GLU A 538 -10.90 14.96 -27.27
CA GLU A 538 -10.09 15.42 -28.39
C GLU A 538 -10.73 15.04 -29.74
N SER A 539 -11.37 13.87 -29.82
CA SER A 539 -12.03 13.46 -31.03
C SER A 539 -13.24 14.36 -31.26
N HIS A 540 -14.02 14.60 -30.19
CA HIS A 540 -15.08 15.62 -30.23
C HIS A 540 -14.58 16.99 -30.76
N PHE A 541 -13.47 17.44 -30.22
CA PHE A 541 -12.84 18.70 -30.66
C PHE A 541 -12.55 18.73 -32.17
N TYR A 542 -11.93 17.67 -32.70
CA TYR A 542 -11.61 17.67 -34.13
C TYR A 542 -12.87 17.58 -35.00
N VAL A 543 -13.77 16.68 -34.65
CA VAL A 543 -14.99 16.48 -35.45
C VAL A 543 -15.75 17.80 -35.50
N ASN A 544 -15.92 18.42 -34.34
CA ASN A 544 -16.77 19.60 -34.25
C ASN A 544 -16.16 20.97 -34.61
N TYR A 545 -14.83 21.07 -34.51
CA TYR A 545 -14.17 22.37 -34.61
C TYR A 545 -12.99 22.42 -35.58
N MET A 546 -12.38 21.28 -35.91
CA MET A 546 -11.15 21.31 -36.73
C MET A 546 -11.29 20.72 -38.13
N LEU A 547 -12.16 19.73 -38.33
CA LEU A 547 -12.31 19.17 -39.68
C LEU A 547 -13.27 19.98 -40.56
N HIS A 548 -12.93 20.06 -41.85
CA HIS A 548 -13.81 20.64 -42.84
C HIS A 548 -13.70 19.87 -44.15
N LYS A 549 -14.68 20.03 -45.03
CA LYS A 549 -14.53 19.51 -46.38
C LYS A 549 -13.47 20.35 -47.10
N ALA A 550 -12.47 19.67 -47.63
CA ALA A 550 -11.38 20.37 -48.33
C ALA A 550 -11.88 21.13 -49.54
N GLY A 551 -11.23 22.26 -49.81
CA GLY A 551 -11.32 22.91 -51.11
C GLY A 551 -10.64 22.15 -52.23
N SER A 552 -10.68 22.74 -53.43
CA SER A 552 -10.25 22.05 -54.65
C SER A 552 -8.79 21.58 -54.63
N SER A 553 -7.93 22.25 -53.88
CA SER A 553 -6.50 21.90 -53.84
C SER A 553 -6.21 20.53 -53.16
N SER A 554 -7.12 20.08 -52.31
CA SER A 554 -6.84 18.89 -51.49
C SER A 554 -7.77 17.72 -51.82
N GLY A 555 -8.45 17.81 -52.95
CA GLY A 555 -9.20 16.66 -53.49
C GLY A 555 -10.52 16.47 -52.82
N ASP A 556 -10.96 15.22 -52.71
CA ASP A 556 -12.27 14.93 -52.16
C ASP A 556 -12.14 14.25 -50.80
N ARG A 557 -12.16 15.05 -49.75
CA ARG A 557 -11.88 14.53 -48.40
C ARG A 557 -12.12 15.61 -47.33
N LEU A 558 -12.30 15.19 -46.06
CA LEU A 558 -12.14 16.10 -44.95
C LEU A 558 -10.65 16.31 -44.72
N THR A 559 -10.26 17.57 -44.45
CA THR A 559 -8.92 17.87 -43.99
C THR A 559 -9.02 18.64 -42.67
N THR A 560 -7.88 18.84 -42.04
CA THR A 560 -7.76 19.61 -40.81
C THR A 560 -7.64 21.14 -41.06
N GLY A 561 -7.75 21.57 -42.32
CA GLY A 561 -7.68 22.99 -42.63
C GLY A 561 -6.27 23.57 -42.50
N VAL A 562 -6.19 24.87 -42.27
CA VAL A 562 -4.91 25.61 -42.18
C VAL A 562 -3.77 24.81 -41.54
N ALA A 563 -2.78 24.44 -42.31
CA ALA A 563 -1.76 23.54 -41.80
C ALA A 563 -0.37 23.88 -42.33
N TYR A 564 0.62 23.45 -41.55
CA TYR A 564 2.02 23.47 -41.99
C TYR A 564 2.58 22.07 -41.80
N SER A 565 3.35 21.57 -42.78
CA SER A 565 4.06 20.28 -42.61
C SER A 565 5.49 20.58 -42.12
N PRO A 566 5.78 20.33 -40.83
CA PRO A 566 7.13 20.68 -40.37
C PRO A 566 8.24 19.98 -41.21
N ALA A 567 9.24 20.73 -41.68
CA ALA A 567 9.25 22.18 -41.68
C ALA A 567 9.62 22.62 -43.08
N GLN A 568 8.82 22.18 -44.04
CA GLN A 568 9.01 22.55 -45.42
C GLN A 568 7.66 22.71 -46.13
N GLY A 569 7.74 23.27 -47.34
CA GLY A 569 6.58 23.49 -48.17
C GLY A 569 5.89 24.78 -47.81
N PRO A 570 4.71 24.99 -48.39
CA PRO A 570 3.95 26.21 -48.11
C PRO A 570 3.38 26.30 -46.69
N LEU A 571 3.28 27.54 -46.19
CA LEU A 571 2.67 27.78 -44.90
C LEU A 571 1.19 27.94 -45.19
N GLY A 572 0.37 27.20 -44.45
CA GLY A 572 -1.07 27.42 -44.48
C GLY A 572 -1.75 26.75 -45.65
N THR A 573 -1.50 25.45 -45.82
CA THR A 573 -2.20 24.66 -46.84
C THR A 573 -3.53 24.09 -46.31
N ASP A 574 -4.28 23.44 -47.17
CA ASP A 574 -5.58 22.89 -46.79
C ASP A 574 -5.39 21.49 -46.23
N GLY A 575 -4.91 21.42 -44.99
CA GLY A 575 -4.57 20.13 -44.38
C GLY A 575 -3.27 19.63 -44.99
N ASN A 576 -2.82 18.47 -44.52
CA ASN A 576 -1.66 17.78 -45.07
C ASN A 576 -1.60 16.35 -44.52
N THR A 577 -0.71 15.54 -45.07
CA THR A 577 -0.58 14.13 -44.66
C THR A 577 -0.18 13.94 -43.19
N TYR A 578 0.74 14.76 -42.72
CA TYR A 578 1.13 14.80 -41.31
C TYR A 578 -0.12 14.90 -40.40
N GLU A 579 -0.95 15.92 -40.58
CA GLU A 579 -2.09 16.09 -39.68
C GLU A 579 -3.18 15.06 -39.89
N SER A 580 -3.48 14.73 -41.15
CA SER A 580 -4.55 13.77 -41.40
C SER A 580 -4.17 12.39 -40.93
N SER A 581 -2.88 12.04 -41.01
CA SER A 581 -2.40 10.74 -40.49
C SER A 581 -2.58 10.66 -38.99
N LEU A 582 -2.29 11.77 -38.28
CA LEU A 582 -2.44 11.83 -36.83
C LEU A 582 -3.91 11.77 -36.43
N VAL A 583 -4.76 12.52 -37.14
CA VAL A 583 -6.20 12.55 -36.80
C VAL A 583 -6.81 11.18 -37.11
N TRP A 584 -6.37 10.55 -38.21
CA TRP A 584 -6.83 9.18 -38.52
C TRP A 584 -6.52 8.22 -37.38
N GLN A 585 -5.30 8.24 -36.88
CA GLN A 585 -4.87 7.41 -35.79
C GLN A 585 -5.69 7.68 -34.53
N MET A 586 -5.88 8.96 -34.23
CA MET A 586 -6.64 9.33 -33.04
C MET A 586 -8.06 8.77 -33.09
N LEU A 587 -8.73 8.95 -34.23
CA LEU A 587 -10.10 8.43 -34.40
C LEU A 587 -10.06 6.91 -34.35
N ASN A 588 -9.07 6.31 -35.00
CA ASN A 588 -8.89 4.85 -34.90
C ASN A 588 -8.91 4.39 -33.43
N ASP A 589 -8.09 5.03 -32.62
CA ASP A 589 -7.88 4.64 -31.25
C ASP A 589 -9.05 4.99 -30.33
N ALA A 590 -9.69 6.13 -30.58
CA ALA A 590 -10.93 6.51 -29.90
C ALA A 590 -12.09 5.48 -30.13
N ILE A 591 -12.21 5.04 -31.36
CA ILE A 591 -13.17 3.98 -31.72
C ILE A 591 -12.87 2.65 -31.02
N GLU A 592 -11.58 2.28 -31.00
CA GLU A 592 -11.13 1.07 -30.31
C GLU A 592 -11.45 1.16 -28.83
N ALA A 593 -11.15 2.33 -28.25
CA ALA A 593 -11.41 2.57 -26.84
C ALA A 593 -12.91 2.55 -26.54
N ALA A 594 -13.70 3.22 -27.37
CA ALA A 594 -15.18 3.21 -27.17
C ALA A 594 -15.75 1.80 -27.29
N LYS A 595 -15.36 1.05 -28.32
CA LYS A 595 -15.79 -0.36 -28.45
C LYS A 595 -15.46 -1.20 -27.18
N ALA A 596 -14.25 -1.02 -26.66
CA ALA A 596 -13.80 -1.72 -25.48
C ALA A 596 -14.67 -1.33 -24.26
N LYS A 597 -15.32 -0.18 -24.33
CA LYS A 597 -16.23 0.26 -23.27
C LYS A 597 -17.71 -0.01 -23.58
N GLY A 598 -18.01 -0.64 -24.71
CA GLY A 598 -19.40 -0.87 -25.10
C GLY A 598 -20.05 0.35 -25.70
N ASP A 599 -19.20 1.26 -26.22
CA ASP A 599 -19.62 2.51 -26.86
C ASP A 599 -20.80 3.17 -26.13
N PRO A 600 -20.62 3.49 -24.84
CA PRO A 600 -21.69 4.00 -23.96
C PRO A 600 -22.28 5.32 -24.44
N ASP A 601 -21.48 6.09 -25.18
CA ASP A 601 -21.86 7.42 -25.61
C ASP A 601 -22.43 7.43 -27.04
N GLY A 602 -22.41 6.26 -27.72
CA GLY A 602 -22.94 6.15 -29.08
C GLY A 602 -22.19 6.98 -30.11
N LEU A 603 -20.86 7.07 -29.95
CA LEU A 603 -20.06 8.01 -30.76
C LEU A 603 -19.35 7.33 -31.94
N VAL A 604 -19.30 6.01 -31.89
CA VAL A 604 -18.64 5.25 -32.97
C VAL A 604 -19.41 5.44 -34.28
N GLY A 605 -20.74 5.32 -34.22
CA GLY A 605 -21.58 5.47 -35.40
C GLY A 605 -21.20 4.54 -36.55
N ASN A 606 -21.33 5.04 -37.77
CA ASN A 606 -21.10 4.20 -38.96
C ASN A 606 -20.80 5.07 -40.15
N THR A 607 -20.74 4.46 -41.34
CA THR A 607 -20.50 5.24 -42.54
C THR A 607 -21.75 5.37 -43.42
N THR A 608 -22.93 5.25 -42.82
CA THR A 608 -24.19 5.36 -43.55
C THR A 608 -24.53 6.83 -43.77
N ASP A 609 -24.81 7.19 -45.01
CA ASP A 609 -25.10 8.59 -45.37
C ASP A 609 -23.95 9.48 -44.86
N CYS A 610 -22.73 9.05 -45.15
CA CYS A 610 -21.53 9.68 -44.65
C CYS A 610 -20.87 10.44 -45.77
N SER A 611 -20.73 11.75 -45.59
CA SER A 611 -20.20 12.61 -46.61
C SER A 611 -19.47 13.82 -46.01
N ALA A 612 -18.44 14.31 -46.69
CA ALA A 612 -17.77 15.57 -46.28
C ALA A 612 -18.72 16.79 -46.25
N ASP A 613 -19.78 16.74 -47.05
CA ASP A 613 -20.84 17.76 -47.02
C ASP A 613 -21.53 17.87 -45.66
N ASN A 614 -21.49 16.78 -44.88
CA ASN A 614 -22.14 16.76 -43.56
C ASN A 614 -21.52 17.76 -42.59
N TRP A 615 -20.32 18.23 -42.94
CA TRP A 615 -19.59 19.18 -42.08
C TRP A 615 -19.85 20.65 -42.42
N ALA A 616 -20.77 20.89 -43.36
CA ALA A 616 -21.12 22.25 -43.72
C ALA A 616 -21.56 23.07 -42.50
N LYS A 617 -21.00 24.26 -42.34
CA LYS A 617 -21.35 25.16 -41.24
C LYS A 617 -21.80 26.53 -41.75
N ASN A 618 -22.63 27.20 -40.96
CA ASN A 618 -22.95 28.60 -41.21
C ASN A 618 -21.91 29.55 -40.59
N ASP A 619 -22.12 30.86 -40.68
CA ASP A 619 -21.10 31.79 -40.21
C ASP A 619 -21.02 31.87 -38.69
N SER A 620 -21.97 31.22 -38.01
CA SER A 620 -21.94 31.10 -36.54
C SER A 620 -21.15 29.88 -36.06
N GLY A 621 -20.71 29.05 -37.01
CA GLY A 621 -19.98 27.80 -36.73
C GLY A 621 -20.90 26.62 -36.44
N ASN A 622 -22.20 26.82 -36.60
CA ASN A 622 -23.13 25.75 -36.36
C ASN A 622 -23.32 24.93 -37.60
N PHE A 623 -23.54 23.62 -37.42
CA PHE A 623 -23.79 22.77 -38.60
C PHE A 623 -25.17 23.03 -39.23
N THR A 624 -25.17 23.15 -40.57
CA THR A 624 -26.39 23.50 -41.29
C THR A 624 -27.23 22.26 -41.62
N ASP A 625 -26.59 21.08 -41.67
CA ASP A 625 -27.32 19.83 -41.71
C ASP A 625 -27.06 19.23 -40.32
N ALA A 626 -27.73 19.76 -39.31
CA ALA A 626 -27.42 19.43 -37.90
C ALA A 626 -27.48 17.97 -37.54
N ASN A 627 -28.42 17.23 -38.15
CA ASN A 627 -28.62 15.82 -37.78
C ASN A 627 -27.90 14.83 -38.68
N ALA A 628 -27.06 15.35 -39.56
CA ALA A 628 -26.25 14.52 -40.47
C ALA A 628 -25.24 13.67 -39.71
N ASN A 629 -24.76 12.60 -40.37
CA ASN A 629 -23.78 11.71 -39.76
C ASN A 629 -22.40 12.38 -39.67
N ARG A 630 -21.94 12.65 -38.44
CA ARG A 630 -20.54 13.11 -38.23
C ARG A 630 -19.87 12.27 -37.14
N SER A 631 -20.22 10.98 -37.14
CA SER A 631 -19.73 10.02 -36.13
C SER A 631 -18.24 9.81 -36.38
N TRP A 632 -17.56 9.21 -35.40
CA TRP A 632 -16.11 8.96 -35.52
C TRP A 632 -15.80 8.08 -36.74
N SER A 633 -16.65 7.09 -37.01
CA SER A 633 -16.46 6.15 -38.12
C SER A 633 -16.57 6.89 -39.44
N CYS A 634 -17.55 7.78 -39.53
CA CYS A 634 -17.79 8.51 -40.74
C CYS A 634 -16.59 9.47 -40.96
N ALA A 635 -16.25 10.25 -39.93
CA ALA A 635 -15.13 11.21 -40.03
C ALA A 635 -13.78 10.50 -40.41
N LYS A 636 -13.48 9.38 -39.75
CA LYS A 636 -12.28 8.60 -40.05
C LYS A 636 -12.22 8.17 -41.54
N SER A 637 -13.36 7.69 -42.04
CA SER A 637 -13.50 7.19 -43.42
C SER A 637 -13.28 8.24 -44.51
N LEU A 638 -13.40 9.50 -44.14
CA LEU A 638 -13.36 10.62 -45.10
C LEU A 638 -12.01 11.32 -45.21
N LEU A 639 -11.08 10.95 -44.33
CA LEU A 639 -9.76 11.57 -44.28
C LEU A 639 -8.90 11.17 -45.50
N LYS A 640 -8.93 9.88 -45.84
CA LYS A 640 -8.09 9.32 -46.93
C LYS A 640 -6.66 9.85 -46.82
N PRO A 641 -6.02 9.61 -45.64
CA PRO A 641 -4.76 10.28 -45.31
C PRO A 641 -3.59 9.93 -46.27
N ILE A 642 -3.54 8.70 -46.78
CA ILE A 642 -2.40 8.26 -47.59
C ILE A 642 -2.82 8.23 -49.04
N GLU A 643 -2.05 8.95 -49.86
CA GLU A 643 -2.22 8.96 -51.30
C GLU A 643 -0.83 8.70 -51.88
N VAL A 644 -0.67 7.68 -52.73
CA VAL A 644 0.62 7.44 -53.38
C VAL A 644 0.75 8.34 -54.61
N GLY A 645 1.86 9.07 -54.72
CA GLY A 645 2.01 10.06 -55.79
C GLY A 645 2.69 9.50 -57.05
N ASP A 646 2.95 10.37 -58.01
CA ASP A 646 3.41 9.91 -59.32
C ASP A 646 4.83 9.37 -59.32
N SER A 647 5.57 9.59 -58.23
CA SER A 647 6.93 9.05 -58.06
C SER A 647 6.94 7.77 -57.23
N GLY A 648 5.74 7.28 -56.89
CA GLY A 648 5.60 6.07 -56.09
C GLY A 648 5.80 6.37 -54.60
N GLN A 649 5.70 7.65 -54.25
CA GLN A 649 5.98 8.14 -52.90
C GLN A 649 4.70 8.39 -52.12
N ILE A 650 4.80 8.43 -50.78
CA ILE A 650 3.71 8.92 -49.96
C ILE A 650 3.65 10.46 -50.14
N LYS A 651 2.51 10.98 -50.58
CA LYS A 651 2.37 12.44 -50.76
C LYS A 651 2.49 13.10 -49.40
N GLU A 652 3.18 14.23 -49.36
CA GLU A 652 3.24 15.03 -48.16
C GLU A 652 2.11 16.08 -48.16
N TRP A 653 1.68 16.49 -49.36
CA TRP A 653 0.56 17.44 -49.54
C TRP A 653 -0.46 16.86 -50.51
N TYR A 654 -1.73 17.21 -50.30
CA TYR A 654 -2.81 16.69 -51.16
C TYR A 654 -2.86 17.34 -52.56
N PHE A 655 -2.13 18.45 -52.74
CA PHE A 655 -1.97 19.05 -54.09
C PHE A 655 -0.75 18.50 -54.84
N GLU A 656 -0.02 17.57 -54.21
CA GLU A 656 1.21 17.02 -54.75
C GLU A 656 0.96 16.01 -55.87
N GLY A 657 1.87 15.97 -56.83
CA GLY A 657 1.87 14.96 -57.90
C GLY A 657 3.08 14.02 -57.82
N ALA A 658 4.07 14.25 -58.67
CA ALA A 658 5.38 13.65 -58.51
C ALA A 658 6.04 14.27 -57.27
N LEU A 659 7.11 13.67 -56.79
CA LEU A 659 7.77 14.20 -55.56
C LEU A 659 8.23 15.66 -55.75
N GLY A 660 7.85 16.54 -54.83
CA GLY A 660 8.30 17.94 -54.86
C GLY A 660 7.54 18.81 -55.84
N LYS A 661 6.50 18.25 -56.42
CA LYS A 661 5.76 18.91 -57.50
C LYS A 661 4.26 18.82 -57.28
N LYS A 662 3.54 19.77 -57.88
CA LYS A 662 2.08 19.76 -57.83
C LYS A 662 1.57 18.84 -58.94
N LYS A 663 0.25 18.61 -58.96
CA LYS A 663 -0.33 17.68 -59.95
C LYS A 663 -0.01 18.08 -61.41
N ASP A 664 0.02 19.39 -61.65
CA ASP A 664 0.36 19.90 -62.97
C ASP A 664 1.86 19.92 -63.35
N GLY A 665 2.72 19.46 -62.44
CA GLY A 665 4.15 19.37 -62.76
C GLY A 665 4.98 20.56 -62.31
N SER A 666 4.33 21.61 -61.84
CA SER A 666 5.08 22.74 -61.26
C SER A 666 5.68 22.40 -59.91
N THR A 667 6.72 23.13 -59.52
CA THR A 667 7.38 22.80 -58.26
C THR A 667 6.60 23.34 -57.07
N ILE A 668 6.72 22.61 -55.95
CA ILE A 668 6.16 23.04 -54.68
C ILE A 668 7.09 24.03 -54.01
N SER A 669 6.56 25.20 -53.68
CA SER A 669 7.36 26.20 -52.96
C SER A 669 7.67 25.77 -51.53
N GLY A 670 8.90 26.08 -51.09
CA GLY A 670 9.36 25.69 -49.80
C GLY A 670 9.74 24.24 -49.68
N TYR A 671 9.53 23.47 -50.75
CA TYR A 671 10.01 22.10 -50.79
C TYR A 671 11.51 22.16 -51.01
N GLN A 672 12.25 21.44 -50.16
CA GLN A 672 13.67 21.32 -50.34
C GLN A 672 13.99 20.43 -51.56
N ALA A 673 14.47 21.07 -52.63
CA ALA A 673 14.43 20.46 -53.97
C ALA A 673 15.44 19.33 -54.14
N ASP A 674 16.45 19.29 -53.26
CA ASP A 674 17.41 18.20 -53.29
C ASP A 674 16.78 16.92 -52.70
N ASN A 675 15.54 17.06 -52.17
CA ASN A 675 14.72 15.93 -51.66
C ASN A 675 15.09 15.44 -50.28
N GLN A 676 16.07 16.09 -49.65
CA GLN A 676 16.58 15.61 -48.37
C GLN A 676 16.20 16.45 -47.17
N HIS A 677 15.02 17.07 -47.20
CA HIS A 677 14.50 17.77 -46.02
C HIS A 677 14.62 16.93 -44.74
N ARG A 678 15.05 17.56 -43.67
CA ARG A 678 15.31 16.82 -42.43
C ARG A 678 14.11 16.14 -41.79
N HIS A 679 12.95 16.80 -41.81
CA HIS A 679 11.74 16.26 -41.22
C HIS A 679 11.10 15.28 -42.19
N MET A 680 10.35 14.33 -41.66
CA MET A 680 9.50 13.46 -42.45
C MET A 680 8.12 13.38 -41.81
N SER A 681 7.43 14.53 -41.77
CA SER A 681 6.18 14.68 -41.02
C SER A 681 5.06 13.87 -41.60
N HIS A 682 5.13 13.57 -42.91
CA HIS A 682 4.10 12.82 -43.60
C HIS A 682 4.25 11.32 -43.44
N LEU A 683 5.29 10.88 -42.72
CA LEU A 683 5.48 9.45 -42.49
C LEU A 683 5.13 8.97 -41.07
N LEU A 684 4.46 9.82 -40.27
CA LEU A 684 4.04 9.41 -38.92
C LEU A 684 3.08 8.19 -38.91
N GLY A 685 2.41 7.95 -40.05
CA GLY A 685 1.55 6.77 -40.19
C GLY A 685 2.33 5.47 -40.29
N LEU A 686 3.56 5.55 -40.77
CA LEU A 686 4.51 4.44 -40.73
C LEU A 686 5.11 4.21 -39.33
N PHE A 687 5.52 5.31 -38.68
CA PHE A 687 5.99 5.27 -37.28
C PHE A 687 5.75 6.65 -36.67
N PRO A 688 5.09 6.74 -35.49
CA PRO A 688 4.73 5.63 -34.58
C PRO A 688 3.44 4.87 -34.90
N GLY A 689 2.71 5.32 -35.92
CA GLY A 689 1.33 4.92 -36.08
C GLY A 689 1.12 3.57 -36.78
N ASP A 690 -0.13 3.29 -37.13
CA ASP A 690 -0.54 1.97 -37.65
C ASP A 690 -1.14 2.09 -39.05
N LEU A 691 -0.98 3.26 -39.65
CA LEU A 691 -1.57 3.52 -40.97
C LEU A 691 -0.81 2.88 -42.12
N ILE A 692 0.52 2.84 -42.00
CA ILE A 692 1.40 2.29 -43.04
C ILE A 692 2.17 1.16 -42.41
N THR A 693 1.83 -0.08 -42.80
CA THR A 693 2.43 -1.25 -42.15
C THR A 693 2.88 -2.26 -43.18
N ILE A 694 3.68 -3.21 -42.70
CA ILE A 694 4.23 -4.32 -43.53
C ILE A 694 3.11 -5.13 -44.21
N ASP A 695 1.92 -5.06 -43.62
CA ASP A 695 0.76 -5.80 -44.10
C ASP A 695 0.09 -5.13 -45.29
N ASN A 696 0.55 -3.93 -45.62
CA ASN A 696 0.08 -3.21 -46.78
C ASN A 696 1.25 -2.87 -47.69
N SER A 697 1.52 -3.74 -48.65
CA SER A 697 2.68 -3.58 -49.54
C SER A 697 2.63 -2.31 -50.41
N GLU A 698 1.43 -1.93 -50.87
CA GLU A 698 1.32 -0.69 -51.66
C GLU A 698 1.82 0.52 -50.85
N TYR A 699 1.30 0.66 -49.63
CA TYR A 699 1.66 1.78 -48.76
C TYR A 699 3.12 1.65 -48.32
N MET A 700 3.53 0.43 -47.95
CA MET A 700 4.90 0.20 -47.46
C MET A 700 5.95 0.47 -48.54
N ASP A 701 5.71 -0.05 -49.76
CA ASP A 701 6.60 0.24 -50.88
C ASP A 701 6.71 1.75 -51.10
N ALA A 702 5.59 2.44 -51.03
CA ALA A 702 5.60 3.90 -51.16
C ALA A 702 6.34 4.62 -50.04
N ALA A 703 6.15 4.15 -48.82
CA ALA A 703 6.87 4.71 -47.65
C ALA A 703 8.40 4.46 -47.74
N LYS A 704 8.79 3.28 -48.23
CA LYS A 704 10.21 3.01 -48.42
C LYS A 704 10.78 3.94 -49.50
N THR A 705 10.00 4.22 -50.53
CA THR A 705 10.41 5.17 -51.55
C THR A 705 10.60 6.59 -50.97
N SER A 706 9.65 7.05 -50.19
CA SER A 706 9.77 8.35 -49.49
C SER A 706 11.01 8.39 -48.57
N LEU A 707 11.20 7.33 -47.80
CA LEU A 707 12.35 7.25 -46.88
C LEU A 707 13.68 7.33 -47.62
N ARG A 708 13.79 6.56 -48.69
CA ARG A 708 15.04 6.55 -49.46
C ARG A 708 15.39 7.94 -50.04
N TYR A 709 14.38 8.63 -50.57
CA TYR A 709 14.61 9.97 -51.07
C TYR A 709 15.09 10.91 -49.95
N ARG A 710 14.51 10.81 -48.75
CA ARG A 710 14.88 11.70 -47.68
C ARG A 710 16.24 11.39 -47.10
N CYS A 711 16.61 10.10 -47.08
CA CYS A 711 17.72 9.62 -46.23
C CYS A 711 19.02 9.35 -46.96
N PHE A 712 18.97 9.33 -48.30
CA PHE A 712 20.14 9.01 -49.09
C PHE A 712 20.53 10.23 -49.96
N LYS A 713 21.83 10.37 -50.22
CA LYS A 713 22.30 11.34 -51.23
C LYS A 713 23.06 10.49 -52.20
N GLY A 714 22.61 10.47 -53.45
CA GLY A 714 23.03 9.43 -54.37
C GLY A 714 22.56 8.11 -53.79
N ASN A 715 23.47 7.16 -53.71
CA ASN A 715 23.20 5.87 -53.09
C ASN A 715 23.90 5.79 -51.72
N VAL A 716 24.28 6.94 -51.18
CA VAL A 716 24.93 6.99 -49.88
C VAL A 716 23.97 7.41 -48.77
N LEU A 717 23.83 6.53 -47.79
CA LEU A 717 23.00 6.83 -46.59
C LEU A 717 23.59 7.97 -45.79
N GLN A 718 22.77 8.97 -45.50
CA GLN A 718 23.23 10.20 -44.85
C GLN A 718 23.09 10.17 -43.34
N SER A 719 24.09 10.73 -42.68
CA SER A 719 24.06 10.88 -41.25
C SER A 719 23.05 11.97 -40.85
N ASN A 720 22.63 11.92 -39.60
CA ASN A 720 21.89 13.02 -38.99
C ASN A 720 22.04 12.84 -37.47
N THR A 721 21.35 13.69 -36.71
CA THR A 721 21.59 13.75 -35.28
C THR A 721 20.28 13.88 -34.56
N GLY A 722 20.31 13.69 -33.24
CA GLY A 722 19.18 14.09 -32.37
C GLY A 722 17.91 13.38 -32.78
N TRP A 723 16.81 14.13 -32.81
CA TRP A 723 15.52 13.53 -33.01
C TRP A 723 15.40 12.96 -34.45
N ALA A 724 16.16 13.52 -35.38
CA ALA A 724 16.01 13.16 -36.79
C ALA A 724 16.52 11.75 -37.01
N ILE A 725 17.70 11.45 -36.46
CA ILE A 725 18.25 10.08 -36.54
C ILE A 725 17.38 9.07 -35.74
N GLY A 726 16.91 9.47 -34.56
CA GLY A 726 16.02 8.61 -33.75
C GLY A 726 14.74 8.25 -34.51
N GLN A 727 14.10 9.26 -35.10
CA GLN A 727 12.93 9.01 -35.95
C GLN A 727 13.24 8.07 -37.12
N ARG A 728 14.38 8.26 -37.74
CA ARG A 728 14.67 7.43 -38.95
C ARG A 728 14.94 5.97 -38.62
N ILE A 729 15.67 5.72 -37.55
CA ILE A 729 15.89 4.38 -37.04
C ILE A 729 14.53 3.66 -36.84
N ASN A 730 13.61 4.28 -36.10
CA ASN A 730 12.31 3.67 -35.86
C ASN A 730 11.47 3.51 -37.14
N SER A 731 11.54 4.50 -38.03
CA SER A 731 10.73 4.50 -39.27
C SER A 731 11.27 3.39 -40.15
N TRP A 732 12.59 3.34 -40.32
CA TRP A 732 13.21 2.24 -41.10
C TRP A 732 12.93 0.89 -40.48
N ALA A 733 12.93 0.78 -39.17
CA ALA A 733 12.63 -0.52 -38.55
C ALA A 733 11.25 -1.05 -38.97
N ARG A 734 10.24 -0.18 -38.99
CA ARG A 734 8.87 -0.54 -39.38
C ARG A 734 8.76 -1.07 -40.83
N THR A 735 9.72 -0.69 -41.69
CA THR A 735 9.75 -1.23 -43.08
C THR A 735 10.20 -2.69 -43.20
N GLY A 736 10.89 -3.19 -42.18
CA GLY A 736 11.51 -4.52 -42.19
C GLY A 736 12.93 -4.56 -42.73
N ASP A 737 13.48 -3.39 -43.12
CA ASP A 737 14.85 -3.30 -43.64
C ASP A 737 15.85 -3.20 -42.48
N GLY A 738 16.19 -4.33 -41.91
CA GLY A 738 17.05 -4.33 -40.74
C GLY A 738 18.44 -3.79 -41.06
N ASN A 739 18.91 -4.05 -42.29
CA ASN A 739 20.24 -3.59 -42.65
C ASN A 739 20.36 -2.07 -42.69
N THR A 740 19.37 -1.40 -43.28
CA THR A 740 19.42 0.06 -43.35
C THR A 740 19.22 0.62 -41.94
N THR A 741 18.31 -0.02 -41.19
CA THR A 741 18.04 0.44 -39.82
C THR A 741 19.32 0.42 -39.03
N TYR A 742 20.05 -0.72 -39.10
CA TYR A 742 21.29 -0.87 -38.38
C TYR A 742 22.33 0.22 -38.81
N GLN A 743 22.43 0.50 -40.11
CA GLN A 743 23.39 1.52 -40.57
C GLN A 743 23.04 2.87 -39.98
N LEU A 744 21.75 3.14 -39.78
CA LEU A 744 21.33 4.34 -39.03
C LEU A 744 21.76 4.35 -37.57
N VAL A 745 21.63 3.21 -36.87
CA VAL A 745 22.21 3.05 -35.53
C VAL A 745 23.72 3.37 -35.52
N GLU A 746 24.46 2.82 -36.47
CA GLU A 746 25.91 3.08 -36.52
C GLU A 746 26.16 4.56 -36.67
N LEU A 747 25.37 5.21 -37.53
CA LEU A 747 25.53 6.64 -37.79
C LEU A 747 25.16 7.52 -36.58
N GLN A 748 24.12 7.14 -35.83
CA GLN A 748 23.87 7.82 -34.54
C GLN A 748 25.02 7.70 -33.52
N LEU A 749 25.60 6.52 -33.41
CA LEU A 749 26.70 6.33 -32.46
C LEU A 749 27.93 7.13 -32.88
N LYS A 750 28.14 7.22 -34.19
CA LYS A 750 29.33 7.89 -34.68
C LYS A 750 29.21 9.38 -34.66
N ASN A 751 27.99 9.90 -34.89
CA ASN A 751 27.79 11.33 -35.16
C ASN A 751 26.84 12.06 -34.22
N ALA A 752 26.37 11.37 -33.18
CA ALA A 752 25.36 11.98 -32.35
C ALA A 752 25.39 11.51 -30.92
N MET A 753 26.55 10.97 -30.48
CA MET A 753 26.72 10.63 -29.09
C MET A 753 27.97 11.31 -28.50
N TYR A 754 27.81 11.99 -27.38
CA TYR A 754 28.96 12.49 -26.59
C TYR A 754 29.67 11.34 -25.83
N ALA A 755 30.78 11.65 -25.18
CA ALA A 755 31.59 10.65 -24.48
C ALA A 755 30.83 10.02 -23.31
N ASN A 756 29.90 10.77 -22.70
CA ASN A 756 29.00 10.25 -21.67
C ASN A 756 27.77 9.56 -22.23
N LEU A 757 27.77 9.34 -23.56
CA LEU A 757 26.65 8.76 -24.32
C LEU A 757 25.33 9.54 -24.24
N PHE A 758 25.41 10.82 -23.87
CA PHE A 758 24.29 11.73 -24.15
C PHE A 758 24.15 11.92 -25.66
N ASP A 759 22.94 11.72 -26.16
CA ASP A 759 22.57 12.00 -27.56
C ASP A 759 22.69 13.50 -27.78
N TYR A 760 23.13 13.91 -28.97
CA TYR A 760 23.18 15.33 -29.28
C TYR A 760 22.61 15.73 -30.63
N HIS A 761 22.29 17.02 -30.73
CA HIS A 761 21.60 17.57 -31.90
C HIS A 761 22.53 18.34 -32.86
N ALA A 762 23.58 19.05 -32.40
CA ALA A 762 23.91 19.51 -31.04
C ALA A 762 22.97 20.62 -30.57
N PRO A 763 22.89 20.89 -29.26
CA PRO A 763 23.61 20.37 -28.10
C PRO A 763 22.95 19.09 -27.59
N PHE A 764 23.31 18.66 -26.38
CA PHE A 764 22.64 17.52 -25.73
C PHE A 764 21.11 17.66 -25.80
N GLN A 765 20.46 16.60 -26.32
CA GLN A 765 19.02 16.45 -26.35
C GLN A 765 18.73 14.97 -26.08
N ILE A 766 17.92 14.71 -25.06
CA ILE A 766 17.69 13.33 -24.63
C ILE A 766 16.81 12.50 -25.58
N ASP A 767 15.98 13.18 -26.39
CA ASP A 767 15.06 12.51 -27.31
C ASP A 767 15.76 11.35 -28.04
N GLY A 768 16.91 11.62 -28.64
CA GLY A 768 17.60 10.60 -29.43
C GLY A 768 18.09 9.40 -28.63
N ASN A 769 18.35 9.61 -27.33
CA ASN A 769 18.68 8.50 -26.42
C ASN A 769 17.51 7.54 -26.32
N PHE A 770 16.32 8.08 -26.11
CA PHE A 770 15.12 7.27 -25.96
C PHE A 770 14.68 6.70 -27.33
N GLY A 771 14.90 7.49 -28.38
CA GLY A 771 14.62 7.02 -29.74
C GLY A 771 15.47 5.82 -30.13
N ASN A 772 16.74 5.82 -29.73
CA ASN A 772 17.63 4.68 -29.98
C ASN A 772 17.09 3.41 -29.37
N THR A 773 16.74 3.48 -28.10
CA THR A 773 16.22 2.29 -27.36
C THR A 773 14.97 1.76 -28.04
N SER A 774 14.09 2.67 -28.44
CA SER A 774 12.86 2.27 -29.13
C SER A 774 13.16 1.60 -30.48
N GLY A 775 14.12 2.17 -31.22
CA GLY A 775 14.44 1.68 -32.58
C GLY A 775 15.00 0.27 -32.54
N VAL A 776 15.87 0.00 -31.55
CA VAL A 776 16.40 -1.35 -31.33
C VAL A 776 15.27 -2.30 -30.99
N ASP A 777 14.36 -1.90 -30.08
CA ASP A 777 13.14 -2.71 -29.82
C ASP A 777 12.38 -3.08 -31.11
N GLU A 778 12.13 -2.07 -31.95
CA GLU A 778 11.31 -2.26 -33.18
C GLU A 778 12.06 -3.16 -34.23
N MET A 779 13.37 -3.26 -34.13
CA MET A 779 14.11 -4.23 -34.96
C MET A 779 13.84 -5.67 -34.52
N LEU A 780 13.68 -5.86 -33.22
CA LEU A 780 13.62 -7.20 -32.65
C LEU A 780 12.18 -7.68 -32.41
N LEU A 781 11.25 -6.73 -32.24
CA LEU A 781 9.87 -7.03 -31.97
C LEU A 781 9.00 -5.87 -32.45
N GLN A 782 7.99 -6.19 -33.26
CA GLN A 782 6.93 -5.23 -33.54
C GLN A 782 5.60 -5.78 -33.05
N SER A 783 4.66 -4.90 -32.72
CA SER A 783 3.36 -5.40 -32.25
C SER A 783 2.17 -4.49 -32.62
N ASN A 784 2.33 -3.59 -33.58
CA ASN A 784 1.38 -2.51 -33.80
C ASN A 784 0.46 -2.75 -35.00
N SER A 785 0.80 -3.74 -35.79
CA SER A 785 0.13 -3.88 -37.08
C SER A 785 -1.05 -4.84 -36.96
N THR A 786 -1.80 -4.94 -38.06
CA THR A 786 -3.00 -5.77 -38.11
C THR A 786 -2.85 -6.67 -39.30
N PHE A 787 -3.02 -7.98 -39.06
CA PHE A 787 -2.87 -9.01 -40.11
C PHE A 787 -4.27 -9.39 -40.63
N THR A 788 -4.43 -9.57 -41.94
CA THR A 788 -5.70 -10.05 -42.49
C THR A 788 -5.48 -11.39 -43.22
N ASP A 789 -6.09 -12.47 -42.72
CA ASP A 789 -5.89 -13.79 -43.33
C ASP A 789 -6.74 -13.92 -44.60
N THR A 790 -6.54 -15.02 -45.32
CA THR A 790 -7.31 -15.32 -46.53
C THR A 790 -8.86 -15.35 -46.33
N ALA A 791 -9.32 -15.63 -45.11
CA ALA A 791 -10.76 -15.58 -44.83
C ALA A 791 -11.24 -14.16 -44.47
N GLY A 792 -10.30 -13.20 -44.41
CA GLY A 792 -10.61 -11.83 -44.08
C GLY A 792 -10.67 -11.55 -42.58
N LYS A 793 -10.25 -12.53 -41.77
CA LYS A 793 -10.18 -12.32 -40.33
C LYS A 793 -9.00 -11.36 -39.98
N LYS A 794 -9.26 -10.48 -39.01
CA LYS A 794 -8.27 -9.52 -38.54
C LYS A 794 -7.65 -10.02 -37.27
N TYR A 795 -6.32 -9.89 -37.22
CA TYR A 795 -5.55 -10.15 -36.02
C TYR A 795 -4.85 -8.85 -35.66
N VAL A 796 -5.43 -8.14 -34.71
CA VAL A 796 -5.02 -6.76 -34.41
C VAL A 796 -3.89 -6.83 -33.41
N ASN A 797 -2.85 -6.03 -33.63
CA ASN A 797 -1.71 -6.00 -32.73
C ASN A 797 -1.03 -7.37 -32.61
N TYR A 798 -0.81 -8.01 -33.75
CA TYR A 798 -0.14 -9.32 -33.73
C TYR A 798 1.33 -9.13 -33.32
N THR A 799 1.88 -10.16 -32.73
CA THR A 799 3.25 -10.19 -32.24
C THR A 799 4.16 -10.54 -33.42
N ASN A 800 5.06 -9.62 -33.75
CA ASN A 800 5.95 -9.83 -34.89
C ASN A 800 7.40 -9.99 -34.38
N ILE A 801 7.89 -11.22 -34.46
CA ILE A 801 9.19 -11.58 -33.93
C ILE A 801 10.27 -11.29 -34.98
N LEU A 802 11.31 -10.57 -34.59
CA LEU A 802 12.44 -10.21 -35.47
C LEU A 802 12.00 -9.66 -36.82
N PRO A 803 11.20 -8.56 -36.79
CA PRO A 803 10.74 -7.94 -38.03
C PRO A 803 11.81 -7.22 -38.86
N ALA A 804 12.89 -6.78 -38.24
CA ALA A 804 13.95 -6.07 -38.96
C ALA A 804 15.29 -6.35 -38.35
N LEU A 805 15.66 -7.63 -38.36
CA LEU A 805 16.93 -8.07 -37.78
C LEU A 805 18.07 -7.78 -38.76
N PRO A 806 19.09 -7.02 -38.31
CA PRO A 806 20.18 -6.74 -39.23
C PRO A 806 21.08 -7.95 -39.36
N ASP A 807 21.66 -8.10 -40.55
CA ASP A 807 22.63 -9.16 -40.81
C ASP A 807 23.83 -9.03 -39.90
N ALA A 808 24.12 -7.81 -39.49
CA ALA A 808 25.19 -7.54 -38.53
C ALA A 808 25.05 -8.31 -37.21
N TRP A 809 23.82 -8.69 -36.85
CA TRP A 809 23.58 -9.38 -35.58
C TRP A 809 23.13 -10.78 -35.92
N ALA A 810 24.09 -11.62 -36.30
CA ALA A 810 23.80 -12.95 -36.84
C ALA A 810 23.13 -13.84 -35.82
N GLY A 811 23.47 -13.63 -34.55
CA GLY A 811 22.98 -14.46 -33.45
C GLY A 811 22.89 -13.63 -32.20
N GLY A 812 21.97 -14.00 -31.32
CA GLY A 812 21.77 -13.25 -30.10
C GLY A 812 20.53 -13.69 -29.37
N SER A 813 20.20 -12.98 -28.31
CA SER A 813 18.96 -13.22 -27.59
C SER A 813 18.55 -11.94 -26.90
N VAL A 814 17.25 -11.78 -26.72
CA VAL A 814 16.70 -10.68 -25.99
C VAL A 814 15.58 -11.27 -25.17
N SER A 815 15.38 -10.76 -23.95
CA SER A 815 14.27 -11.21 -23.15
C SER A 815 13.66 -10.04 -22.42
N GLY A 816 12.36 -10.12 -22.15
CA GLY A 816 11.69 -9.11 -21.33
C GLY A 816 11.14 -7.90 -22.08
N LEU A 817 11.10 -7.97 -23.43
CA LEU A 817 10.40 -6.94 -24.19
C LEU A 817 8.89 -7.14 -24.02
N VAL A 818 8.09 -6.11 -24.34
CA VAL A 818 6.63 -6.19 -24.24
C VAL A 818 5.94 -5.91 -25.60
N ALA A 819 4.95 -6.75 -25.93
CA ALA A 819 4.13 -6.59 -27.10
C ALA A 819 2.74 -6.13 -26.68
N ARG A 820 2.08 -5.35 -27.53
CA ARG A 820 0.68 -5.00 -27.33
C ARG A 820 -0.16 -6.27 -27.16
N GLY A 821 -1.21 -6.16 -26.36
CA GLY A 821 -2.00 -7.32 -25.90
C GLY A 821 -1.46 -7.83 -24.59
N ASN A 822 -0.34 -7.24 -24.17
CA ASN A 822 0.37 -7.55 -22.92
C ASN A 822 0.99 -8.96 -22.93
N PHE A 823 1.91 -9.17 -23.85
CA PHE A 823 2.74 -10.35 -23.86
C PHE A 823 4.15 -9.93 -23.56
N THR A 824 4.82 -10.62 -22.65
CA THR A 824 6.25 -10.46 -22.46
C THR A 824 6.99 -11.41 -23.41
N VAL A 825 7.96 -10.87 -24.12
CA VAL A 825 8.57 -11.60 -25.23
C VAL A 825 10.05 -11.78 -25.05
N GLY A 826 10.50 -13.02 -25.22
CA GLY A 826 11.93 -13.31 -25.35
C GLY A 826 12.20 -14.08 -26.63
N THR A 827 13.34 -13.82 -27.25
CA THR A 827 13.69 -14.44 -28.54
C THR A 827 15.18 -14.73 -28.58
N THR A 828 15.49 -15.91 -29.08
CA THR A 828 16.86 -16.33 -29.34
C THR A 828 17.00 -16.63 -30.81
N TRP A 829 18.08 -16.16 -31.42
CA TRP A 829 18.28 -16.42 -32.81
C TRP A 829 19.71 -16.85 -33.14
N LYS A 830 19.86 -17.53 -34.25
CA LYS A 830 21.17 -18.04 -34.69
C LYS A 830 21.15 -18.08 -36.19
N ASN A 831 22.28 -17.69 -36.80
CA ASN A 831 22.38 -17.71 -38.26
C ASN A 831 21.22 -16.91 -38.89
N GLY A 832 20.79 -15.84 -38.20
CA GLY A 832 19.83 -14.89 -38.75
C GLY A 832 18.38 -15.34 -38.67
N LYS A 833 18.10 -16.39 -37.89
CA LYS A 833 16.75 -16.95 -37.79
C LYS A 833 16.38 -17.34 -36.37
N ALA A 834 15.12 -17.13 -35.99
CA ALA A 834 14.69 -17.42 -34.62
C ALA A 834 14.90 -18.91 -34.31
N THR A 835 15.51 -19.20 -33.16
CA THR A 835 15.61 -20.59 -32.66
C THR A 835 14.57 -20.86 -31.57
N GLU A 836 14.22 -19.83 -30.82
CA GLU A 836 13.21 -19.99 -29.77
C GLU A 836 12.48 -18.67 -29.57
N VAL A 837 11.14 -18.73 -29.45
CA VAL A 837 10.38 -17.59 -28.91
C VAL A 837 9.73 -18.02 -27.62
N ARG A 838 9.89 -17.20 -26.58
CA ARG A 838 9.20 -17.39 -25.31
C ARG A 838 8.20 -16.24 -25.15
N LEU A 839 6.92 -16.60 -25.25
CA LEU A 839 5.82 -15.65 -25.20
C LEU A 839 4.99 -15.85 -23.91
N THR A 840 5.16 -14.93 -22.97
CA THR A 840 4.42 -14.97 -21.70
C THR A 840 3.16 -14.15 -21.92
N SER A 841 2.01 -14.81 -21.86
CA SER A 841 0.73 -14.13 -21.93
C SER A 841 0.37 -13.57 -20.57
N ASN A 842 0.43 -12.24 -20.44
CA ASN A 842 0.15 -11.63 -19.12
C ASN A 842 -1.34 -11.45 -18.79
N LYS A 843 -2.19 -11.43 -19.81
CA LYS A 843 -3.61 -11.14 -19.65
C LYS A 843 -4.54 -12.15 -20.31
N GLY A 844 -3.97 -13.23 -20.85
CA GLY A 844 -4.78 -14.24 -21.55
C GLY A 844 -5.39 -13.86 -22.89
N LYS A 845 -4.84 -12.84 -23.57
CA LYS A 845 -5.37 -12.49 -24.89
C LYS A 845 -4.96 -13.52 -25.93
N GLN A 846 -5.78 -13.71 -26.95
CA GLN A 846 -5.42 -14.65 -27.99
C GLN A 846 -4.08 -14.27 -28.64
N ALA A 847 -3.13 -15.21 -28.71
CA ALA A 847 -1.88 -15.00 -29.43
C ALA A 847 -1.95 -15.12 -30.95
N ALA A 848 -1.22 -14.24 -31.64
CA ALA A 848 -1.09 -14.31 -33.09
C ALA A 848 0.34 -13.89 -33.40
N VAL A 849 1.15 -14.82 -33.90
CA VAL A 849 2.58 -14.61 -33.93
C VAL A 849 3.13 -14.74 -35.34
N LYS A 850 3.79 -13.68 -35.81
CA LYS A 850 4.53 -13.74 -37.06
C LYS A 850 5.99 -14.00 -36.68
N ILE A 851 6.68 -14.80 -37.48
CA ILE A 851 8.11 -14.95 -37.24
C ILE A 851 8.80 -14.52 -38.52
N THR A 852 9.23 -13.27 -38.54
CA THR A 852 9.73 -12.69 -39.78
C THR A 852 11.08 -13.33 -40.14
N ALA A 853 11.95 -13.53 -39.16
CA ALA A 853 13.19 -14.26 -39.36
C ALA A 853 12.95 -15.74 -39.08
N GLY A 854 12.26 -16.41 -40.00
CA GLY A 854 12.08 -17.85 -39.91
C GLY A 854 10.88 -18.41 -40.66
N GLY A 855 9.76 -17.66 -40.63
CA GLY A 855 8.50 -18.09 -41.21
C GLY A 855 7.77 -18.93 -40.16
N ALA A 856 6.66 -18.42 -39.63
CA ALA A 856 6.03 -19.04 -38.47
C ALA A 856 5.37 -20.38 -38.81
N GLN A 857 5.03 -20.58 -40.09
CA GLN A 857 4.48 -21.87 -40.55
C GLN A 857 5.46 -23.04 -40.37
N ASN A 858 6.73 -22.73 -40.12
CA ASN A 858 7.79 -23.73 -39.91
C ASN A 858 8.00 -24.02 -38.44
N TYR A 859 7.15 -23.45 -37.58
CA TYR A 859 7.30 -23.54 -36.13
C TYR A 859 6.10 -24.20 -35.45
N GLU A 860 6.28 -24.55 -34.19
CA GLU A 860 5.24 -25.14 -33.37
C GLU A 860 5.33 -24.65 -31.92
N VAL A 861 4.20 -24.78 -31.23
CA VAL A 861 3.98 -24.15 -29.93
C VAL A 861 3.76 -25.19 -28.85
N LYS A 862 4.42 -24.98 -27.71
CA LYS A 862 4.27 -25.84 -26.53
C LYS A 862 4.04 -25.00 -25.28
N ASN A 863 3.23 -25.51 -24.37
CA ASN A 863 3.21 -25.01 -22.98
C ASN A 863 3.96 -26.00 -22.10
N GLY A 864 5.28 -25.87 -22.05
CA GLY A 864 6.13 -26.84 -21.37
C GLY A 864 6.14 -28.11 -22.19
N ASP A 865 5.68 -29.21 -21.60
CA ASP A 865 5.51 -30.45 -22.34
C ASP A 865 4.22 -30.50 -23.19
N THR A 866 3.19 -29.74 -22.81
CA THR A 866 1.93 -29.73 -23.57
C THR A 866 2.08 -29.09 -24.96
N ALA A 867 1.73 -29.85 -25.99
CA ALA A 867 1.64 -29.38 -27.37
C ALA A 867 0.38 -28.54 -27.55
N VAL A 868 0.53 -27.31 -28.08
CA VAL A 868 -0.62 -26.42 -28.32
C VAL A 868 -1.07 -26.56 -29.78
N ASN A 869 -2.39 -26.67 -29.95
CA ASN A 869 -2.99 -26.82 -31.27
C ASN A 869 -3.05 -25.48 -32.01
N ALA A 870 -1.88 -24.86 -32.20
CA ALA A 870 -1.83 -23.59 -32.93
C ALA A 870 -2.24 -23.81 -34.39
N LYS A 871 -3.03 -22.86 -34.90
CA LYS A 871 -3.41 -22.82 -36.31
C LYS A 871 -2.50 -21.90 -37.09
N VAL A 872 -2.09 -22.34 -38.26
CA VAL A 872 -1.35 -21.50 -39.19
C VAL A 872 -2.35 -20.78 -40.05
N VAL A 873 -2.31 -19.44 -40.01
CA VAL A 873 -3.13 -18.66 -40.92
C VAL A 873 -2.19 -17.89 -41.84
N THR A 874 -2.63 -17.63 -43.06
CA THR A 874 -1.77 -16.90 -43.97
C THR A 874 -2.56 -15.81 -44.67
N ASN A 875 -1.84 -14.81 -45.19
CA ASN A 875 -2.50 -13.72 -45.85
C ASN A 875 -2.39 -13.85 -47.36
N ALA A 876 -3.04 -12.94 -48.08
CA ALA A 876 -2.94 -12.89 -49.54
C ALA A 876 -1.49 -12.80 -50.09
N ASP A 877 -0.57 -12.18 -49.34
CA ASP A 877 0.85 -12.11 -49.69
C ASP A 877 1.68 -13.35 -49.25
N GLY A 878 1.01 -14.33 -48.67
CA GLY A 878 1.64 -15.61 -48.36
C GLY A 878 2.48 -15.66 -47.09
N ALA A 879 2.38 -14.63 -46.26
CA ALA A 879 3.01 -14.68 -44.94
C ALA A 879 2.07 -15.41 -43.96
N SER A 880 2.64 -15.95 -42.89
CA SER A 880 1.91 -16.77 -41.94
C SER A 880 2.03 -16.30 -40.49
N LEU A 881 0.92 -16.50 -39.76
CA LEU A 881 0.83 -16.37 -38.31
C LEU A 881 0.48 -17.70 -37.70
N LEU A 882 1.03 -17.92 -36.51
CA LEU A 882 0.61 -18.97 -35.62
C LEU A 882 -0.38 -18.33 -34.65
N VAL A 883 -1.61 -18.83 -34.64
CA VAL A 883 -2.60 -18.32 -33.71
C VAL A 883 -3.07 -19.39 -32.70
N PHE A 884 -3.24 -18.97 -31.46
CA PHE A 884 -3.61 -19.89 -30.41
C PHE A 884 -4.15 -19.13 -29.21
N ASP A 885 -5.08 -19.75 -28.49
CA ASP A 885 -5.61 -19.17 -27.27
C ASP A 885 -4.55 -19.21 -26.18
N THR A 886 -4.63 -18.29 -25.22
CA THR A 886 -3.68 -18.30 -24.13
C THR A 886 -4.37 -18.15 -22.80
N THR A 887 -3.63 -18.46 -21.74
CA THR A 887 -4.07 -18.32 -20.36
C THR A 887 -3.13 -17.32 -19.71
N ALA A 888 -3.69 -16.39 -18.93
CA ALA A 888 -2.89 -15.42 -18.17
C ALA A 888 -1.86 -16.09 -17.29
N GLY A 889 -0.61 -15.62 -17.37
CA GLY A 889 0.48 -16.15 -16.55
C GLY A 889 1.32 -17.26 -17.17
N THR A 890 0.90 -17.75 -18.32
CA THR A 890 1.55 -18.90 -18.94
C THR A 890 2.52 -18.45 -20.06
N THR A 891 3.69 -19.11 -20.10
CA THR A 891 4.69 -18.92 -21.15
C THR A 891 4.65 -20.02 -22.22
N TYR A 892 4.57 -19.59 -23.47
CA TYR A 892 4.51 -20.51 -24.60
C TYR A 892 5.86 -20.47 -25.29
N THR A 893 6.39 -21.65 -25.62
CA THR A 893 7.68 -21.78 -26.26
C THR A 893 7.46 -22.18 -27.73
N ILE A 894 7.98 -21.36 -28.62
CA ILE A 894 7.81 -21.57 -30.03
C ILE A 894 9.17 -21.96 -30.62
N THR A 895 9.21 -23.14 -31.26
CA THR A 895 10.46 -23.73 -31.74
C THR A 895 10.24 -24.32 -33.11
N LYS A 896 11.33 -24.51 -33.85
CA LYS A 896 11.22 -25.04 -35.21
C LYS A 896 10.75 -26.52 -35.12
N LYS A 897 9.87 -26.93 -36.03
CA LYS A 897 9.30 -28.29 -36.02
C LYS A 897 10.40 -29.38 -36.05
N THR B 14 -24.92 15.21 32.08
CA THR B 14 -24.78 13.81 31.55
C THR B 14 -25.64 13.53 30.31
N SER B 15 -26.25 14.57 29.74
CA SER B 15 -27.20 14.38 28.62
C SER B 15 -26.57 13.74 27.38
N LYS B 16 -25.29 13.99 27.14
CA LYS B 16 -24.59 13.49 25.95
C LYS B 16 -23.85 12.16 26.22
N ASP B 17 -23.98 11.65 27.44
CA ASP B 17 -23.27 10.43 27.84
C ASP B 17 -24.00 9.18 27.30
N ASP B 18 -23.25 8.09 27.12
CA ASP B 18 -23.81 6.80 26.74
C ASP B 18 -24.25 6.02 27.98
N TRP B 19 -25.53 5.69 28.06
CA TRP B 19 -26.08 4.92 29.18
C TRP B 19 -26.70 3.60 28.78
N LEU B 20 -26.49 2.59 29.61
CA LEU B 20 -27.38 1.42 29.65
C LEU B 20 -28.29 1.75 30.79
N TRP B 21 -29.60 1.65 30.61
CA TRP B 21 -30.46 2.07 31.74
C TRP B 21 -31.73 1.28 31.86
N TYR B 22 -32.28 1.23 33.08
CA TYR B 22 -33.31 0.26 33.50
C TYR B 22 -34.23 0.93 34.49
N LYS B 23 -35.53 0.65 34.37
CA LYS B 23 -36.56 1.31 35.22
C LYS B 23 -36.92 0.46 36.43
N GLN B 24 -36.07 -0.51 36.77
CA GLN B 24 -36.34 -1.41 37.90
C GLN B 24 -35.06 -2.13 38.33
N PRO B 25 -34.99 -2.56 39.61
CA PRO B 25 -33.82 -3.35 40.10
C PRO B 25 -33.54 -4.61 39.31
N ALA B 26 -32.33 -5.14 39.47
CA ALA B 26 -31.98 -6.44 38.89
C ALA B 26 -33.05 -7.49 39.19
N SER B 27 -33.54 -7.53 40.44
CA SER B 27 -34.58 -8.52 40.83
C SER B 27 -35.84 -8.52 39.96
N GLN B 28 -36.15 -7.37 39.35
CA GLN B 28 -37.35 -7.20 38.57
C GLN B 28 -37.07 -7.07 37.06
N THR B 29 -35.81 -7.22 36.66
CA THR B 29 -35.37 -7.15 35.26
C THR B 29 -35.47 -8.54 34.61
N ASP B 30 -35.83 -8.59 33.32
CA ASP B 30 -36.01 -9.84 32.59
C ASP B 30 -34.71 -10.68 32.58
N ALA B 31 -34.79 -11.91 33.10
CA ALA B 31 -33.65 -12.82 33.13
C ALA B 31 -34.07 -14.16 32.49
N THR B 32 -34.94 -14.07 31.48
CA THR B 32 -35.61 -15.25 30.91
C THR B 32 -34.87 -15.86 29.72
N ALA B 33 -33.75 -15.27 29.32
CA ALA B 33 -32.93 -15.86 28.28
C ALA B 33 -32.25 -17.16 28.74
N THR B 34 -31.78 -17.97 27.78
CA THR B 34 -31.11 -19.23 28.08
C THR B 34 -30.03 -19.06 29.17
N ALA B 35 -30.20 -19.80 30.26
CA ALA B 35 -29.29 -19.69 31.43
C ALA B 35 -27.93 -20.32 31.17
N GLY B 36 -27.90 -21.50 30.58
CA GLY B 36 -26.63 -22.17 30.36
C GLY B 36 -26.11 -22.96 31.53
N GLY B 37 -25.07 -23.76 31.28
CA GLY B 37 -24.47 -24.62 32.30
C GLY B 37 -23.96 -23.80 33.46
N ASN B 38 -24.10 -24.36 34.66
CA ASN B 38 -23.67 -23.75 35.92
C ASN B 38 -24.56 -22.62 36.43
N TYR B 39 -25.67 -22.34 35.76
CA TYR B 39 -26.53 -21.27 36.22
C TYR B 39 -27.93 -21.76 36.57
N GLY B 40 -27.98 -22.98 37.14
CA GLY B 40 -29.25 -23.58 37.55
C GLY B 40 -29.82 -22.93 38.80
N ASN B 41 -28.97 -22.20 39.55
CA ASN B 41 -29.45 -21.39 40.67
C ASN B 41 -30.01 -20.09 40.12
N PRO B 42 -31.31 -19.85 40.31
CA PRO B 42 -31.95 -18.65 39.76
C PRO B 42 -31.24 -17.31 40.11
N ASP B 43 -30.67 -17.23 41.32
CA ASP B 43 -29.99 -16.00 41.71
C ASP B 43 -28.72 -15.76 40.90
N ASN B 44 -27.99 -16.83 40.63
CA ASN B 44 -26.79 -16.72 39.84
C ASN B 44 -27.15 -16.39 38.40
N ASN B 45 -28.20 -17.00 37.89
CA ASN B 45 -28.68 -16.61 36.58
C ASN B 45 -29.10 -15.15 36.52
N ARG B 46 -29.81 -14.66 37.55
CA ARG B 46 -30.21 -13.25 37.58
C ARG B 46 -29.00 -12.35 37.49
N TRP B 47 -27.94 -12.71 38.23
CA TRP B 47 -26.70 -11.96 38.22
C TRP B 47 -26.18 -11.73 36.81
N GLN B 48 -26.04 -12.79 36.03
CA GLN B 48 -25.39 -12.70 34.72
C GLN B 48 -26.20 -11.94 33.68
N GLN B 49 -27.53 -11.95 33.85
CA GLN B 49 -28.43 -11.38 32.83
C GLN B 49 -28.80 -9.92 33.12
N THR B 50 -28.68 -9.48 34.37
CA THR B 50 -29.30 -8.20 34.75
C THR B 50 -28.43 -7.20 35.48
N THR B 51 -27.26 -7.63 35.95
CA THR B 51 -26.45 -6.71 36.72
C THR B 51 -25.48 -5.91 35.85
N LEU B 52 -25.02 -4.76 36.38
CA LEU B 52 -24.22 -3.82 35.61
C LEU B 52 -22.78 -3.70 36.08
N PRO B 53 -21.81 -4.04 35.20
CA PRO B 53 -20.39 -4.12 35.60
C PRO B 53 -19.61 -2.81 35.55
N PHE B 54 -18.68 -2.68 36.48
CA PHE B 54 -17.64 -1.62 36.39
C PHE B 54 -16.33 -2.16 36.97
N GLY B 55 -15.22 -1.49 36.68
CA GLY B 55 -13.94 -2.04 37.13
C GLY B 55 -12.84 -1.05 36.87
N ASN B 56 -11.68 -1.32 37.47
CA ASN B 56 -10.48 -0.52 37.21
C ASN B 56 -9.41 -1.40 36.59
N GLY B 57 -9.79 -2.54 36.03
CA GLY B 57 -8.81 -3.51 35.47
C GLY B 57 -8.33 -4.56 36.49
N LYS B 58 -8.59 -4.29 37.79
CA LYS B 58 -8.12 -5.16 38.91
C LYS B 58 -9.25 -5.55 39.85
N ILE B 59 -9.99 -4.58 40.36
CA ILE B 59 -11.22 -4.88 41.10
C ILE B 59 -12.42 -4.54 40.24
N GLY B 60 -13.52 -5.25 40.47
CA GLY B 60 -14.71 -5.11 39.66
C GLY B 60 -15.93 -5.24 40.55
N GLY B 61 -17.00 -4.54 40.18
CA GLY B 61 -18.29 -4.63 40.88
C GLY B 61 -19.35 -4.89 39.81
N THR B 62 -20.41 -5.62 40.19
CA THR B 62 -21.60 -5.76 39.36
C THR B 62 -22.79 -5.36 40.22
N VAL B 63 -23.43 -4.25 39.83
CA VAL B 63 -24.46 -3.62 40.65
C VAL B 63 -25.83 -4.22 40.36
N TRP B 64 -26.54 -4.58 41.44
CA TRP B 64 -27.91 -5.05 41.35
C TRP B 64 -28.93 -3.92 41.41
N GLY B 65 -28.67 -2.91 42.25
CA GLY B 65 -29.58 -1.76 42.38
C GLY B 65 -30.86 -2.06 43.15
N GLU B 66 -30.78 -2.97 44.12
CA GLU B 66 -31.95 -3.35 44.92
C GLU B 66 -32.35 -2.18 45.83
N VAL B 67 -33.65 -2.05 46.07
CA VAL B 67 -34.12 -0.88 46.81
C VAL B 67 -33.66 -0.92 48.28
N SER B 68 -33.89 -2.03 48.96
CA SER B 68 -33.50 -2.16 50.36
C SER B 68 -32.18 -2.91 50.61
N ARG B 69 -32.10 -4.18 50.23
CA ARG B 69 -30.87 -4.94 50.42
C ARG B 69 -30.04 -4.81 49.14
N GLU B 70 -29.41 -3.64 49.00
CA GLU B 70 -28.56 -3.34 47.87
C GLU B 70 -27.35 -4.28 47.89
N ARG B 71 -26.90 -4.65 46.69
CA ARG B 71 -25.84 -5.64 46.51
C ARG B 71 -24.95 -5.26 45.33
N VAL B 72 -23.64 -5.31 45.55
CA VAL B 72 -22.63 -5.17 44.53
C VAL B 72 -21.78 -6.42 44.59
N THR B 73 -21.93 -7.29 43.60
CA THR B 73 -21.13 -8.52 43.56
C THR B 73 -19.69 -8.06 43.27
N PHE B 74 -18.72 -8.63 43.98
CA PHE B 74 -17.38 -8.07 44.03
C PHE B 74 -16.35 -9.06 43.49
N ASN B 75 -15.35 -8.54 42.78
CA ASN B 75 -14.28 -9.34 42.18
C ASN B 75 -12.91 -8.68 42.31
N GLU B 76 -11.86 -9.50 42.40
CA GLU B 76 -10.51 -9.01 42.18
C GLU B 76 -9.78 -10.01 41.26
N GLU B 77 -9.08 -9.49 40.24
CA GLU B 77 -8.59 -10.28 39.11
C GLU B 77 -7.66 -11.45 39.46
N THR B 78 -7.03 -11.40 40.63
CA THR B 78 -5.97 -12.37 40.95
C THR B 78 -6.48 -13.45 41.93
N LEU B 79 -7.77 -13.41 42.28
CA LEU B 79 -8.35 -14.43 43.17
C LEU B 79 -8.58 -15.74 42.44
N TRP B 80 -7.50 -16.50 42.34
CA TRP B 80 -7.42 -17.72 41.57
C TRP B 80 -7.00 -18.88 42.50
N THR B 81 -7.75 -19.98 42.49
CA THR B 81 -7.26 -21.23 43.09
C THR B 81 -6.36 -21.94 42.07
N GLY B 82 -5.70 -23.03 42.53
CA GLY B 82 -4.73 -23.72 41.68
C GLY B 82 -3.30 -23.25 41.91
N GLY B 83 -2.36 -23.82 41.17
CA GLY B 83 -0.99 -23.33 41.15
C GLY B 83 -0.17 -23.84 42.33
N PRO B 84 1.01 -23.26 42.54
CA PRO B 84 1.88 -23.72 43.62
C PRO B 84 1.20 -23.67 44.98
N GLY B 85 1.39 -24.70 45.80
CA GLY B 85 0.71 -24.74 47.10
C GLY B 85 -0.55 -25.59 47.06
N SER B 86 -1.12 -25.82 45.87
CA SER B 86 -2.32 -26.67 45.73
C SER B 86 -1.99 -28.16 45.82
N SER B 87 -0.71 -28.46 45.70
CA SER B 87 -0.16 -29.77 45.97
C SER B 87 1.32 -29.55 46.28
N THR B 88 1.99 -30.63 46.67
CA THR B 88 3.42 -30.60 46.96
C THR B 88 4.25 -30.75 45.69
N SER B 89 3.59 -31.05 44.56
CA SER B 89 4.32 -31.34 43.33
C SER B 89 3.91 -30.47 42.10
N TYR B 90 3.30 -29.32 42.34
CA TYR B 90 2.73 -28.54 41.23
C TYR B 90 3.79 -28.28 40.17
N ASN B 91 3.47 -28.68 38.95
CA ASN B 91 4.38 -28.54 37.82
C ASN B 91 3.62 -28.17 36.55
N GLY B 92 2.64 -27.28 36.68
CA GLY B 92 1.94 -26.76 35.49
C GLY B 92 1.06 -27.75 34.76
N GLY B 93 0.78 -28.89 35.39
CA GLY B 93 -0.06 -29.94 34.83
C GLY B 93 0.69 -30.94 33.94
N ASN B 94 2.01 -30.74 33.77
CA ASN B 94 2.81 -31.57 32.87
C ASN B 94 2.92 -33.03 33.34
N ASN B 95 2.67 -33.95 32.43
CA ASN B 95 2.74 -35.36 32.76
C ASN B 95 3.94 -36.00 32.08
N GLU B 96 5.00 -36.16 32.87
CA GLU B 96 6.27 -36.69 32.38
C GLU B 96 6.18 -38.12 31.85
N THR B 97 5.41 -38.99 32.50
CA THR B 97 5.30 -40.38 32.01
C THR B 97 4.53 -40.44 30.68
N LYS B 98 3.59 -39.51 30.48
CA LYS B 98 2.85 -39.45 29.24
C LYS B 98 3.68 -38.88 28.10
N GLY B 99 4.40 -37.81 28.39
CA GLY B 99 5.12 -37.07 27.37
C GLY B 99 6.38 -37.75 26.91
N GLN B 100 7.08 -38.37 27.87
CA GLN B 100 8.38 -39.05 27.64
C GLN B 100 9.37 -38.20 26.87
N ASN B 101 9.50 -36.93 27.30
CA ASN B 101 10.47 -36.00 26.75
C ASN B 101 10.43 -35.97 25.22
N GLY B 102 9.20 -35.99 24.67
CA GLY B 102 8.98 -35.83 23.23
C GLY B 102 8.85 -37.14 22.48
N ALA B 103 9.10 -38.26 23.15
CA ALA B 103 9.14 -39.55 22.48
C ALA B 103 7.72 -39.97 22.02
N THR B 104 6.71 -39.68 22.86
CA THR B 104 5.33 -40.06 22.57
C THR B 104 4.89 -39.36 21.29
N LEU B 105 5.10 -38.05 21.23
CA LEU B 105 4.73 -37.27 20.05
C LEU B 105 5.50 -37.75 18.81
N ARG B 106 6.80 -37.99 18.98
CA ARG B 106 7.63 -38.49 17.89
C ARG B 106 7.09 -39.80 17.30
N ALA B 107 6.70 -40.73 18.15
CA ALA B 107 6.23 -42.05 17.71
C ALA B 107 4.90 -41.91 16.96
N LEU B 108 4.02 -41.04 17.49
CA LEU B 108 2.73 -40.81 16.85
C LEU B 108 2.87 -40.16 15.49
N ASN B 109 3.75 -39.14 15.40
CA ASN B 109 4.05 -38.50 14.11
C ASN B 109 4.67 -39.47 13.08
N LYS B 110 5.46 -40.43 13.55
CA LYS B 110 6.03 -41.46 12.64
C LYS B 110 4.92 -42.29 12.01
N GLN B 111 3.93 -42.69 12.80
CA GLN B 111 2.81 -43.49 12.28
C GLN B 111 2.07 -42.73 11.20
N LEU B 112 1.86 -41.42 11.43
CA LEU B 112 1.20 -40.56 10.41
C LEU B 112 2.05 -40.43 9.13
N ALA B 113 3.34 -40.20 9.32
CA ALA B 113 4.31 -40.09 8.20
C ALA B 113 4.37 -41.36 7.34
N ASN B 114 4.08 -42.49 7.99
CA ASN B 114 4.14 -43.80 7.35
C ASN B 114 2.79 -44.31 6.85
N GLY B 115 1.76 -43.46 6.91
CA GLY B 115 0.52 -43.76 6.21
C GLY B 115 -0.78 -43.74 7.00
N ALA B 116 -0.69 -43.59 8.33
CA ALA B 116 -1.89 -43.38 9.14
C ALA B 116 -2.63 -42.08 8.81
N GLU B 117 -3.94 -42.15 8.90
CA GLU B 117 -4.75 -40.95 8.73
C GLU B 117 -5.08 -40.35 10.10
N THR B 118 -5.19 -41.22 11.11
CA THR B 118 -5.38 -40.81 12.49
C THR B 118 -4.61 -41.77 13.36
N VAL B 119 -4.29 -41.32 14.57
CA VAL B 119 -3.60 -42.11 15.60
C VAL B 119 -4.39 -41.93 16.89
N ASN B 120 -4.18 -42.79 17.88
CA ASN B 120 -4.80 -42.68 19.19
C ASN B 120 -3.88 -41.75 19.96
N PRO B 121 -4.36 -40.52 20.24
CA PRO B 121 -3.46 -39.51 20.77
C PRO B 121 -3.62 -39.36 22.30
N GLY B 122 -4.13 -40.40 22.96
CA GLY B 122 -4.49 -40.33 24.37
C GLY B 122 -3.38 -40.01 25.36
N ASN B 123 -2.14 -40.35 25.00
CA ASN B 123 -0.97 -39.97 25.83
C ASN B 123 -0.48 -38.53 25.70
N LEU B 124 -1.00 -37.81 24.72
CA LEU B 124 -0.76 -36.38 24.60
C LEU B 124 -1.74 -35.60 25.46
N THR B 125 -1.69 -35.87 26.77
CA THR B 125 -2.59 -35.23 27.72
C THR B 125 -1.81 -34.89 29.01
N GLY B 126 -2.48 -34.22 29.93
CA GLY B 126 -1.87 -33.83 31.20
C GLY B 126 -2.96 -33.15 32.00
N GLY B 127 -2.57 -32.37 33.01
CA GLY B 127 -3.51 -31.56 33.76
C GLY B 127 -4.65 -32.31 34.40
N GLU B 128 -4.35 -33.45 35.00
CA GLU B 128 -5.37 -34.32 35.53
C GLU B 128 -5.95 -33.94 36.89
N ASN B 129 -5.22 -33.13 37.65
CA ASN B 129 -5.63 -32.78 39.02
C ASN B 129 -6.34 -31.44 38.96
N ALA B 130 -7.65 -31.44 39.21
CA ALA B 130 -8.48 -30.21 39.11
C ALA B 130 -8.18 -29.18 40.20
N ALA B 131 -7.59 -29.66 41.30
CA ALA B 131 -7.16 -28.75 42.38
C ALA B 131 -5.90 -27.94 42.00
N GLU B 132 -5.01 -28.57 41.24
CA GLU B 132 -3.83 -27.90 40.69
C GLU B 132 -4.22 -26.91 39.59
N GLN B 133 -5.16 -27.30 38.73
CA GLN B 133 -5.60 -26.38 37.68
C GLN B 133 -6.25 -25.13 38.28
N GLY B 134 -7.22 -25.33 39.15
CA GLY B 134 -7.89 -24.21 39.81
C GLY B 134 -8.75 -23.48 38.83
N ASN B 135 -9.14 -22.27 39.20
CA ASN B 135 -10.07 -21.44 38.45
C ASN B 135 -10.21 -20.07 39.09
N TYR B 136 -10.81 -19.16 38.33
CA TYR B 136 -11.14 -17.82 38.83
C TYR B 136 -12.37 -17.87 39.75
N LEU B 137 -12.27 -17.16 40.88
CA LEU B 137 -13.31 -17.16 41.91
C LEU B 137 -14.01 -15.83 41.96
N ASN B 138 -15.33 -15.85 42.06
CA ASN B 138 -16.04 -14.69 42.58
C ASN B 138 -15.51 -14.42 44.00
N TRP B 139 -15.03 -13.20 44.27
CA TRP B 139 -14.54 -12.86 45.62
C TRP B 139 -15.70 -12.94 46.63
N GLY B 140 -16.78 -12.22 46.36
CA GLY B 140 -17.91 -12.15 47.29
C GLY B 140 -18.87 -11.05 46.85
N ASP B 141 -19.49 -10.40 47.83
CA ASP B 141 -20.44 -9.33 47.54
C ASP B 141 -20.28 -8.27 48.59
N ILE B 142 -20.62 -7.04 48.23
CA ILE B 142 -20.79 -5.96 49.18
C ILE B 142 -22.29 -5.84 49.32
N TYR B 143 -22.78 -5.90 50.55
CA TYR B 143 -24.20 -5.64 50.80
C TYR B 143 -24.38 -4.33 51.51
N LEU B 144 -25.35 -3.55 51.03
CA LEU B 144 -25.73 -2.27 51.63
C LEU B 144 -27.21 -2.37 51.97
N ASP B 145 -27.50 -2.79 53.21
CA ASP B 145 -28.86 -3.14 53.58
C ASP B 145 -29.53 -1.98 54.28
N TYR B 146 -30.48 -1.35 53.60
CA TYR B 146 -31.09 -0.13 54.14
C TYR B 146 -32.20 -0.46 55.15
N GLY B 147 -32.56 -1.74 55.28
CA GLY B 147 -33.56 -2.14 56.29
C GLY B 147 -34.93 -1.54 56.14
N PHE B 148 -35.34 -1.25 54.90
CA PHE B 148 -36.70 -0.71 54.64
C PHE B 148 -37.80 -1.74 54.97
N ASN B 149 -38.92 -1.25 55.52
CA ASN B 149 -40.08 -2.10 55.84
C ASN B 149 -40.75 -2.64 54.60
N ASP B 150 -40.63 -1.89 53.50
CA ASP B 150 -41.10 -2.37 52.21
C ASP B 150 -40.30 -1.70 51.09
N THR B 151 -40.37 -2.30 49.92
CA THR B 151 -39.60 -1.83 48.79
C THR B 151 -40.42 -0.98 47.82
N THR B 152 -41.58 -0.49 48.28
CA THR B 152 -42.39 0.40 47.44
C THR B 152 -41.64 1.66 47.06
N VAL B 153 -41.49 1.87 45.76
CA VAL B 153 -40.85 3.08 45.29
C VAL B 153 -41.64 3.67 44.15
N THR B 154 -41.36 4.95 43.94
CA THR B 154 -41.65 5.65 42.72
C THR B 154 -40.31 6.18 42.15
N GLU B 155 -40.28 6.46 40.85
CA GLU B 155 -39.18 7.15 40.19
C GLU B 155 -37.83 6.39 40.23
N TYR B 156 -37.91 5.08 40.21
CA TYR B 156 -36.72 4.25 40.14
C TYR B 156 -36.01 4.32 38.78
N ARG B 157 -34.69 4.56 38.82
CA ARG B 157 -33.83 4.37 37.66
C ARG B 157 -32.45 3.86 38.09
N ARG B 158 -31.91 2.90 37.33
CA ARG B 158 -30.50 2.50 37.47
C ARG B 158 -29.85 2.56 36.11
N ASP B 159 -28.58 2.88 36.09
CA ASP B 159 -27.90 2.98 34.82
C ASP B 159 -26.44 2.61 34.94
N LEU B 160 -25.84 2.35 33.78
CA LEU B 160 -24.39 2.27 33.69
C LEU B 160 -24.02 3.37 32.71
N ASN B 161 -23.30 4.36 33.23
CA ASN B 161 -22.80 5.44 32.41
C ASN B 161 -21.46 5.01 31.82
N LEU B 162 -21.51 4.57 30.56
CA LEU B 162 -20.33 4.10 29.85
C LEU B 162 -19.31 5.22 29.63
N SER B 163 -19.80 6.45 29.46
CA SER B 163 -18.91 7.59 29.19
C SER B 163 -18.05 8.00 30.39
N LYS B 164 -18.67 7.94 31.57
CA LYS B 164 -18.01 8.32 32.83
C LYS B 164 -17.51 7.14 33.68
N GLY B 165 -17.84 5.91 33.28
CA GLY B 165 -17.30 4.74 33.95
C GLY B 165 -17.85 4.62 35.37
N LYS B 166 -19.15 4.83 35.51
CA LYS B 166 -19.79 4.69 36.81
C LYS B 166 -21.21 4.14 36.69
N ALA B 167 -21.67 3.49 37.77
CA ALA B 167 -23.02 2.90 37.80
C ALA B 167 -23.85 3.79 38.73
N ASP B 168 -25.10 4.07 38.36
CA ASP B 168 -25.96 4.93 39.18
C ASP B 168 -27.27 4.23 39.59
N VAL B 169 -27.80 4.62 40.74
CA VAL B 169 -29.11 4.17 41.20
C VAL B 169 -29.83 5.36 41.83
N THR B 170 -31.10 5.54 41.49
CA THR B 170 -31.91 6.54 42.20
C THR B 170 -33.34 6.06 42.38
N PHE B 171 -33.98 6.50 43.44
CA PHE B 171 -35.39 6.18 43.65
C PHE B 171 -35.95 7.03 44.78
N LYS B 172 -37.29 7.14 44.81
CA LYS B 172 -38.02 7.84 45.88
C LYS B 172 -38.75 6.82 46.70
N HIS B 173 -38.44 6.78 47.98
CA HIS B 173 -39.05 5.82 48.90
C HIS B 173 -39.59 6.63 50.06
N ASP B 174 -40.88 6.45 50.37
CA ASP B 174 -41.54 7.23 51.43
C ASP B 174 -41.19 8.70 51.42
N GLY B 175 -41.24 9.35 50.26
CA GLY B 175 -40.93 10.76 50.13
C GLY B 175 -39.46 11.22 50.22
N VAL B 176 -38.54 10.27 50.35
CA VAL B 176 -37.13 10.61 50.37
C VAL B 176 -36.48 10.03 49.09
N THR B 177 -35.71 10.86 48.38
CA THR B 177 -34.88 10.38 47.25
C THR B 177 -33.53 9.82 47.76
N TYR B 178 -33.22 8.59 47.36
CA TYR B 178 -31.94 7.93 47.68
C TYR B 178 -31.16 7.77 46.39
N THR B 179 -29.88 8.14 46.40
CA THR B 179 -29.03 7.96 45.24
C THR B 179 -27.81 7.12 45.62
N ARG B 180 -27.29 6.39 44.63
CA ARG B 180 -26.06 5.63 44.81
C ARG B 180 -25.26 5.82 43.56
N GLU B 181 -23.95 5.96 43.72
CA GLU B 181 -23.06 6.00 42.59
C GLU B 181 -21.89 5.09 42.90
N TYR B 182 -21.49 4.30 41.92
CA TYR B 182 -20.35 3.40 42.12
C TYR B 182 -19.35 3.52 40.99
N PHE B 183 -18.07 3.53 41.32
CA PHE B 183 -17.04 3.45 40.28
C PHE B 183 -15.80 2.82 40.86
N ALA B 184 -14.91 2.38 39.98
CA ALA B 184 -13.63 1.85 40.43
C ALA B 184 -12.51 2.63 39.72
N SER B 185 -11.81 3.47 40.49
CA SER B 185 -10.70 4.29 39.97
C SER B 185 -9.43 3.48 39.72
N ASN B 186 -8.90 3.60 38.50
CA ASN B 186 -7.57 3.07 38.22
C ASN B 186 -6.44 3.92 38.85
N PRO B 187 -6.43 5.26 38.63
CA PRO B 187 -5.34 6.07 39.24
C PRO B 187 -5.23 5.97 40.77
N ASP B 188 -6.37 5.80 41.46
CA ASP B 188 -6.33 5.67 42.92
C ASP B 188 -6.60 4.25 43.40
N ASN B 189 -6.75 3.33 42.44
CA ASN B 189 -6.79 1.88 42.71
C ASN B 189 -7.82 1.51 43.79
N VAL B 190 -9.01 2.07 43.68
CA VAL B 190 -9.97 2.00 44.76
C VAL B 190 -11.39 2.06 44.22
N MET B 191 -12.29 1.33 44.86
CA MET B 191 -13.70 1.37 44.45
C MET B 191 -14.40 2.34 45.38
N VAL B 192 -15.31 3.13 44.81
CA VAL B 192 -16.00 4.18 45.54
C VAL B 192 -17.51 3.96 45.44
N ALA B 193 -18.18 4.13 46.56
CA ALA B 193 -19.63 4.17 46.58
C ALA B 193 -20.07 5.44 47.28
N ARG B 194 -20.77 6.30 46.56
CA ARG B 194 -21.25 7.57 47.11
C ARG B 194 -22.74 7.41 47.32
N LEU B 195 -23.19 7.56 48.57
CA LEU B 195 -24.58 7.21 48.95
C LEU B 195 -25.26 8.42 49.60
N THR B 196 -26.47 8.75 49.15
CA THR B 196 -27.12 9.95 49.69
C THR B 196 -28.60 9.71 49.98
N ALA B 197 -29.12 10.49 50.93
CA ALA B 197 -30.57 10.66 51.13
C ALA B 197 -30.89 12.15 50.99
N SER B 198 -32.10 12.47 50.50
CA SER B 198 -32.49 13.90 50.28
C SER B 198 -32.87 14.62 51.59
N LYS B 199 -33.09 13.86 52.66
CA LYS B 199 -33.40 14.45 53.95
C LYS B 199 -32.41 13.97 55.00
N ALA B 200 -31.93 14.93 55.77
CA ALA B 200 -31.05 14.68 56.91
C ALA B 200 -31.66 13.63 57.80
N GLY B 201 -30.81 12.72 58.27
CA GLY B 201 -31.20 11.64 59.16
C GLY B 201 -31.78 10.40 58.47
N LYS B 202 -32.02 10.47 57.17
CA LYS B 202 -32.74 9.41 56.49
C LYS B 202 -31.84 8.38 55.81
N LEU B 203 -30.53 8.56 55.89
CA LEU B 203 -29.61 7.55 55.40
C LEU B 203 -29.15 6.63 56.52
N ASN B 204 -29.70 5.41 56.49
CA ASN B 204 -29.47 4.36 57.48
C ASN B 204 -29.27 3.04 56.75
N PHE B 205 -28.14 2.37 56.95
CA PHE B 205 -27.84 1.09 56.29
C PHE B 205 -26.73 0.34 57.01
N ASN B 206 -26.67 -0.96 56.76
CA ASN B 206 -25.62 -1.83 57.25
C ASN B 206 -24.74 -2.24 56.06
N VAL B 207 -23.42 -2.21 56.25
CA VAL B 207 -22.50 -2.68 55.23
C VAL B 207 -21.72 -3.87 55.70
N SER B 208 -21.69 -4.86 54.81
CA SER B 208 -20.98 -6.12 55.04
C SER B 208 -20.32 -6.48 53.71
N MET B 209 -19.31 -7.35 53.77
CA MET B 209 -18.58 -7.76 52.57
C MET B 209 -18.27 -9.24 52.63
N PRO B 210 -19.32 -10.08 52.66
CA PRO B 210 -19.09 -11.50 52.77
C PRO B 210 -18.45 -12.08 51.50
N THR B 211 -17.39 -12.87 51.70
CA THR B 211 -16.82 -13.70 50.66
C THR B 211 -17.81 -14.82 50.32
N ASN B 212 -17.73 -15.27 49.08
CA ASN B 212 -18.57 -16.33 48.58
C ASN B 212 -18.37 -17.60 49.41
N THR B 213 -19.47 -18.19 49.87
CA THR B 213 -19.33 -19.34 50.74
C THR B 213 -18.96 -20.65 50.02
N ASN B 214 -18.90 -20.61 48.69
CA ASN B 214 -18.64 -21.82 47.93
C ASN B 214 -17.15 -22.10 47.63
N TYR B 215 -16.23 -21.28 48.13
CA TYR B 215 -14.83 -21.67 48.08
C TYR B 215 -14.23 -21.88 49.49
N SER B 216 -13.19 -22.69 49.56
CA SER B 216 -12.55 -23.03 50.84
C SER B 216 -11.65 -21.89 51.31
N LYS B 217 -11.77 -21.56 52.60
CA LYS B 217 -11.04 -20.46 53.24
C LYS B 217 -10.36 -20.93 54.55
N THR B 218 -9.17 -20.42 54.82
CA THR B 218 -8.42 -20.79 56.01
C THR B 218 -8.20 -19.54 56.83
N GLY B 219 -8.65 -19.56 58.09
CA GLY B 219 -8.39 -18.47 59.03
C GLY B 219 -9.01 -17.12 58.66
N GLU B 220 -10.20 -17.13 58.04
CA GLU B 220 -10.80 -15.83 57.68
C GLU B 220 -11.35 -15.17 58.92
N THR B 221 -11.10 -13.87 59.07
CA THR B 221 -11.80 -13.07 60.08
C THR B 221 -12.43 -11.84 59.42
N THR B 222 -13.53 -11.36 60.03
CA THR B 222 -14.15 -10.10 59.70
C THR B 222 -14.12 -9.25 60.97
N THR B 223 -13.41 -8.13 60.87
CA THR B 223 -13.24 -7.25 62.01
C THR B 223 -13.49 -5.81 61.65
N VAL B 224 -13.81 -5.05 62.69
CA VAL B 224 -13.97 -3.60 62.60
C VAL B 224 -12.92 -2.92 63.46
N LYS B 225 -12.34 -1.87 62.90
CA LYS B 225 -11.47 -0.99 63.63
C LYS B 225 -11.85 0.42 63.18
N GLY B 226 -12.31 1.22 64.12
CA GLY B 226 -12.80 2.59 63.86
C GLY B 226 -13.82 2.63 62.73
N ASP B 227 -13.48 3.33 61.64
CA ASP B 227 -14.39 3.47 60.48
C ASP B 227 -14.29 2.41 59.35
N THR B 228 -13.53 1.33 59.59
CA THR B 228 -13.16 0.34 58.55
C THR B 228 -13.51 -1.12 58.90
N LEU B 229 -14.07 -1.82 57.89
CA LEU B 229 -14.39 -3.25 57.93
C LEU B 229 -13.36 -4.03 57.14
N THR B 230 -12.71 -5.01 57.78
CA THR B 230 -11.70 -5.81 57.09
C THR B 230 -12.10 -7.29 57.03
N VAL B 231 -12.05 -7.86 55.84
CA VAL B 231 -12.27 -9.28 55.68
C VAL B 231 -10.95 -9.79 55.17
N LYS B 232 -10.33 -10.72 55.89
CA LYS B 232 -9.02 -11.24 55.48
C LYS B 232 -8.86 -12.72 55.83
N GLY B 233 -8.12 -13.45 55.00
CA GLY B 233 -7.92 -14.91 55.21
C GLY B 233 -7.01 -15.47 54.13
N ALA B 234 -7.00 -16.79 53.98
CA ALA B 234 -6.24 -17.45 52.93
C ALA B 234 -7.13 -18.44 52.22
N LEU B 235 -6.87 -18.65 50.93
CA LEU B 235 -7.58 -19.67 50.20
C LEU B 235 -7.16 -21.03 50.72
N GLY B 236 -8.14 -21.92 50.97
CA GLY B 236 -7.85 -23.27 51.41
C GLY B 236 -7.11 -24.10 50.38
N ASN B 237 -7.41 -23.87 49.11
CA ASN B 237 -6.88 -24.68 48.02
C ASN B 237 -5.36 -24.51 47.82
N ASN B 238 -4.87 -23.28 47.92
CA ASN B 238 -3.46 -23.00 47.63
C ASN B 238 -2.77 -22.05 48.58
N GLY B 239 -3.48 -21.55 49.60
CA GLY B 239 -2.89 -20.63 50.57
C GLY B 239 -2.69 -19.17 50.16
N LEU B 240 -3.20 -18.81 48.98
CA LEU B 240 -3.17 -17.42 48.50
C LEU B 240 -3.81 -16.52 49.55
N LEU B 241 -3.16 -15.41 49.87
CA LEU B 241 -3.70 -14.52 50.91
C LEU B 241 -4.64 -13.54 50.25
N TYR B 242 -5.78 -13.26 50.88
CA TYR B 242 -6.64 -12.17 50.41
C TYR B 242 -7.01 -11.20 51.53
N ASN B 243 -7.34 -9.98 51.13
CA ASN B 243 -7.69 -8.93 52.08
C ASN B 243 -8.58 -7.90 51.41
N SER B 244 -9.74 -7.64 52.00
CA SER B 244 -10.58 -6.53 51.48
C SER B 244 -10.98 -5.62 52.62
N GLN B 245 -11.14 -4.34 52.34
CA GLN B 245 -11.47 -3.37 53.37
C GLN B 245 -12.46 -2.39 52.83
N ILE B 246 -13.43 -2.02 53.67
CA ILE B 246 -14.37 -0.94 53.35
C ILE B 246 -14.24 0.17 54.39
N LYS B 247 -13.80 1.33 53.95
CA LYS B 247 -13.67 2.50 54.82
C LYS B 247 -14.92 3.37 54.63
N VAL B 248 -15.65 3.63 55.69
CA VAL B 248 -16.91 4.39 55.64
C VAL B 248 -16.71 5.84 56.15
N VAL B 249 -16.84 6.82 55.25
CA VAL B 249 -16.61 8.22 55.57
C VAL B 249 -17.94 9.00 55.57
N LEU B 250 -18.46 9.32 56.76
CA LEU B 250 -19.67 10.13 56.87
C LEU B 250 -19.35 11.60 56.57
N ASP B 251 -20.24 12.24 55.79
CA ASP B 251 -20.13 13.66 55.51
C ASP B 251 -20.18 14.45 56.80
N ASN B 252 -19.28 15.43 56.91
CA ASN B 252 -18.99 16.19 58.14
C ASN B 252 -20.08 16.38 59.20
N GLY B 253 -19.96 15.71 60.33
CA GLY B 253 -19.51 14.31 60.42
C GLY B 253 -20.86 13.68 60.78
N GLU B 254 -21.83 13.93 59.90
CA GLU B 254 -23.27 13.87 60.19
C GLU B 254 -23.79 12.44 60.18
N GLY B 255 -24.45 12.07 61.28
CA GLY B 255 -24.85 10.69 61.52
C GLY B 255 -23.87 9.95 62.42
N THR B 256 -24.10 8.66 62.57
CA THR B 256 -23.29 7.85 63.46
C THR B 256 -22.80 6.56 62.76
N LEU B 257 -21.56 6.19 63.06
CA LEU B 257 -21.00 4.94 62.58
C LEU B 257 -20.71 4.01 63.78
N SER B 258 -21.16 2.76 63.67
CA SER B 258 -20.96 1.80 64.75
C SER B 258 -20.77 0.38 64.22
N GLU B 259 -20.07 -0.45 64.98
CA GLU B 259 -20.01 -1.85 64.65
C GLU B 259 -21.42 -2.45 64.69
N GLY B 260 -21.78 -3.21 63.66
CA GLY B 260 -23.08 -3.87 63.61
C GLY B 260 -23.18 -4.96 64.66
N SER B 261 -24.40 -5.33 65.01
CA SER B 261 -24.63 -6.29 66.09
C SER B 261 -23.93 -7.63 65.84
N ASP B 262 -23.84 -8.05 64.57
CA ASP B 262 -23.25 -9.34 64.21
C ASP B 262 -21.70 -9.41 64.31
N GLY B 263 -21.07 -8.29 64.65
CA GLY B 263 -19.60 -8.20 64.70
C GLY B 263 -18.89 -8.45 63.37
N ALA B 264 -19.64 -8.29 62.28
CA ALA B 264 -19.14 -8.61 60.94
C ALA B 264 -19.61 -7.57 59.89
N SER B 265 -19.92 -6.38 60.38
CA SER B 265 -20.49 -5.31 59.58
C SER B 265 -20.34 -3.93 60.27
N LEU B 266 -20.62 -2.89 59.50
CA LEU B 266 -20.69 -1.53 60.02
C LEU B 266 -22.09 -1.01 59.84
N LYS B 267 -22.56 -0.26 60.82
CA LYS B 267 -23.88 0.34 60.78
C LYS B 267 -23.74 1.87 60.66
N VAL B 268 -24.42 2.44 59.67
CA VAL B 268 -24.57 3.88 59.51
C VAL B 268 -25.99 4.22 59.93
N SER B 269 -26.12 5.14 60.89
CA SER B 269 -27.42 5.64 61.35
C SER B 269 -27.52 7.16 61.27
N ASP B 270 -28.72 7.63 60.96
CA ASP B 270 -29.07 9.05 61.01
C ASP B 270 -28.15 9.93 60.16
N ALA B 271 -27.67 9.39 59.03
CA ALA B 271 -26.81 10.18 58.12
C ALA B 271 -27.61 10.87 56.99
N LYS B 272 -26.90 11.64 56.18
CA LYS B 272 -27.43 12.21 54.94
C LYS B 272 -26.59 11.78 53.72
N ALA B 273 -25.27 11.76 53.85
CA ALA B 273 -24.40 11.34 52.75
C ALA B 273 -23.16 10.68 53.29
N VAL B 274 -22.70 9.66 52.58
CA VAL B 274 -21.61 8.83 52.99
C VAL B 274 -20.82 8.45 51.74
N THR B 275 -19.50 8.42 51.87
CA THR B 275 -18.61 7.83 50.87
C THR B 275 -17.95 6.58 51.40
N LEU B 276 -18.00 5.50 50.62
CA LEU B 276 -17.28 4.30 50.95
C LEU B 276 -16.06 4.16 50.06
N TYR B 277 -14.93 3.80 50.66
CA TYR B 277 -13.73 3.41 49.92
C TYR B 277 -13.48 1.94 50.15
N ILE B 278 -13.37 1.21 49.05
CA ILE B 278 -13.32 -0.25 49.06
C ILE B 278 -12.10 -0.65 48.29
N ALA B 279 -11.24 -1.43 48.93
CA ALA B 279 -10.03 -1.93 48.32
C ALA B 279 -9.87 -3.42 48.56
N ALA B 280 -9.15 -4.10 47.69
CA ALA B 280 -8.90 -5.51 47.88
C ALA B 280 -7.60 -5.89 47.19
N ALA B 281 -6.96 -6.94 47.70
CA ALA B 281 -5.74 -7.45 47.09
C ALA B 281 -5.45 -8.84 47.59
N THR B 282 -4.62 -9.52 46.83
CA THR B 282 -4.03 -10.78 47.25
C THR B 282 -2.51 -10.64 47.22
N ASP B 283 -1.82 -11.71 47.65
CA ASP B 283 -0.36 -11.82 47.48
C ASP B 283 0.04 -12.57 46.20
N TYR B 284 -0.88 -12.65 45.25
CA TYR B 284 -0.52 -13.15 43.93
C TYR B 284 0.59 -12.32 43.29
N LYS B 285 1.44 -12.98 42.51
CA LYS B 285 2.34 -12.28 41.60
C LYS B 285 2.51 -13.14 40.37
N GLN B 286 2.48 -12.55 39.17
CA GLN B 286 2.75 -13.32 37.96
C GLN B 286 4.29 -13.48 37.80
N LYS B 287 4.82 -14.41 38.58
CA LYS B 287 6.27 -14.62 38.70
C LYS B 287 6.47 -16.11 38.89
N TYR B 288 6.81 -16.79 37.80
CA TYR B 288 7.12 -18.21 37.86
C TYR B 288 8.44 -18.39 38.63
N PRO B 289 8.53 -19.47 39.47
CA PRO B 289 7.51 -20.47 39.77
C PRO B 289 6.60 -20.29 41.01
N SER B 290 6.91 -19.37 41.91
CA SER B 290 6.20 -19.30 43.20
C SER B 290 4.85 -18.58 43.11
N TYR B 291 4.72 -17.69 42.12
CA TYR B 291 3.50 -16.89 41.92
C TYR B 291 3.01 -16.14 43.18
N ARG B 292 3.96 -15.66 43.98
CA ARG B 292 3.62 -14.88 45.17
C ARG B 292 4.51 -13.65 45.29
N THR B 293 4.01 -12.61 45.95
CA THR B 293 4.78 -11.39 46.19
C THR B 293 5.81 -11.62 47.30
N GLY B 294 5.49 -12.55 48.20
CA GLY B 294 6.36 -12.88 49.34
C GLY B 294 5.98 -12.06 50.56
N GLU B 295 4.89 -11.31 50.42
CA GLU B 295 4.33 -10.54 51.53
C GLU B 295 3.70 -11.48 52.54
N THR B 296 3.73 -11.05 53.80
CA THR B 296 2.94 -11.69 54.85
C THR B 296 1.50 -11.15 54.85
N ALA B 297 0.57 -11.86 55.50
CA ALA B 297 -0.79 -11.33 55.67
C ALA B 297 -0.80 -9.91 56.23
N ALA B 298 0.09 -9.62 57.19
CA ALA B 298 0.15 -8.28 57.77
C ALA B 298 0.55 -7.21 56.76
N GLU B 299 1.50 -7.53 55.90
CA GLU B 299 1.96 -6.62 54.85
C GLU B 299 0.89 -6.32 53.78
N VAL B 300 0.10 -7.34 53.43
CA VAL B 300 -1.05 -7.15 52.51
C VAL B 300 -2.09 -6.26 53.22
N ASN B 301 -2.35 -6.52 54.50
CA ASN B 301 -3.26 -5.70 55.27
C ASN B 301 -2.87 -4.22 55.29
N THR B 302 -1.60 -3.93 55.56
CA THR B 302 -1.04 -2.57 55.59
C THR B 302 -1.20 -1.89 54.22
N ARG B 303 -0.91 -2.64 53.16
CA ARG B 303 -1.05 -2.19 51.76
C ARG B 303 -2.49 -1.79 51.42
N VAL B 304 -3.45 -2.67 51.73
CA VAL B 304 -4.86 -2.39 51.44
C VAL B 304 -5.38 -1.24 52.29
N ALA B 305 -4.99 -1.20 53.57
CA ALA B 305 -5.29 -0.08 54.49
C ALA B 305 -4.85 1.25 53.90
N LYS B 306 -3.67 1.28 53.32
CA LYS B 306 -3.15 2.52 52.72
C LYS B 306 -3.95 2.95 51.49
N VAL B 307 -4.44 1.99 50.71
CA VAL B 307 -5.23 2.33 49.52
C VAL B 307 -6.46 3.14 49.89
N VAL B 308 -7.22 2.62 50.85
CA VAL B 308 -8.46 3.30 51.27
C VAL B 308 -8.12 4.56 52.04
N GLN B 309 -7.07 4.56 52.86
CA GLN B 309 -6.72 5.80 53.58
C GLN B 309 -6.25 6.92 52.64
N ASP B 310 -5.37 6.61 51.69
CA ASP B 310 -4.93 7.63 50.70
C ASP B 310 -6.09 8.25 49.88
N ALA B 311 -7.01 7.38 49.44
CA ALA B 311 -8.16 7.81 48.67
C ALA B 311 -9.01 8.74 49.53
N ALA B 312 -9.22 8.37 50.80
CA ALA B 312 -10.04 9.20 51.67
C ALA B 312 -9.35 10.54 51.92
N ASN B 313 -8.03 10.53 52.04
CA ASN B 313 -7.24 11.77 52.24
C ASN B 313 -7.38 12.73 51.05
N LYS B 314 -7.46 12.20 49.83
CA LYS B 314 -7.70 13.01 48.63
C LYS B 314 -9.14 13.52 48.61
N GLY B 315 -10.06 12.69 49.08
CA GLY B 315 -11.47 13.07 49.16
C GLY B 315 -12.29 12.71 47.93
N TYR B 316 -13.60 12.68 48.10
CA TYR B 316 -14.50 12.15 47.07
C TYR B 316 -14.39 12.94 45.76
N THR B 317 -14.43 14.27 45.87
CA THR B 317 -14.42 15.12 44.67
C THR B 317 -13.19 14.85 43.80
N ALA B 318 -12.01 14.82 44.43
CA ALA B 318 -10.73 14.63 43.74
C ALA B 318 -10.63 13.23 43.14
N VAL B 319 -11.05 12.23 43.91
CA VAL B 319 -10.97 10.85 43.44
C VAL B 319 -11.87 10.67 42.24
N LYS B 320 -13.11 11.17 42.34
CA LYS B 320 -14.10 11.04 41.25
C LYS B 320 -13.57 11.74 40.00
N LYS B 321 -13.02 12.94 40.18
CA LYS B 321 -12.43 13.68 39.06
C LYS B 321 -11.29 12.92 38.39
N ALA B 322 -10.31 12.45 39.15
CA ALA B 322 -9.19 11.71 38.53
C ALA B 322 -9.72 10.45 37.85
N HIS B 323 -10.74 9.81 38.43
CA HIS B 323 -11.32 8.62 37.77
C HIS B 323 -11.94 8.95 36.42
N ILE B 324 -12.84 9.91 36.43
CA ILE B 324 -13.60 10.24 35.21
C ILE B 324 -12.64 10.75 34.12
N ASP B 325 -11.63 11.53 34.51
CA ASP B 325 -10.64 11.98 33.53
C ASP B 325 -9.90 10.81 32.89
N ASP B 326 -9.49 9.86 33.74
CA ASP B 326 -8.73 8.67 33.33
C ASP B 326 -9.59 7.77 32.43
N HIS B 327 -10.82 7.47 32.87
CA HIS B 327 -11.75 6.64 32.08
C HIS B 327 -12.09 7.27 30.73
N SER B 328 -12.59 8.50 30.77
CA SER B 328 -13.05 9.17 29.55
C SER B 328 -11.90 9.43 28.56
N ALA B 329 -10.66 9.55 29.04
CA ALA B 329 -9.54 9.78 28.12
C ALA B 329 -9.40 8.61 27.12
N ILE B 330 -9.70 7.40 27.57
CA ILE B 330 -9.64 6.23 26.68
C ILE B 330 -10.98 6.04 25.96
N TYR B 331 -12.07 6.16 26.72
CA TYR B 331 -13.42 5.88 26.21
C TYR B 331 -13.83 6.86 25.11
N ASP B 332 -13.59 8.15 25.33
CA ASP B 332 -13.97 9.18 24.34
C ASP B 332 -13.09 9.26 23.07
N ARG B 333 -12.08 8.39 22.95
CA ARG B 333 -11.24 8.40 21.75
C ARG B 333 -12.00 8.09 20.46
N VAL B 334 -13.05 7.26 20.60
CA VAL B 334 -13.86 6.79 19.51
C VAL B 334 -15.28 7.33 19.65
N LYS B 335 -15.79 7.89 18.54
CA LYS B 335 -17.18 8.36 18.47
C LYS B 335 -17.80 7.75 17.21
N ILE B 336 -19.01 7.24 17.35
CA ILE B 336 -19.72 6.59 16.23
C ILE B 336 -21.15 7.11 16.17
N ASP B 337 -21.52 7.64 15.00
CA ASP B 337 -22.89 8.08 14.77
C ASP B 337 -23.51 7.33 13.59
N LEU B 338 -24.44 6.43 13.88
CA LEU B 338 -25.23 5.73 12.86
C LEU B 338 -26.69 6.23 12.83
N GLY B 339 -26.94 7.32 13.55
CA GLY B 339 -28.29 7.91 13.67
C GLY B 339 -29.08 7.35 14.86
N GLN B 340 -28.36 6.81 15.82
CA GLN B 340 -28.99 6.26 17.01
C GLN B 340 -29.79 7.25 17.85
N SER B 341 -30.85 6.76 18.48
CA SER B 341 -31.42 7.41 19.65
C SER B 341 -30.50 7.17 20.86
N GLY B 342 -30.82 7.81 21.99
CA GLY B 342 -30.06 7.58 23.23
C GLY B 342 -30.93 7.90 24.43
N HIS B 343 -30.34 7.90 25.63
CA HIS B 343 -31.17 8.07 26.85
C HIS B 343 -31.81 9.44 26.97
N SER B 344 -31.28 10.42 26.23
CA SER B 344 -31.79 11.80 26.22
C SER B 344 -32.81 12.10 25.12
N SER B 345 -33.03 11.15 24.20
CA SER B 345 -34.02 11.28 23.13
C SER B 345 -35.43 11.48 23.70
N ASP B 346 -36.27 12.25 23.01
CA ASP B 346 -37.69 12.26 23.36
C ASP B 346 -38.24 10.85 23.27
N GLY B 347 -38.84 10.38 24.36
CA GLY B 347 -39.42 9.04 24.38
C GLY B 347 -38.34 7.97 24.47
N ALA B 348 -37.19 8.30 25.08
CA ALA B 348 -36.08 7.34 25.16
C ALA B 348 -36.53 6.01 25.79
N VAL B 349 -36.09 4.88 25.21
CA VAL B 349 -36.44 3.56 25.74
C VAL B 349 -35.33 2.99 26.64
N ALA B 350 -35.72 2.32 27.72
CA ALA B 350 -34.79 1.62 28.59
C ALA B 350 -34.11 0.49 27.80
N THR B 351 -32.91 0.10 28.23
CA THR B 351 -32.07 -0.84 27.47
C THR B 351 -32.67 -2.26 27.40
N ASP B 352 -33.28 -2.71 28.49
CA ASP B 352 -33.95 -3.99 28.48
C ASP B 352 -35.14 -3.99 27.51
N ALA B 353 -35.92 -2.90 27.56
CA ALA B 353 -37.07 -2.69 26.65
C ALA B 353 -36.55 -2.63 25.21
N LEU B 354 -35.44 -1.91 25.00
CA LEU B 354 -34.82 -1.80 23.67
C LEU B 354 -34.41 -3.17 23.13
N LEU B 355 -33.76 -3.98 23.97
CA LEU B 355 -33.36 -5.35 23.54
C LEU B 355 -34.58 -6.15 23.09
N LYS B 356 -35.66 -6.13 23.87
CA LYS B 356 -36.87 -6.91 23.48
C LYS B 356 -37.47 -6.40 22.17
N ALA B 357 -37.48 -5.09 22.00
CA ALA B 357 -38.03 -4.47 20.77
C ALA B 357 -37.19 -4.93 19.57
N TYR B 358 -35.88 -5.05 19.78
CA TYR B 358 -34.95 -5.37 18.70
C TYR B 358 -35.19 -6.82 18.34
N GLN B 359 -35.37 -7.66 19.35
CA GLN B 359 -35.68 -9.06 19.14
C GLN B 359 -37.03 -9.26 18.42
N ARG B 360 -38.03 -8.46 18.80
CA ARG B 360 -39.40 -8.54 18.20
C ARG B 360 -39.45 -8.04 16.76
N GLY B 361 -38.57 -7.10 16.45
CA GLY B 361 -38.58 -6.40 15.17
C GLY B 361 -39.42 -5.12 15.22
N SER B 362 -39.73 -4.64 16.42
CA SER B 362 -40.60 -3.47 16.60
C SER B 362 -39.81 -2.22 16.99
N ALA B 363 -38.48 -2.35 17.05
CA ALA B 363 -37.66 -1.19 17.32
C ALA B 363 -37.65 -0.27 16.09
N THR B 364 -37.68 1.05 16.31
CA THR B 364 -37.52 1.99 15.23
C THR B 364 -36.11 1.85 14.66
N THR B 365 -35.89 2.38 13.46
CA THR B 365 -34.53 2.49 12.91
C THR B 365 -33.57 3.16 13.90
N ALA B 366 -33.95 4.31 14.46
CA ALA B 366 -33.09 5.03 15.40
C ALA B 366 -32.76 4.13 16.61
N GLN B 367 -33.75 3.33 17.03
CA GLN B 367 -33.55 2.39 18.14
C GLN B 367 -32.65 1.21 17.76
N LYS B 368 -32.79 0.66 16.55
CA LYS B 368 -31.85 -0.40 16.12
C LYS B 368 -30.41 0.14 16.13
N ARG B 369 -30.22 1.36 15.64
CA ARG B 369 -28.90 2.01 15.63
C ARG B 369 -28.46 2.19 17.06
N GLU B 370 -29.39 2.56 17.95
CA GLU B 370 -29.03 2.68 19.37
C GLU B 370 -28.49 1.35 19.95
N LEU B 371 -29.20 0.24 19.78
CA LEU B 371 -28.71 -1.01 20.35
C LEU B 371 -27.36 -1.42 19.74
N GLU B 372 -27.22 -1.26 18.43
CA GLU B 372 -26.01 -1.70 17.72
C GLU B 372 -24.79 -0.92 18.19
N THR B 373 -24.99 0.37 18.30
CA THR B 373 -23.98 1.33 18.74
C THR B 373 -23.67 1.17 20.27
N LEU B 374 -24.68 0.90 21.07
CA LEU B 374 -24.44 0.64 22.51
C LEU B 374 -23.64 -0.67 22.69
N VAL B 375 -24.00 -1.72 21.96
CA VAL B 375 -23.25 -2.99 22.08
C VAL B 375 -21.80 -2.78 21.63
N TYR B 376 -21.63 -2.06 20.53
CA TYR B 376 -20.31 -1.68 20.05
C TYR B 376 -19.52 -0.97 21.13
N LYS B 377 -20.11 0.06 21.69
CA LYS B 377 -19.43 0.87 22.72
C LYS B 377 -19.12 0.09 24.00
N TYR B 378 -20.00 -0.86 24.36
CA TYR B 378 -19.82 -1.68 25.58
C TYR B 378 -18.57 -2.55 25.49
N GLY B 379 -18.27 -3.07 24.30
CA GLY B 379 -17.03 -3.81 24.11
C GLY B 379 -15.77 -2.99 24.44
N ARG B 380 -15.81 -1.71 24.10
CA ARG B 380 -14.71 -0.81 24.47
C ARG B 380 -14.72 -0.53 25.98
N TYR B 381 -15.88 -0.19 26.50
CA TYR B 381 -16.09 -0.04 27.93
C TYR B 381 -15.55 -1.24 28.74
N LEU B 382 -15.95 -2.46 28.33
CA LEU B 382 -15.60 -3.64 29.09
C LEU B 382 -14.10 -3.90 29.05
N THR B 383 -13.45 -3.46 27.97
CA THR B 383 -12.00 -3.49 27.93
C THR B 383 -11.40 -2.62 29.04
N ILE B 384 -11.87 -1.37 29.13
CA ILE B 384 -11.36 -0.43 30.15
C ILE B 384 -11.54 -1.03 31.56
N GLY B 385 -12.68 -1.65 31.78
CA GLY B 385 -13.01 -2.24 33.09
C GLY B 385 -12.21 -3.47 33.50
N SER B 386 -11.71 -4.25 32.54
CA SER B 386 -11.11 -5.57 32.83
C SER B 386 -9.62 -5.73 32.44
N SER B 387 -9.09 -4.76 31.68
CA SER B 387 -7.74 -4.92 31.09
C SER B 387 -7.10 -3.55 31.02
N ARG B 388 -6.51 -3.12 32.14
CA ARG B 388 -5.76 -1.86 32.11
C ARG B 388 -4.27 -2.09 31.98
N GLU B 389 -3.54 -1.04 31.58
CA GLU B 389 -2.09 -1.18 31.42
C GLU B 389 -1.41 -1.69 32.69
N ASN B 390 -1.98 -1.39 33.86
CA ASN B 390 -1.42 -1.87 35.13
C ASN B 390 -2.19 -3.04 35.77
N SER B 391 -3.09 -3.67 35.01
CA SER B 391 -3.68 -4.95 35.44
C SER B 391 -2.60 -6.02 35.60
N GLN B 392 -2.75 -6.91 36.57
CA GLN B 392 -1.80 -8.02 36.68
C GLN B 392 -2.12 -9.17 35.72
N LEU B 393 -3.35 -9.26 35.24
CA LEU B 393 -3.74 -10.35 34.32
C LEU B 393 -4.60 -9.78 33.19
N PRO B 394 -4.60 -10.45 32.02
CA PRO B 394 -5.49 -9.98 30.98
C PRO B 394 -6.95 -10.33 31.33
N SER B 395 -7.88 -9.88 30.51
CA SER B 395 -9.26 -10.25 30.68
C SER B 395 -9.38 -11.77 30.55
N ASN B 396 -10.17 -12.40 31.43
CA ASN B 396 -10.49 -13.81 31.29
C ASN B 396 -11.82 -14.06 30.52
N LEU B 397 -12.36 -15.29 30.59
CA LEU B 397 -13.61 -15.63 29.92
C LEU B 397 -14.77 -14.72 30.30
N GLN B 398 -14.66 -14.09 31.47
CA GLN B 398 -15.68 -13.18 31.97
C GLN B 398 -15.15 -11.79 32.24
N GLY B 399 -14.00 -11.47 31.66
CA GLY B 399 -13.37 -10.15 31.85
C GLY B 399 -12.71 -10.16 33.22
N ILE B 400 -13.41 -9.60 34.20
CA ILE B 400 -13.08 -9.81 35.62
C ILE B 400 -14.32 -10.10 36.45
N TRP B 401 -15.49 -10.25 35.81
CA TRP B 401 -16.76 -10.24 36.54
C TRP B 401 -17.38 -11.64 36.68
N SER B 402 -17.62 -12.06 37.91
CA SER B 402 -18.20 -13.35 38.19
C SER B 402 -18.98 -13.36 39.51
N VAL B 403 -19.95 -14.27 39.58
CA VAL B 403 -20.71 -14.47 40.82
C VAL B 403 -20.48 -15.91 41.33
N THR B 404 -20.07 -16.80 40.45
CA THR B 404 -19.89 -18.22 40.78
C THR B 404 -18.52 -18.48 41.39
N ALA B 405 -18.45 -19.47 42.28
CA ALA B 405 -17.15 -19.81 42.89
C ALA B 405 -17.12 -21.26 43.29
N GLY B 406 -15.96 -21.86 43.11
CA GLY B 406 -15.68 -23.18 43.71
C GLY B 406 -14.18 -23.39 43.61
N ASP B 407 -13.64 -24.45 44.26
CA ASP B 407 -12.17 -24.56 44.33
C ASP B 407 -11.49 -25.14 43.10
N ASN B 408 -12.12 -26.12 42.48
CA ASN B 408 -11.49 -26.94 41.46
C ASN B 408 -11.93 -26.55 40.05
N ALA B 409 -11.06 -26.80 39.06
CA ALA B 409 -11.39 -26.58 37.64
C ALA B 409 -12.63 -27.34 37.24
N HIS B 410 -13.32 -26.84 36.20
CA HIS B 410 -14.49 -27.53 35.65
C HIS B 410 -15.47 -27.86 36.77
N GLY B 411 -15.71 -26.87 37.64
CA GLY B 411 -16.57 -27.05 38.78
C GLY B 411 -17.79 -26.15 38.68
N ASN B 412 -17.80 -25.16 39.58
CA ASN B 412 -18.94 -24.26 39.78
C ASN B 412 -19.01 -23.08 38.82
N THR B 413 -17.89 -22.83 38.16
CA THR B 413 -17.75 -21.70 37.21
C THR B 413 -17.46 -22.26 35.83
N PRO B 414 -18.20 -21.81 34.80
CA PRO B 414 -18.09 -22.40 33.46
C PRO B 414 -16.67 -22.22 32.94
N TRP B 415 -16.05 -23.34 32.61
CA TRP B 415 -14.68 -23.35 32.07
C TRP B 415 -13.75 -22.55 32.94
N GLY B 416 -14.03 -22.61 34.25
CA GLY B 416 -13.30 -21.88 35.30
C GLY B 416 -13.11 -20.39 35.10
N SER B 417 -13.88 -19.79 34.17
CA SER B 417 -13.73 -18.38 33.79
C SER B 417 -12.26 -18.09 33.53
N ASP B 418 -11.62 -19.00 32.80
CA ASP B 418 -10.16 -19.05 32.70
C ASP B 418 -9.64 -18.26 31.51
N PHE B 419 -8.39 -18.56 31.12
CA PHE B 419 -7.80 -18.01 29.89
C PHE B 419 -7.85 -19.09 28.82
N HIS B 420 -8.82 -18.98 27.93
CA HIS B 420 -9.10 -20.03 26.94
C HIS B 420 -8.43 -19.60 25.63
N MET B 421 -7.30 -20.22 25.29
CA MET B 421 -6.40 -19.63 24.28
C MET B 421 -6.51 -20.24 22.90
N ASN B 422 -7.68 -20.77 22.59
CA ASN B 422 -7.93 -21.31 21.26
C ASN B 422 -9.13 -20.68 20.57
N VAL B 423 -9.33 -19.41 20.85
CA VAL B 423 -10.20 -18.44 20.14
C VAL B 423 -10.63 -17.37 21.10
N ASN B 424 -10.94 -17.76 22.33
CA ASN B 424 -11.63 -16.87 23.25
C ASN B 424 -10.77 -15.70 23.77
N LEU B 425 -9.58 -16.01 24.31
CA LEU B 425 -8.69 -14.96 24.79
C LEU B 425 -8.25 -14.10 23.61
N GLN B 426 -8.03 -14.73 22.48
CA GLN B 426 -7.73 -14.01 21.22
C GLN B 426 -8.83 -12.95 20.92
N MET B 427 -10.07 -13.38 20.97
CA MET B 427 -11.24 -12.50 20.73
C MET B 427 -11.33 -11.35 21.73
N ASN B 428 -11.00 -11.62 23.00
CA ASN B 428 -10.91 -10.56 24.00
C ASN B 428 -10.04 -9.40 23.50
N TYR B 429 -9.05 -9.72 22.69
CA TYR B 429 -8.08 -8.70 22.22
C TYR B 429 -8.15 -8.43 20.71
N TRP B 430 -9.30 -8.77 20.09
CA TRP B 430 -9.50 -8.41 18.67
C TRP B 430 -9.76 -6.89 18.45
N PRO B 431 -10.52 -6.22 19.34
CA PRO B 431 -10.78 -4.80 19.07
C PRO B 431 -9.77 -3.84 19.69
N THR B 432 -8.80 -4.37 20.41
CA THR B 432 -8.03 -3.55 21.34
C THR B 432 -7.27 -2.43 20.64
N TYR B 433 -6.68 -2.75 19.49
CA TYR B 433 -5.94 -1.76 18.70
C TYR B 433 -6.84 -0.94 17.82
N SER B 434 -7.68 -1.61 17.03
CA SER B 434 -8.51 -0.92 16.02
C SER B 434 -9.49 0.08 16.65
N ALA B 435 -9.96 -0.21 17.86
CA ALA B 435 -10.91 0.66 18.58
C ALA B 435 -10.15 1.60 19.54
N ASN B 436 -8.84 1.76 19.30
CA ASN B 436 -8.04 2.80 19.93
C ASN B 436 -7.89 2.59 21.44
N MET B 437 -7.53 1.37 21.83
CA MET B 437 -7.18 1.08 23.23
C MET B 437 -5.87 0.29 23.29
N GLY B 438 -4.95 0.60 22.38
CA GLY B 438 -3.71 -0.18 22.22
C GLY B 438 -2.95 -0.46 23.51
N GLU B 439 -2.87 0.53 24.40
CA GLU B 439 -2.07 0.34 25.60
C GLU B 439 -2.73 -0.67 26.55
N LEU B 440 -4.02 -0.93 26.34
CA LEU B 440 -4.76 -1.90 27.13
C LEU B 440 -4.43 -3.37 26.79
N ALA B 441 -3.60 -3.60 25.76
CA ALA B 441 -3.18 -4.95 25.37
C ALA B 441 -1.98 -5.38 26.22
N GLU B 442 -1.41 -4.44 26.98
CA GLU B 442 -0.19 -4.69 27.76
C GLU B 442 -0.30 -5.91 28.69
N PRO B 443 -1.40 -6.05 29.46
CA PRO B 443 -1.46 -7.32 30.24
C PRO B 443 -1.50 -8.59 29.38
N LEU B 444 -2.01 -8.55 28.16
CA LEU B 444 -1.90 -9.74 27.30
C LEU B 444 -0.44 -10.03 26.92
N ILE B 445 0.28 -8.99 26.51
CA ILE B 445 1.66 -9.19 26.14
C ILE B 445 2.41 -9.75 27.34
N GLU B 446 2.21 -9.16 28.52
CA GLU B 446 2.90 -9.64 29.71
C GLU B 446 2.50 -11.10 30.05
N TYR B 447 1.23 -11.42 29.88
CA TYR B 447 0.75 -12.79 30.10
C TYR B 447 1.47 -13.81 29.20
N VAL B 448 1.58 -13.49 27.93
CA VAL B 448 2.22 -14.40 26.97
C VAL B 448 3.71 -14.52 27.31
N GLU B 449 4.33 -13.40 27.65
CA GLU B 449 5.72 -13.46 28.16
C GLU B 449 5.80 -14.39 29.36
N GLY B 450 4.80 -14.32 30.24
CA GLY B 450 4.77 -15.16 31.46
C GLY B 450 4.61 -16.65 31.17
N LEU B 451 4.13 -16.98 29.97
CA LEU B 451 4.01 -18.38 29.61
C LEU B 451 5.33 -19.02 29.18
N VAL B 452 6.35 -18.21 28.92
CA VAL B 452 7.60 -18.74 28.39
C VAL B 452 8.30 -19.69 29.37
N LYS B 453 8.47 -19.29 30.64
CA LYS B 453 9.12 -20.21 31.58
C LYS B 453 8.34 -21.49 31.85
N PRO B 454 7.06 -21.41 32.26
CA PRO B 454 6.36 -22.69 32.37
C PRO B 454 6.28 -23.45 31.05
N GLY B 455 6.10 -22.73 29.94
CA GLY B 455 5.88 -23.36 28.65
C GLY B 455 7.11 -24.08 28.14
N ARG B 456 8.29 -23.69 28.63
CA ARG B 456 9.53 -24.42 28.26
C ARG B 456 9.55 -25.77 28.92
N VAL B 457 8.98 -25.86 30.11
CA VAL B 457 8.79 -27.17 30.76
C VAL B 457 7.92 -28.07 29.89
N THR B 458 6.75 -27.55 29.48
CA THR B 458 5.83 -28.28 28.66
C THR B 458 6.49 -28.71 27.34
N ALA B 459 7.25 -27.80 26.73
CA ALA B 459 7.92 -28.08 25.47
C ALA B 459 8.92 -29.24 25.61
N LYS B 460 9.63 -29.28 26.74
CA LYS B 460 10.57 -30.38 27.02
C LYS B 460 9.83 -31.70 27.18
N VAL B 461 8.81 -31.70 28.04
CA VAL B 461 8.05 -32.95 28.32
C VAL B 461 7.35 -33.53 27.10
N TYR B 462 6.68 -32.69 26.31
CA TYR B 462 5.86 -33.18 25.21
C TYR B 462 6.51 -33.15 23.86
N ALA B 463 7.46 -32.24 23.66
CA ALA B 463 8.08 -32.09 22.34
C ALA B 463 9.61 -32.33 22.30
N GLY B 464 10.24 -32.61 23.45
CA GLY B 464 11.70 -32.80 23.54
C GLY B 464 12.51 -31.53 23.28
N ALA B 465 11.89 -30.38 23.50
CA ALA B 465 12.53 -29.07 23.34
C ALA B 465 12.98 -28.62 24.71
N GLU B 466 14.26 -28.90 25.01
CA GLU B 466 14.82 -28.56 26.32
C GLU B 466 15.67 -27.31 26.27
N THR B 467 15.26 -26.33 27.05
CA THR B 467 16.04 -25.12 27.20
C THR B 467 16.85 -25.37 28.48
N THR B 468 18.17 -25.25 28.39
CA THR B 468 18.99 -25.32 29.58
C THR B 468 18.78 -24.01 30.35
N ASN B 469 18.68 -24.09 31.67
CA ASN B 469 18.35 -22.90 32.49
C ASN B 469 17.06 -22.23 31.99
N PRO B 470 15.93 -22.98 31.96
CA PRO B 470 14.67 -22.44 31.37
C PRO B 470 14.12 -21.22 32.11
N GLU B 471 14.56 -21.01 33.34
CA GLU B 471 14.09 -19.89 34.15
C GLU B 471 14.93 -18.62 33.98
N THR B 472 16.06 -18.71 33.30
CA THR B 472 16.97 -17.55 33.21
C THR B 472 17.41 -17.24 31.77
N THR B 473 17.24 -18.20 30.84
CA THR B 473 17.61 -17.96 29.45
C THR B 473 16.60 -16.96 28.87
N PRO B 474 17.09 -15.83 28.29
CA PRO B 474 16.19 -14.77 27.82
C PRO B 474 15.16 -15.28 26.82
N ILE B 475 13.95 -14.72 26.87
CA ILE B 475 12.96 -15.02 25.83
C ILE B 475 13.60 -14.74 24.48
N GLY B 476 13.55 -15.71 23.58
CA GLY B 476 14.17 -15.55 22.26
C GLY B 476 15.32 -16.51 22.04
N GLU B 477 15.97 -16.90 23.14
CA GLU B 477 17.10 -17.85 23.06
C GLU B 477 16.85 -19.25 23.63
N GLY B 478 15.64 -19.51 24.10
CA GLY B 478 15.23 -20.85 24.53
C GLY B 478 14.91 -21.76 23.35
N GLU B 479 14.66 -23.04 23.63
CA GLU B 479 14.25 -24.03 22.58
C GLU B 479 12.78 -23.96 22.15
N GLY B 480 11.95 -23.28 22.92
CA GLY B 480 10.52 -23.18 22.62
C GLY B 480 9.67 -23.22 23.87
N TYR B 481 8.54 -22.51 23.83
CA TYR B 481 7.59 -22.56 24.93
C TYR B 481 6.27 -23.04 24.35
N MET B 482 5.66 -24.01 25.02
CA MET B 482 4.46 -24.70 24.52
C MET B 482 3.36 -24.49 25.55
N ALA B 483 2.19 -24.07 25.07
CA ALA B 483 0.99 -23.92 25.89
C ALA B 483 -0.18 -24.33 25.02
N HIS B 484 -1.28 -24.69 25.67
CA HIS B 484 -2.43 -25.24 24.97
C HIS B 484 -3.72 -24.38 25.20
N THR B 485 -4.90 -25.00 25.22
CA THR B 485 -6.17 -24.25 25.26
C THR B 485 -6.42 -23.67 26.63
N GLU B 486 -6.47 -24.56 27.64
CA GLU B 486 -6.84 -24.13 28.98
C GLU B 486 -5.66 -23.60 29.75
N ASN B 487 -5.70 -22.31 30.11
CA ASN B 487 -4.62 -21.65 30.83
C ASN B 487 -5.14 -20.95 32.07
N THR B 488 -4.23 -20.60 32.98
CA THR B 488 -4.63 -20.03 34.27
C THR B 488 -3.73 -18.85 34.66
N ALA B 489 -3.81 -18.44 35.94
CA ALA B 489 -2.91 -17.40 36.49
C ALA B 489 -1.54 -18.02 36.88
N TYR B 490 -1.42 -19.34 36.73
CA TYR B 490 -0.26 -20.06 37.28
C TYR B 490 0.59 -20.92 36.32
N GLY B 491 0.69 -20.53 35.05
CA GLY B 491 1.54 -21.31 34.14
C GLY B 491 1.05 -22.74 33.91
N TRP B 492 -0.27 -22.88 33.80
CA TRP B 492 -0.86 -24.17 33.50
C TRP B 492 -0.79 -24.38 31.99
N THR B 493 0.43 -24.64 31.51
CA THR B 493 0.72 -24.73 30.06
C THR B 493 0.66 -26.14 29.51
N ALA B 494 0.40 -27.11 30.39
CA ALA B 494 0.28 -28.48 29.95
C ALA B 494 -0.96 -28.61 29.07
N PRO B 495 -0.96 -29.64 28.21
CA PRO B 495 -2.20 -30.03 27.51
C PRO B 495 -3.13 -30.61 28.56
N GLY B 496 -4.43 -30.49 28.30
CA GLY B 496 -5.45 -30.89 29.25
C GLY B 496 -5.74 -32.38 29.15
N GLN B 497 -6.69 -32.80 29.96
CA GLN B 497 -6.84 -34.20 30.31
C GLN B 497 -7.41 -35.06 29.19
N SER B 498 -8.09 -34.42 28.24
CA SER B 498 -8.59 -35.11 27.05
C SER B 498 -8.09 -34.42 25.77
N PHE B 499 -7.59 -35.21 24.83
CA PHE B 499 -7.03 -34.70 23.57
C PHE B 499 -7.99 -33.78 22.76
N SER B 500 -9.29 -34.13 22.69
CA SER B 500 -10.30 -33.36 21.93
C SER B 500 -10.74 -31.99 22.47
N TRP B 501 -9.94 -31.42 23.34
CA TRP B 501 -10.04 -30.00 23.69
C TRP B 501 -8.76 -29.54 24.36
N GLY B 502 -7.96 -30.50 24.80
CA GLY B 502 -6.82 -30.21 25.67
C GLY B 502 -5.50 -29.97 24.95
N TRP B 503 -5.38 -30.51 23.75
CA TRP B 503 -4.13 -30.39 22.99
C TRP B 503 -4.34 -29.47 21.80
N SER B 504 -3.61 -28.35 21.83
CA SER B 504 -3.71 -27.32 20.81
C SER B 504 -2.49 -26.39 20.90
N PRO B 505 -1.29 -26.91 20.54
CA PRO B 505 -0.10 -26.08 20.73
C PRO B 505 -0.05 -24.82 19.84
N ALA B 506 -0.82 -24.83 18.73
CA ALA B 506 -0.91 -23.66 17.87
C ALA B 506 -1.62 -22.49 18.57
N ALA B 507 -2.16 -22.71 19.77
CA ALA B 507 -2.69 -21.63 20.61
C ALA B 507 -1.66 -20.52 20.85
N VAL B 508 -0.38 -20.90 20.99
CA VAL B 508 0.69 -19.92 21.17
C VAL B 508 0.94 -19.05 19.90
N PRO B 509 1.25 -19.65 18.73
CA PRO B 509 1.28 -18.86 17.49
C PRO B 509 0.07 -17.93 17.37
N TRP B 510 -1.09 -18.46 17.72
CA TRP B 510 -2.31 -17.68 17.52
C TRP B 510 -2.33 -16.46 18.41
N ILE B 511 -2.07 -16.67 19.70
CA ILE B 511 -2.02 -15.53 20.62
C ILE B 511 -0.91 -14.53 20.26
N LEU B 512 0.14 -15.02 19.58
CA LEU B 512 1.22 -14.15 19.11
C LEU B 512 0.77 -13.24 17.99
N GLN B 513 -0.36 -13.53 17.33
CA GLN B 513 -0.96 -12.56 16.42
C GLN B 513 -1.46 -11.36 17.20
N ASN B 514 -2.20 -11.56 18.28
CA ASN B 514 -2.64 -10.40 19.07
C ASN B 514 -1.44 -9.59 19.57
N VAL B 515 -0.39 -10.32 20.01
CA VAL B 515 0.83 -9.69 20.47
C VAL B 515 1.54 -8.91 19.33
N TYR B 516 1.78 -9.57 18.21
CA TYR B 516 2.42 -8.91 17.05
C TYR B 516 1.67 -7.67 16.54
N GLU B 517 0.33 -7.70 16.61
CA GLU B 517 -0.47 -6.55 16.21
C GLU B 517 -0.19 -5.29 17.06
N ALA B 518 0.21 -5.46 18.34
CA ALA B 518 0.62 -4.31 19.13
C ALA B 518 1.72 -3.51 18.39
N TYR B 519 2.64 -4.22 17.74
CA TYR B 519 3.67 -3.59 16.91
C TYR B 519 3.13 -3.05 15.60
N GLU B 520 2.34 -3.86 14.88
CA GLU B 520 1.74 -3.41 13.62
C GLU B 520 0.99 -2.08 13.74
N TYR B 521 0.29 -1.91 14.84
CA TYR B 521 -0.55 -0.72 15.00
C TYR B 521 0.22 0.45 15.60
N SER B 522 1.39 0.19 16.20
CA SER B 522 2.12 1.28 16.90
C SER B 522 3.41 1.75 16.19
N GLY B 523 4.19 0.81 15.63
CA GLY B 523 5.47 1.13 15.00
C GLY B 523 6.57 1.43 15.99
N ASP B 524 6.36 1.00 17.23
CA ASP B 524 7.26 1.19 18.34
C ASP B 524 8.48 0.23 18.21
N PRO B 525 9.69 0.78 18.06
CA PRO B 525 10.94 0.01 17.86
C PRO B 525 11.33 -0.87 19.04
N ALA B 526 11.13 -0.37 20.25
CA ALA B 526 11.32 -1.13 21.47
C ALA B 526 10.35 -2.28 21.50
N LEU B 527 9.07 -1.98 21.24
CA LEU B 527 8.04 -3.00 21.07
C LEU B 527 8.36 -4.06 19.99
N LEU B 528 8.90 -3.63 18.84
CA LEU B 528 9.42 -4.54 17.83
C LEU B 528 10.39 -5.60 18.41
N ASP B 529 11.39 -5.16 19.15
CA ASP B 529 12.35 -6.09 19.77
C ASP B 529 11.64 -7.08 20.74
N ARG B 530 10.62 -6.57 21.43
CA ARG B 530 9.87 -7.36 22.39
C ARG B 530 9.03 -8.49 21.74
N VAL B 531 8.30 -8.15 20.68
CA VAL B 531 7.45 -9.12 20.01
C VAL B 531 8.36 -10.06 19.20
N TYR B 532 9.47 -9.52 18.73
CA TYR B 532 10.40 -10.28 17.90
C TYR B 532 10.96 -11.44 18.74
N ALA B 533 11.35 -11.15 19.99
CA ALA B 533 11.91 -12.18 20.87
C ALA B 533 10.93 -13.35 21.07
N LEU B 534 9.64 -13.03 21.28
CA LEU B 534 8.61 -14.07 21.40
C LEU B 534 8.42 -14.85 20.08
N LEU B 535 8.40 -14.13 18.97
CA LEU B 535 8.19 -14.77 17.65
C LEU B 535 9.39 -15.68 17.28
N LYS B 536 10.59 -15.16 17.52
CA LYS B 536 11.84 -15.88 17.21
C LYS B 536 11.87 -17.24 17.92
N GLU B 537 11.69 -17.27 19.24
CA GLU B 537 11.69 -18.54 19.98
C GLU B 537 10.52 -19.47 19.60
N GLU B 538 9.33 -18.94 19.39
CA GLU B 538 8.22 -19.81 19.04
C GLU B 538 8.39 -20.33 17.62
N SER B 539 8.95 -19.50 16.73
CA SER B 539 9.26 -19.94 15.37
C SER B 539 10.35 -21.02 15.36
N HIS B 540 11.39 -20.79 16.14
CA HIS B 540 12.46 -21.80 16.36
C HIS B 540 11.83 -23.12 16.81
N PHE B 541 10.93 -22.99 17.79
CA PHE B 541 10.23 -24.14 18.34
C PHE B 541 9.54 -24.96 17.26
N TYR B 542 8.72 -24.32 16.45
CA TYR B 542 7.98 -25.04 15.40
C TYR B 542 8.90 -25.65 14.34
N VAL B 543 9.87 -24.86 13.86
CA VAL B 543 10.79 -25.35 12.82
C VAL B 543 11.54 -26.58 13.31
N ASN B 544 12.06 -26.50 14.53
CA ASN B 544 12.99 -27.53 15.04
C ASN B 544 12.33 -28.74 15.72
N TYR B 545 11.09 -28.56 16.21
CA TYR B 545 10.46 -29.65 16.99
C TYR B 545 9.07 -30.09 16.55
N MET B 546 8.33 -29.20 15.88
CA MET B 546 6.90 -29.48 15.61
C MET B 546 6.56 -29.81 14.16
N LEU B 547 7.28 -29.22 13.22
CA LEU B 547 7.04 -29.49 11.79
C LEU B 547 7.66 -30.81 11.32
N HIS B 548 6.92 -31.54 10.48
CA HIS B 548 7.43 -32.76 9.79
C HIS B 548 6.89 -32.88 8.38
N LYS B 549 7.60 -33.65 7.53
CA LYS B 549 7.08 -33.94 6.20
C LYS B 549 5.85 -34.81 6.37
N ALA B 550 4.74 -34.41 5.77
CA ALA B 550 3.48 -35.16 5.96
C ALA B 550 3.53 -36.53 5.33
N GLY B 551 2.76 -37.45 5.92
CA GLY B 551 2.45 -38.73 5.31
C GLY B 551 1.37 -38.58 4.24
N SER B 552 0.94 -39.71 3.70
CA SER B 552 0.04 -39.75 2.55
C SER B 552 -1.31 -39.05 2.76
N SER B 553 -1.83 -39.07 3.98
CA SER B 553 -3.15 -38.52 4.26
C SER B 553 -3.21 -36.98 4.07
N SER B 554 -2.04 -36.32 4.13
CA SER B 554 -2.01 -34.85 4.05
C SER B 554 -1.25 -34.32 2.84
N GLY B 555 -0.94 -35.19 1.89
CA GLY B 555 -0.34 -34.73 0.64
C GLY B 555 1.10 -34.29 0.77
N ASP B 556 1.50 -33.38 -0.12
CA ASP B 556 2.91 -32.94 -0.29
C ASP B 556 3.20 -31.61 0.41
N ARG B 557 3.63 -31.67 1.67
CA ARG B 557 3.81 -30.44 2.46
C ARG B 557 4.44 -30.76 3.82
N LEU B 558 4.92 -29.72 4.50
CA LEU B 558 5.22 -29.81 5.93
C LEU B 558 3.91 -29.59 6.64
N THR B 559 3.63 -30.44 7.63
CA THR B 559 2.53 -30.17 8.53
C THR B 559 3.07 -30.18 9.97
N THR B 560 2.19 -29.80 10.88
CA THR B 560 2.47 -29.77 12.30
C THR B 560 2.24 -31.10 13.02
N GLY B 561 1.90 -32.15 12.29
CA GLY B 561 1.74 -33.44 12.93
C GLY B 561 0.47 -33.61 13.75
N VAL B 562 0.48 -34.59 14.66
CA VAL B 562 -0.72 -34.99 15.40
C VAL B 562 -1.56 -33.77 15.79
N ALA B 563 -2.81 -33.75 15.29
CA ALA B 563 -3.63 -32.56 15.44
C ALA B 563 -5.12 -32.84 15.64
N TYR B 564 -5.82 -31.84 16.20
CA TYR B 564 -7.28 -31.83 16.23
C TYR B 564 -7.72 -30.43 15.79
N SER B 565 -8.78 -30.37 14.97
CA SER B 565 -9.32 -29.08 14.53
C SER B 565 -10.39 -28.69 15.55
N PRO B 566 -10.16 -27.63 16.35
CA PRO B 566 -11.23 -27.33 17.34
C PRO B 566 -12.52 -26.97 16.59
N ALA B 567 -13.65 -27.61 16.93
CA ALA B 567 -13.72 -28.77 17.84
C ALA B 567 -14.62 -29.83 17.21
N GLN B 568 -14.21 -30.31 16.05
CA GLN B 568 -14.99 -31.26 15.30
C GLN B 568 -14.05 -32.16 14.51
N GLY B 569 -14.58 -33.28 14.04
CA GLY B 569 -13.88 -34.16 13.10
C GLY B 569 -13.00 -35.17 13.81
N PRO B 570 -12.10 -35.83 13.05
CA PRO B 570 -11.26 -36.90 13.61
C PRO B 570 -10.20 -36.41 14.57
N LEU B 571 -9.89 -37.24 15.58
CA LEU B 571 -8.82 -36.95 16.53
C LEU B 571 -7.49 -37.47 16.00
N GLY B 572 -6.46 -36.63 16.03
CA GLY B 572 -5.09 -37.06 15.77
C GLY B 572 -4.74 -37.19 14.32
N THR B 573 -5.05 -36.16 13.53
CA THR B 573 -4.75 -36.18 12.08
C THR B 573 -3.31 -35.65 11.84
N ASP B 574 -2.85 -35.76 10.60
CA ASP B 574 -1.53 -35.33 10.22
C ASP B 574 -1.61 -33.84 9.91
N GLY B 575 -1.65 -33.03 10.96
CA GLY B 575 -1.86 -31.59 10.77
C GLY B 575 -3.28 -31.30 10.35
N ASN B 576 -3.54 -30.03 10.03
CA ASN B 576 -4.87 -29.55 9.57
C ASN B 576 -4.71 -28.09 9.19
N THR B 577 -5.77 -27.50 8.61
CA THR B 577 -5.70 -26.16 8.03
C THR B 577 -5.55 -25.12 9.13
N TYR B 578 -6.21 -25.38 10.24
CA TYR B 578 -6.09 -24.57 11.45
C TYR B 578 -4.62 -24.34 11.87
N GLU B 579 -3.90 -25.42 12.15
CA GLU B 579 -2.51 -25.31 12.61
C GLU B 579 -1.58 -24.73 11.56
N SER B 580 -1.73 -25.17 10.33
CA SER B 580 -0.85 -24.69 9.27
C SER B 580 -1.10 -23.23 8.94
N SER B 581 -2.35 -22.79 9.03
CA SER B 581 -2.64 -21.38 8.74
C SER B 581 -2.02 -20.48 9.82
N LEU B 582 -2.05 -20.93 11.07
CA LEU B 582 -1.47 -20.19 12.18
C LEU B 582 0.04 -20.19 12.12
N VAL B 583 0.63 -21.32 11.74
CA VAL B 583 2.09 -21.40 11.63
C VAL B 583 2.56 -20.51 10.48
N TRP B 584 1.84 -20.54 9.37
CA TRP B 584 2.11 -19.65 8.26
C TRP B 584 2.11 -18.20 8.77
N GLN B 585 1.10 -17.82 9.53
CA GLN B 585 1.05 -16.43 10.02
C GLN B 585 2.21 -16.11 10.96
N MET B 586 2.54 -17.05 11.84
CA MET B 586 3.64 -16.78 12.77
C MET B 586 4.95 -16.57 12.02
N LEU B 587 5.25 -17.46 11.09
CA LEU B 587 6.47 -17.34 10.28
C LEU B 587 6.38 -16.08 9.41
N ASN B 588 5.21 -15.80 8.83
CA ASN B 588 5.06 -14.55 8.12
C ASN B 588 5.46 -13.32 8.97
N ASP B 589 5.00 -13.29 10.23
CA ASP B 589 5.17 -12.15 11.11
C ASP B 589 6.59 -12.10 11.66
N ALA B 590 7.18 -13.27 11.92
CA ALA B 590 8.58 -13.37 12.36
C ALA B 590 9.52 -12.81 11.30
N ILE B 591 9.27 -13.18 10.04
CA ILE B 591 10.02 -12.63 8.92
C ILE B 591 9.82 -11.12 8.79
N GLU B 592 8.57 -10.65 8.82
CA GLU B 592 8.32 -9.20 8.74
C GLU B 592 9.11 -8.48 9.80
N ALA B 593 9.05 -8.98 11.04
CA ALA B 593 9.77 -8.36 12.16
C ALA B 593 11.31 -8.39 11.98
N ALA B 594 11.85 -9.54 11.59
CA ALA B 594 13.28 -9.67 11.29
C ALA B 594 13.70 -8.66 10.22
N LYS B 595 12.93 -8.54 9.14
CA LYS B 595 13.20 -7.57 8.10
C LYS B 595 13.23 -6.16 8.63
N ALA B 596 12.34 -5.84 9.57
CA ALA B 596 12.27 -4.49 10.13
C ALA B 596 13.55 -4.18 10.91
N LYS B 597 14.22 -5.25 11.38
CA LYS B 597 15.44 -5.16 12.17
C LYS B 597 16.71 -5.33 11.33
N GLY B 598 16.51 -5.57 10.03
CA GLY B 598 17.65 -5.90 9.11
C GLY B 598 18.17 -7.32 9.28
N ASP B 599 17.33 -8.20 9.85
CA ASP B 599 17.63 -9.63 10.04
C ASP B 599 19.02 -9.90 10.67
N PRO B 600 19.28 -9.31 11.85
CA PRO B 600 20.61 -9.42 12.46
C PRO B 600 20.96 -10.85 12.86
N ASP B 601 19.95 -11.66 13.13
CA ASP B 601 20.18 -13.07 13.52
C ASP B 601 20.41 -13.99 12.31
N GLY B 602 20.06 -13.53 11.11
CA GLY B 602 20.21 -14.36 9.93
C GLY B 602 19.21 -15.52 9.91
N LEU B 603 17.94 -15.21 10.17
CA LEU B 603 16.91 -16.26 10.29
C LEU B 603 15.83 -16.25 9.20
N VAL B 604 15.79 -15.21 8.39
CA VAL B 604 14.83 -15.16 7.29
C VAL B 604 15.14 -16.21 6.23
N GLY B 605 16.40 -16.30 5.82
CA GLY B 605 16.82 -17.28 4.82
C GLY B 605 16.16 -17.00 3.49
N ASN B 606 15.80 -18.08 2.80
CA ASN B 606 15.24 -18.03 1.45
C ASN B 606 14.66 -19.40 1.13
N THR B 607 14.25 -19.60 -0.13
CA THR B 607 13.68 -20.88 -0.53
C THR B 607 14.58 -21.66 -1.50
N THR B 608 15.88 -21.41 -1.42
CA THR B 608 16.86 -22.15 -2.20
C THR B 608 17.15 -23.51 -1.60
N ASP B 609 17.05 -24.56 -2.43
CA ASP B 609 17.24 -25.97 -2.02
C ASP B 609 16.35 -26.25 -0.80
N CYS B 610 15.08 -25.91 -0.97
CA CYS B 610 14.11 -25.94 0.11
C CYS B 610 13.17 -27.10 -0.16
N SER B 611 13.13 -28.08 0.75
CA SER B 611 12.33 -29.29 0.57
C SER B 611 11.83 -29.76 1.94
N ALA B 612 10.65 -30.41 1.98
CA ALA B 612 10.18 -31.09 3.21
C ALA B 612 11.15 -32.18 3.67
N ASP B 613 11.93 -32.70 2.72
CA ASP B 613 13.01 -33.64 3.03
C ASP B 613 14.07 -33.04 3.94
N ASN B 614 14.18 -31.71 3.98
CA ASN B 614 15.15 -31.04 4.82
C ASN B 614 14.90 -31.28 6.31
N TRP B 615 13.69 -31.73 6.63
CA TRP B 615 13.27 -31.96 8.01
C TRP B 615 13.56 -33.38 8.57
N ALA B 616 14.24 -34.20 7.78
CA ALA B 616 14.52 -35.58 8.16
C ALA B 616 15.28 -35.63 9.48
N LYS B 617 14.87 -36.57 10.33
CA LYS B 617 15.44 -36.71 11.66
C LYS B 617 15.80 -38.18 11.90
N ASN B 618 16.81 -38.41 12.74
CA ASN B 618 17.14 -39.76 13.18
C ASN B 618 16.17 -40.21 14.29
N ASP B 619 16.31 -41.45 14.74
CA ASP B 619 15.42 -42.03 15.77
C ASP B 619 15.36 -41.23 17.09
N SER B 620 16.45 -40.56 17.42
CA SER B 620 16.48 -39.72 18.61
C SER B 620 15.81 -38.32 18.44
N GLY B 621 15.55 -37.91 17.19
CA GLY B 621 14.89 -36.61 16.93
C GLY B 621 15.79 -35.45 16.48
N ASN B 622 17.01 -35.78 16.06
CA ASN B 622 18.03 -34.81 15.67
C ASN B 622 18.17 -34.78 14.12
N PHE B 623 18.37 -33.61 13.51
CA PHE B 623 18.35 -33.50 12.02
C PHE B 623 19.52 -34.24 11.37
N THR B 624 19.22 -35.06 10.37
CA THR B 624 20.24 -35.88 9.68
C THR B 624 21.03 -35.13 8.60
N ASP B 625 20.44 -34.06 8.06
CA ASP B 625 21.14 -33.09 7.23
C ASP B 625 21.23 -31.76 7.99
N ALA B 626 22.33 -31.58 8.73
CA ALA B 626 22.45 -30.42 9.62
C ALA B 626 22.46 -29.05 8.92
N ASN B 627 22.91 -28.98 7.67
CA ASN B 627 23.07 -27.71 6.98
C ASN B 627 21.99 -27.43 5.91
N ALA B 628 21.04 -28.36 5.80
CA ALA B 628 19.89 -28.19 4.92
C ALA B 628 19.06 -26.98 5.36
N ASN B 629 18.46 -26.36 4.34
CA ASN B 629 17.69 -25.13 4.48
C ASN B 629 16.41 -25.42 5.28
N ARG B 630 16.39 -24.95 6.53
CA ARG B 630 15.17 -24.98 7.35
C ARG B 630 14.82 -23.58 7.85
N SER B 631 15.13 -22.58 7.02
CA SER B 631 14.94 -21.18 7.33
C SER B 631 13.46 -20.83 7.44
N TRP B 632 13.16 -19.69 8.05
CA TRP B 632 11.77 -19.31 8.20
C TRP B 632 11.10 -19.22 6.81
N SER B 633 11.79 -18.65 5.82
CA SER B 633 11.21 -18.49 4.47
C SER B 633 10.89 -19.84 3.86
N CYS B 634 11.81 -20.79 4.02
CA CYS B 634 11.66 -22.12 3.46
C CYS B 634 10.48 -22.86 4.10
N ALA B 635 10.45 -22.91 5.42
CA ALA B 635 9.38 -23.61 6.15
C ALA B 635 8.00 -23.03 5.78
N LYS B 636 7.91 -21.70 5.73
CA LYS B 636 6.66 -21.01 5.40
C LYS B 636 6.11 -21.41 4.03
N SER B 637 7.02 -21.54 3.05
CA SER B 637 6.68 -21.93 1.67
C SER B 637 6.25 -23.38 1.48
N LEU B 638 6.57 -24.24 2.44
CA LEU B 638 6.26 -25.66 2.38
C LEU B 638 4.91 -26.02 3.04
N LEU B 639 4.28 -25.07 3.72
CA LEU B 639 3.06 -25.36 4.46
C LEU B 639 1.86 -25.57 3.52
N LYS B 640 1.75 -24.71 2.52
CA LYS B 640 0.63 -24.71 1.57
C LYS B 640 -0.69 -24.87 2.32
N PRO B 641 -0.99 -23.89 3.20
CA PRO B 641 -2.05 -24.16 4.18
C PRO B 641 -3.46 -24.30 3.56
N ILE B 642 -3.69 -23.65 2.42
CA ILE B 642 -5.05 -23.56 1.85
C ILE B 642 -5.26 -24.47 0.66
N GLU B 643 -6.29 -25.30 0.71
CA GLU B 643 -6.72 -26.06 -0.45
C GLU B 643 -8.24 -25.96 -0.58
N VAL B 644 -8.70 -25.85 -1.83
CA VAL B 644 -10.13 -25.83 -2.15
C VAL B 644 -10.67 -27.26 -2.39
N GLY B 645 -11.73 -27.61 -1.67
CA GLY B 645 -12.40 -28.90 -1.85
C GLY B 645 -13.40 -28.98 -3.00
N ASP B 646 -13.97 -30.18 -3.17
CA ASP B 646 -14.95 -30.44 -4.24
C ASP B 646 -16.22 -29.58 -4.17
N SER B 647 -16.49 -28.99 -3.01
CA SER B 647 -17.69 -28.17 -2.87
C SER B 647 -17.32 -26.71 -3.06
N GLY B 648 -16.07 -26.45 -3.43
CA GLY B 648 -15.51 -25.11 -3.53
C GLY B 648 -15.21 -24.47 -2.17
N GLN B 649 -15.16 -25.30 -1.13
CA GLN B 649 -14.92 -24.82 0.24
C GLN B 649 -13.42 -24.85 0.54
N ILE B 650 -12.98 -24.04 1.49
CA ILE B 650 -11.65 -24.20 2.11
C ILE B 650 -11.67 -25.52 2.87
N LYS B 651 -10.73 -26.39 2.56
CA LYS B 651 -10.56 -27.62 3.32
C LYS B 651 -10.19 -27.37 4.78
N GLU B 652 -10.86 -28.11 5.68
CA GLU B 652 -10.53 -28.08 7.11
C GLU B 652 -9.45 -29.15 7.43
N TRP B 653 -9.47 -30.27 6.69
CA TRP B 653 -8.47 -31.34 6.82
C TRP B 653 -7.89 -31.59 5.43
N TYR B 654 -6.61 -31.97 5.36
CA TYR B 654 -5.95 -32.19 4.07
C TYR B 654 -6.38 -33.47 3.36
N PHE B 655 -7.18 -34.32 4.02
CA PHE B 655 -7.75 -35.50 3.36
C PHE B 655 -9.17 -35.26 2.84
N GLU B 656 -9.66 -34.03 2.98
CA GLU B 656 -11.05 -33.67 2.70
C GLU B 656 -11.30 -33.65 1.19
N GLY B 657 -12.52 -33.99 0.77
CA GLY B 657 -12.95 -33.85 -0.62
C GLY B 657 -14.08 -32.81 -0.67
N ALA B 658 -15.32 -33.26 -0.82
CA ALA B 658 -16.47 -32.34 -0.66
C ALA B 658 -16.63 -32.05 0.84
N LEU B 659 -17.46 -31.06 1.17
CA LEU B 659 -17.69 -30.68 2.54
C LEU B 659 -18.22 -31.88 3.35
N GLY B 660 -17.62 -32.10 4.53
CA GLY B 660 -17.96 -33.25 5.38
C GLY B 660 -17.53 -34.62 4.87
N LYS B 661 -16.76 -34.65 3.78
CA LYS B 661 -16.37 -35.89 3.14
C LYS B 661 -14.88 -35.89 2.82
N LYS B 662 -14.34 -37.09 2.60
CA LYS B 662 -12.94 -37.31 2.25
C LYS B 662 -12.76 -37.32 0.74
N LYS B 663 -11.52 -37.27 0.27
CA LYS B 663 -11.23 -37.31 -1.16
C LYS B 663 -12.01 -38.42 -1.87
N ASP B 664 -12.10 -39.58 -1.22
CA ASP B 664 -12.69 -40.77 -1.84
C ASP B 664 -14.22 -40.80 -1.79
N GLY B 665 -14.80 -39.79 -1.17
CA GLY B 665 -16.25 -39.63 -1.10
C GLY B 665 -16.83 -40.09 0.23
N SER B 666 -16.00 -40.73 1.04
CA SER B 666 -16.45 -41.19 2.34
C SER B 666 -16.72 -40.05 3.34
N THR B 667 -17.62 -40.33 4.26
CA THR B 667 -18.01 -39.36 5.24
C THR B 667 -16.88 -39.16 6.25
N ILE B 668 -16.71 -37.93 6.73
CA ILE B 668 -15.80 -37.63 7.82
C ILE B 668 -16.51 -37.87 9.16
N SER B 669 -15.89 -38.69 10.02
CA SER B 669 -16.44 -39.01 11.33
C SER B 669 -16.24 -37.80 12.28
N GLY B 670 -17.29 -37.39 12.96
CA GLY B 670 -17.23 -36.27 13.90
C GLY B 670 -17.44 -34.88 13.29
N TYR B 671 -17.53 -34.80 11.95
CA TYR B 671 -17.96 -33.55 11.29
C TYR B 671 -19.39 -33.20 11.75
N GLN B 672 -19.61 -31.96 12.18
CA GLN B 672 -20.94 -31.54 12.63
C GLN B 672 -21.89 -31.43 11.42
N ALA B 673 -22.77 -32.44 11.27
CA ALA B 673 -23.51 -32.69 10.03
C ALA B 673 -24.42 -31.55 9.56
N ASP B 674 -24.89 -30.73 10.50
CA ASP B 674 -25.75 -29.63 10.08
C ASP B 674 -24.97 -28.46 9.46
N ASN B 675 -23.63 -28.64 9.36
CA ASN B 675 -22.66 -27.65 8.82
C ASN B 675 -22.40 -26.41 9.71
N GLN B 676 -23.11 -26.31 10.83
CA GLN B 676 -23.10 -25.10 11.66
C GLN B 676 -22.09 -25.13 12.78
N HIS B 677 -21.03 -25.92 12.65
CA HIS B 677 -20.11 -26.05 13.76
C HIS B 677 -19.65 -24.68 14.25
N ARG B 678 -19.60 -24.47 15.57
CA ARG B 678 -19.36 -23.14 16.10
C ARG B 678 -17.99 -22.61 15.74
N HIS B 679 -16.97 -23.48 15.83
CA HIS B 679 -15.60 -23.10 15.48
C HIS B 679 -15.47 -23.02 13.96
N MET B 680 -14.62 -22.12 13.49
CA MET B 680 -14.23 -22.10 12.09
C MET B 680 -12.70 -22.08 12.04
N SER B 681 -12.11 -23.17 12.49
CA SER B 681 -10.66 -23.14 12.82
C SER B 681 -9.81 -23.07 11.58
N HIS B 682 -10.39 -23.51 10.47
CA HIS B 682 -9.71 -23.50 9.19
C HIS B 682 -9.83 -22.16 8.46
N LEU B 683 -10.63 -21.23 8.99
CA LEU B 683 -10.74 -19.92 8.37
C LEU B 683 -9.88 -18.78 8.98
N LEU B 684 -8.96 -19.09 9.90
CA LEU B 684 -8.16 -18.06 10.56
C LEU B 684 -7.23 -17.27 9.63
N GLY B 685 -6.96 -17.83 8.45
CA GLY B 685 -6.24 -17.13 7.39
C GLY B 685 -6.98 -15.95 6.81
N LEU B 686 -8.32 -16.03 6.82
CA LEU B 686 -9.20 -14.94 6.41
C LEU B 686 -9.37 -13.87 7.50
N PHE B 687 -9.63 -14.36 8.72
CA PHE B 687 -9.68 -13.56 9.93
C PHE B 687 -9.25 -14.38 11.13
N PRO B 688 -8.32 -13.87 11.97
CA PRO B 688 -7.70 -12.53 11.99
C PRO B 688 -6.51 -12.34 11.06
N GLY B 689 -6.08 -13.41 10.39
CA GLY B 689 -4.84 -13.44 9.66
C GLY B 689 -4.86 -12.67 8.34
N ASP B 690 -3.78 -12.84 7.57
CA ASP B 690 -3.53 -12.07 6.33
C ASP B 690 -3.31 -12.98 5.14
N LEU B 691 -3.70 -14.23 5.29
CA LEU B 691 -3.47 -15.27 4.29
C LEU B 691 -4.47 -15.16 3.15
N ILE B 692 -5.71 -14.85 3.49
CA ILE B 692 -6.80 -14.74 2.49
C ILE B 692 -7.34 -13.35 2.65
N THR B 693 -7.19 -12.53 1.60
CA THR B 693 -7.65 -11.14 1.68
C THR B 693 -8.31 -10.70 0.39
N ILE B 694 -8.90 -9.53 0.45
CA ILE B 694 -9.60 -8.92 -0.66
C ILE B 694 -8.66 -8.71 -1.86
N ASP B 695 -7.35 -8.58 -1.58
CA ASP B 695 -6.32 -8.41 -2.61
C ASP B 695 -5.79 -9.72 -3.15
N ASN B 696 -5.28 -10.53 -2.21
CA ASN B 696 -4.85 -11.88 -2.50
C ASN B 696 -6.05 -12.82 -2.41
N SER B 697 -6.89 -12.80 -3.42
CA SER B 697 -8.26 -13.29 -3.34
C SER B 697 -8.46 -14.63 -4.04
N GLU B 698 -7.36 -15.29 -4.38
CA GLU B 698 -7.44 -16.60 -5.05
C GLU B 698 -8.48 -17.48 -4.33
N TYR B 699 -8.43 -17.41 -3.01
CA TYR B 699 -9.16 -18.30 -2.11
C TYR B 699 -10.30 -17.56 -1.40
N MET B 700 -10.52 -16.29 -1.74
CA MET B 700 -11.67 -15.54 -1.23
C MET B 700 -13.03 -16.17 -1.55
N ASP B 701 -13.23 -16.63 -2.80
CA ASP B 701 -14.50 -17.33 -3.11
C ASP B 701 -14.68 -18.56 -2.25
N ALA B 702 -13.60 -19.33 -2.07
CA ALA B 702 -13.65 -20.55 -1.25
C ALA B 702 -13.94 -20.22 0.20
N ALA B 703 -13.37 -19.12 0.68
CA ALA B 703 -13.62 -18.68 2.07
C ALA B 703 -15.08 -18.22 2.27
N LYS B 704 -15.61 -17.44 1.33
CA LYS B 704 -17.03 -17.05 1.37
C LYS B 704 -17.94 -18.29 1.33
N THR B 705 -17.57 -19.28 0.52
CA THR B 705 -18.30 -20.56 0.42
C THR B 705 -18.27 -21.31 1.75
N SER B 706 -17.08 -21.45 2.35
CA SER B 706 -16.98 -22.03 3.70
C SER B 706 -17.84 -21.28 4.74
N LEU B 707 -17.83 -19.96 4.68
CA LEU B 707 -18.61 -19.15 5.61
C LEU B 707 -20.09 -19.37 5.36
N ARG B 708 -20.52 -19.38 4.09
CA ARG B 708 -21.92 -19.65 3.79
C ARG B 708 -22.41 -20.94 4.40
N TYR B 709 -21.62 -22.01 4.31
CA TYR B 709 -22.04 -23.31 4.86
C TYR B 709 -22.08 -23.31 6.41
N ARG B 710 -21.14 -22.59 7.02
CA ARG B 710 -21.09 -22.41 8.46
C ARG B 710 -22.14 -21.48 9.04
N CYS B 711 -22.90 -20.77 8.19
CA CYS B 711 -23.88 -19.80 8.71
C CYS B 711 -25.30 -20.00 8.22
N PHE B 712 -25.46 -20.62 7.05
CA PHE B 712 -26.74 -20.68 6.35
C PHE B 712 -27.14 -22.10 6.02
N LYS B 713 -28.44 -22.36 6.09
CA LYS B 713 -29.03 -23.53 5.48
C LYS B 713 -29.87 -22.95 4.37
N GLY B 714 -29.42 -23.14 3.13
CA GLY B 714 -30.00 -22.45 1.97
C GLY B 714 -29.93 -20.96 2.24
N ASN B 715 -31.06 -20.29 2.18
CA ASN B 715 -31.01 -18.86 2.41
C ASN B 715 -31.38 -18.47 3.83
N VAL B 716 -31.46 -19.44 4.73
CA VAL B 716 -31.88 -19.15 6.10
C VAL B 716 -30.70 -19.11 7.07
N LEU B 717 -30.45 -17.92 7.59
CA LEU B 717 -29.37 -17.68 8.54
C LEU B 717 -29.61 -18.44 9.82
N GLN B 718 -28.55 -19.08 10.29
CA GLN B 718 -28.65 -19.93 11.46
C GLN B 718 -28.04 -19.21 12.64
N SER B 719 -28.53 -19.50 13.84
CA SER B 719 -27.93 -18.96 15.06
C SER B 719 -26.69 -19.72 15.49
N ASN B 720 -26.05 -19.27 16.58
CA ASN B 720 -24.89 -19.98 17.12
C ASN B 720 -24.51 -19.27 18.42
N THR B 721 -23.44 -19.72 19.07
CA THR B 721 -23.00 -19.10 20.32
C THR B 721 -22.54 -17.65 20.08
N GLY B 722 -22.56 -16.83 21.13
CA GLY B 722 -22.17 -15.43 20.96
C GLY B 722 -20.79 -15.24 20.35
N TRP B 723 -19.80 -15.99 20.83
CA TRP B 723 -18.46 -15.88 20.24
C TRP B 723 -18.43 -16.41 18.82
N ALA B 724 -19.19 -17.49 18.56
CA ALA B 724 -19.16 -18.03 17.23
C ALA B 724 -19.74 -16.99 16.25
N ILE B 725 -20.80 -16.28 16.66
CA ILE B 725 -21.38 -15.24 15.80
C ILE B 725 -20.38 -14.04 15.69
N GLY B 726 -19.76 -13.69 16.81
CA GLY B 726 -18.69 -12.67 16.84
C GLY B 726 -17.60 -13.00 15.83
N GLN B 727 -17.09 -14.23 15.84
CA GLN B 727 -16.09 -14.61 14.83
C GLN B 727 -16.65 -14.51 13.38
N ARG B 728 -17.91 -14.92 13.20
CA ARG B 728 -18.57 -14.77 11.90
C ARG B 728 -18.68 -13.33 11.43
N ILE B 729 -19.01 -12.41 12.35
CA ILE B 729 -19.07 -10.99 11.98
C ILE B 729 -17.73 -10.50 11.43
N ASN B 730 -16.65 -10.70 12.20
CA ASN B 730 -15.29 -10.32 11.74
C ASN B 730 -14.88 -10.99 10.42
N SER B 731 -15.22 -12.28 10.28
CA SER B 731 -14.85 -13.06 9.07
C SER B 731 -15.56 -12.52 7.82
N TRP B 732 -16.88 -12.38 7.91
CA TRP B 732 -17.68 -11.84 6.80
C TRP B 732 -17.19 -10.42 6.46
N ALA B 733 -16.83 -9.63 7.47
CA ALA B 733 -16.36 -8.28 7.21
C ALA B 733 -15.12 -8.33 6.31
N ARG B 734 -14.20 -9.28 6.58
CA ARG B 734 -12.97 -9.40 5.78
C ARG B 734 -13.24 -9.71 4.29
N THR B 735 -14.38 -10.37 4.00
CA THR B 735 -14.74 -10.69 2.60
C THR B 735 -15.22 -9.48 1.80
N GLY B 736 -15.57 -8.41 2.50
CA GLY B 736 -16.16 -7.23 1.85
C GLY B 736 -17.69 -7.23 1.78
N ASP B 737 -18.33 -8.34 2.16
CA ASP B 737 -19.79 -8.45 2.04
C ASP B 737 -20.51 -7.79 3.25
N GLY B 738 -20.67 -6.48 3.19
CA GLY B 738 -21.22 -5.70 4.30
C GLY B 738 -22.64 -6.11 4.65
N ASN B 739 -23.43 -6.45 3.64
CA ASN B 739 -24.83 -6.81 3.90
C ASN B 739 -24.92 -8.10 4.70
N THR B 740 -24.13 -9.11 4.33
CA THR B 740 -24.15 -10.38 5.08
C THR B 740 -23.57 -10.16 6.48
N THR B 741 -22.51 -9.36 6.57
CA THR B 741 -21.88 -9.05 7.87
C THR B 741 -22.92 -8.42 8.82
N TYR B 742 -23.69 -7.47 8.29
CA TYR B 742 -24.75 -6.88 9.08
C TYR B 742 -25.85 -7.88 9.51
N GLN B 743 -26.13 -8.90 8.68
CA GLN B 743 -27.08 -9.93 9.11
C GLN B 743 -26.57 -10.67 10.36
N LEU B 744 -25.25 -10.86 10.44
CA LEU B 744 -24.65 -11.52 11.60
C LEU B 744 -24.65 -10.63 12.84
N VAL B 745 -24.47 -9.32 12.63
CA VAL B 745 -24.55 -8.35 13.72
C VAL B 745 -25.98 -8.40 14.34
N GLU B 746 -27.00 -8.32 13.47
CA GLU B 746 -28.40 -8.41 13.97
C GLU B 746 -28.60 -9.72 14.72
N LEU B 747 -28.15 -10.83 14.11
CA LEU B 747 -28.25 -12.15 14.74
C LEU B 747 -27.68 -12.19 16.17
N GLN B 748 -26.47 -11.64 16.36
CA GLN B 748 -25.84 -11.58 17.69
C GLN B 748 -26.64 -10.78 18.71
N LEU B 749 -27.13 -9.59 18.33
CA LEU B 749 -27.95 -8.80 19.27
C LEU B 749 -29.25 -9.57 19.62
N LYS B 750 -29.84 -10.24 18.65
CA LYS B 750 -31.13 -10.94 18.88
C LYS B 750 -30.99 -12.25 19.66
N ASN B 751 -29.86 -12.93 19.51
CA ASN B 751 -29.73 -14.31 20.01
C ASN B 751 -28.60 -14.54 21.00
N ALA B 752 -27.84 -13.51 21.33
CA ALA B 752 -26.66 -13.73 22.18
C ALA B 752 -26.33 -12.61 23.13
N MET B 753 -27.31 -11.73 23.41
CA MET B 753 -27.13 -10.67 24.43
C MET B 753 -28.22 -10.71 25.49
N TYR B 754 -27.81 -10.65 26.75
CA TYR B 754 -28.69 -10.58 27.92
C TYR B 754 -29.16 -9.16 28.09
N ALA B 755 -30.13 -8.93 28.97
CA ALA B 755 -30.65 -7.56 29.19
C ALA B 755 -29.58 -6.54 29.57
N ASN B 756 -28.55 -6.97 30.28
CA ASN B 756 -27.43 -6.06 30.64
C ASN B 756 -26.39 -5.94 29.52
N LEU B 757 -26.73 -6.46 28.35
CA LEU B 757 -25.86 -6.55 27.17
C LEU B 757 -24.58 -7.40 27.30
N PHE B 758 -24.56 -8.28 28.29
CA PHE B 758 -23.49 -9.29 28.38
C PHE B 758 -23.74 -10.28 27.25
N ASP B 759 -22.67 -10.66 26.56
CA ASP B 759 -22.73 -11.66 25.51
C ASP B 759 -22.90 -13.01 26.17
N TYR B 760 -23.62 -13.91 25.50
CA TYR B 760 -23.76 -15.26 26.02
C TYR B 760 -23.51 -16.40 25.06
N HIS B 761 -23.14 -17.53 25.65
CA HIS B 761 -22.81 -18.76 24.91
C HIS B 761 -24.06 -19.67 24.66
N ALA B 762 -24.98 -19.89 25.61
CA ALA B 762 -24.98 -19.51 27.03
C ALA B 762 -24.00 -20.38 27.82
N PRO B 763 -23.54 -19.93 29.02
CA PRO B 763 -23.99 -18.76 29.74
C PRO B 763 -23.13 -17.53 29.41
N PHE B 764 -23.15 -16.51 30.26
CA PHE B 764 -22.34 -15.29 30.03
C PHE B 764 -20.91 -15.65 29.66
N GLN B 765 -20.47 -15.11 28.51
CA GLN B 765 -19.07 -15.21 28.06
C GLN B 765 -18.73 -13.89 27.40
N ILE B 766 -17.68 -13.22 27.88
CA ILE B 766 -17.35 -11.86 27.43
C ILE B 766 -16.77 -11.84 26.01
N ASP B 767 -16.19 -12.96 25.57
CA ASP B 767 -15.61 -13.05 24.22
C ASP B 767 -16.44 -12.36 23.13
N GLY B 768 -17.72 -12.75 22.99
CA GLY B 768 -18.60 -12.18 21.95
C GLY B 768 -18.80 -10.68 22.07
N ASN B 769 -18.67 -10.14 23.30
CA ASN B 769 -18.75 -8.68 23.44
C ASN B 769 -17.58 -7.99 22.74
N PHE B 770 -16.37 -8.47 23.03
CA PHE B 770 -15.18 -7.97 22.33
C PHE B 770 -15.20 -8.25 20.83
N GLY B 771 -15.70 -9.43 20.45
CA GLY B 771 -15.79 -9.85 19.05
C GLY B 771 -16.71 -8.89 18.27
N ASN B 772 -17.79 -8.43 18.94
CA ASN B 772 -18.71 -7.49 18.31
C ASN B 772 -18.01 -6.18 17.99
N THR B 773 -17.40 -5.56 18.99
CA THR B 773 -16.61 -4.32 18.77
C THR B 773 -15.60 -4.47 17.62
N SER B 774 -14.85 -5.56 17.62
CA SER B 774 -13.92 -5.81 16.50
C SER B 774 -14.61 -5.92 15.14
N GLY B 775 -15.78 -6.58 15.10
CA GLY B 775 -16.46 -6.87 13.84
C GLY B 775 -16.96 -5.57 13.21
N VAL B 776 -17.47 -4.71 14.05
CA VAL B 776 -17.93 -3.40 13.59
C VAL B 776 -16.74 -2.58 13.07
N ASP B 777 -15.63 -2.59 13.81
CA ASP B 777 -14.38 -1.91 13.34
C ASP B 777 -14.04 -2.39 11.94
N GLU B 778 -14.00 -3.71 11.75
CA GLU B 778 -13.67 -4.30 10.43
C GLU B 778 -14.64 -3.97 9.31
N MET B 779 -15.89 -3.66 9.66
CA MET B 779 -16.87 -3.20 8.67
C MET B 779 -16.49 -1.82 8.13
N LEU B 780 -15.98 -0.97 9.01
CA LEU B 780 -15.75 0.44 8.69
C LEU B 780 -14.32 0.74 8.30
N LEU B 781 -13.41 -0.14 8.73
CA LEU B 781 -12.00 0.05 8.51
C LEU B 781 -11.27 -1.27 8.52
N GLN B 782 -10.47 -1.52 7.48
CA GLN B 782 -9.52 -2.62 7.52
C GLN B 782 -8.11 -2.12 7.24
N SER B 783 -7.11 -2.83 7.77
CA SER B 783 -5.72 -2.36 7.64
C SER B 783 -4.69 -3.48 7.60
N ASN B 784 -5.16 -4.72 7.43
CA ASN B 784 -4.28 -5.91 7.53
C ASN B 784 -3.74 -6.42 6.21
N SER B 785 -4.24 -5.88 5.11
CA SER B 785 -3.96 -6.48 3.82
C SER B 785 -2.76 -5.83 3.13
N THR B 786 -2.35 -6.43 2.02
CA THR B 786 -1.30 -5.87 1.17
C THR B 786 -1.83 -5.72 -0.24
N PHE B 787 -1.67 -4.51 -0.78
CA PHE B 787 -2.08 -4.16 -2.15
C PHE B 787 -0.86 -4.38 -3.04
N THR B 788 -1.11 -4.92 -4.23
CA THR B 788 -0.08 -5.07 -5.26
C THR B 788 -0.56 -4.28 -6.50
N ASP B 789 0.11 -3.18 -6.83
CA ASP B 789 -0.31 -2.38 -7.99
C ASP B 789 0.09 -3.04 -9.32
N THR B 790 -0.39 -2.46 -10.43
CA THR B 790 -0.17 -3.00 -11.78
C THR B 790 1.31 -3.15 -12.16
N ALA B 791 2.18 -2.38 -11.50
CA ALA B 791 3.64 -2.48 -11.67
C ALA B 791 4.31 -3.51 -10.72
N GLY B 792 3.49 -4.20 -9.93
CA GLY B 792 4.00 -5.19 -8.97
C GLY B 792 4.49 -4.61 -7.66
N LYS B 793 4.30 -3.32 -7.45
CA LYS B 793 4.71 -2.68 -6.20
C LYS B 793 3.76 -3.05 -5.05
N LYS B 794 4.34 -3.23 -3.86
CA LYS B 794 3.54 -3.68 -2.70
C LYS B 794 3.32 -2.58 -1.67
N TYR B 795 2.10 -2.50 -1.15
CA TYR B 795 1.76 -1.59 -0.06
C TYR B 795 1.19 -2.44 1.07
N VAL B 796 2.01 -2.66 2.10
CA VAL B 796 1.68 -3.58 3.20
C VAL B 796 0.91 -2.79 4.25
N ASN B 797 -0.18 -3.41 4.72
CA ASN B 797 -1.03 -2.80 5.73
C ASN B 797 -1.61 -1.48 5.26
N TYR B 798 -2.15 -1.45 4.04
CA TYR B 798 -2.79 -0.22 3.53
C TYR B 798 -4.10 0.05 4.30
N THR B 799 -4.46 1.33 4.40
CA THR B 799 -5.68 1.78 5.07
C THR B 799 -6.87 1.61 4.15
N ASN B 800 -7.86 0.82 4.57
CA ASN B 800 -8.99 0.48 3.72
C ASN B 800 -10.27 1.04 4.38
N ILE B 801 -10.75 2.14 3.81
CA ILE B 801 -11.94 2.87 4.26
C ILE B 801 -13.23 2.23 3.80
N LEU B 802 -14.07 1.90 4.78
CA LEU B 802 -15.41 1.33 4.56
C LEU B 802 -15.41 0.09 3.69
N PRO B 803 -14.63 -0.94 4.10
CA PRO B 803 -14.48 -2.13 3.30
C PRO B 803 -15.72 -3.05 3.31
N ALA B 804 -16.60 -2.92 4.31
CA ALA B 804 -17.80 -3.80 4.37
C ALA B 804 -18.96 -3.05 5.02
N LEU B 805 -19.32 -1.94 4.39
CA LEU B 805 -20.40 -1.07 4.83
C LEU B 805 -21.75 -1.64 4.40
N PRO B 806 -22.66 -1.91 5.37
CA PRO B 806 -23.93 -2.49 4.97
C PRO B 806 -24.86 -1.41 4.44
N ASP B 807 -25.76 -1.80 3.54
CA ASP B 807 -26.80 -0.90 3.03
C ASP B 807 -27.69 -0.31 4.14
N ALA B 808 -27.81 -1.04 5.26
CA ALA B 808 -28.56 -0.63 6.46
C ALA B 808 -28.01 0.64 7.07
N TRP B 809 -26.72 0.88 6.93
CA TRP B 809 -26.10 2.10 7.44
C TRP B 809 -25.79 3.05 6.26
N ALA B 810 -26.83 3.63 5.66
CA ALA B 810 -26.62 4.45 4.43
C ALA B 810 -25.74 5.65 4.69
N GLY B 811 -25.84 6.23 5.88
CA GLY B 811 -25.10 7.48 6.22
C GLY B 811 -24.65 7.41 7.67
N GLY B 812 -23.54 8.06 7.99
CA GLY B 812 -23.05 8.08 9.37
C GLY B 812 -21.64 8.62 9.41
N SER B 813 -21.04 8.58 10.59
CA SER B 813 -19.62 8.87 10.72
C SER B 813 -19.02 8.10 11.88
N VAL B 814 -17.70 7.93 11.83
CA VAL B 814 -16.95 7.28 12.89
C VAL B 814 -15.65 8.03 13.00
N SER B 815 -15.16 8.25 14.21
CA SER B 815 -13.88 8.92 14.39
C SER B 815 -13.10 8.17 15.44
N GLY B 816 -11.77 8.21 15.31
CA GLY B 816 -10.89 7.69 16.35
C GLY B 816 -10.51 6.23 16.19
N LEU B 817 -10.85 5.62 15.05
CA LEU B 817 -10.41 4.22 14.82
C LEU B 817 -8.92 4.23 14.47
N VAL B 818 -8.22 3.12 14.69
CA VAL B 818 -6.78 3.09 14.39
C VAL B 818 -6.49 2.00 13.34
N ALA B 819 -5.67 2.37 12.36
CA ALA B 819 -5.20 1.47 11.30
C ALA B 819 -3.74 1.10 11.54
N ARG B 820 -3.37 -0.12 11.16
CA ARG B 820 -1.94 -0.49 11.18
C ARG B 820 -1.09 0.54 10.45
N GLY B 821 0.18 0.69 10.87
CA GLY B 821 1.00 1.82 10.44
C GLY B 821 0.86 3.02 11.37
N ASN B 822 -0.05 2.89 12.35
CA ASN B 822 -0.35 3.90 13.34
C ASN B 822 -0.93 5.16 12.71
N PHE B 823 -2.09 5.00 12.07
CA PHE B 823 -2.91 6.14 11.63
C PHE B 823 -4.23 6.14 12.36
N THR B 824 -4.67 7.30 12.83
CA THR B 824 -5.99 7.44 13.44
C THR B 824 -6.95 7.87 12.33
N VAL B 825 -8.12 7.23 12.25
CA VAL B 825 -8.99 7.33 11.07
C VAL B 825 -10.41 7.75 11.44
N GLY B 826 -10.94 8.75 10.74
CA GLY B 826 -12.34 9.14 10.92
C GLY B 826 -12.91 9.14 9.53
N THR B 827 -14.17 8.71 9.39
CA THR B 827 -14.82 8.72 8.09
C THR B 827 -16.28 9.09 8.23
N THR B 828 -16.75 9.94 7.33
CA THR B 828 -18.15 10.28 7.21
C THR B 828 -18.64 9.76 5.87
N TRP B 829 -19.88 9.27 5.83
CA TRP B 829 -20.47 8.76 4.59
C TRP B 829 -21.95 9.12 4.47
N LYS B 830 -22.44 9.14 3.24
CA LYS B 830 -23.82 9.49 2.94
C LYS B 830 -24.18 8.77 1.67
N ASN B 831 -25.39 8.25 1.62
CA ASN B 831 -25.82 7.49 0.44
C ASN B 831 -24.81 6.37 0.09
N GLY B 832 -24.30 5.69 1.11
CA GLY B 832 -23.40 4.54 0.90
C GLY B 832 -21.97 4.82 0.44
N LYS B 833 -21.55 6.08 0.47
CA LYS B 833 -20.27 6.49 -0.07
C LYS B 833 -19.57 7.46 0.87
N ALA B 834 -18.27 7.25 1.11
CA ALA B 834 -17.46 8.19 1.89
C ALA B 834 -17.58 9.64 1.35
N THR B 835 -17.92 10.56 2.23
CA THR B 835 -17.86 12.00 1.89
C THR B 835 -16.58 12.64 2.44
N GLU B 836 -16.01 12.07 3.51
CA GLU B 836 -14.76 12.60 4.04
C GLU B 836 -13.97 11.53 4.75
N VAL B 837 -12.65 11.57 4.60
CA VAL B 837 -11.77 10.72 5.45
C VAL B 837 -10.79 11.66 6.13
N ARG B 838 -10.64 11.51 7.45
CA ARG B 838 -9.63 12.23 8.19
C ARG B 838 -8.58 11.22 8.64
N LEU B 839 -7.39 11.32 8.05
CA LEU B 839 -6.31 10.42 8.36
C LEU B 839 -5.22 11.10 9.18
N THR B 840 -5.11 10.74 10.45
CA THR B 840 -4.08 11.34 11.30
C THR B 840 -2.88 10.42 11.28
N SER B 841 -1.73 10.92 10.82
CA SER B 841 -0.51 10.12 10.78
C SER B 841 0.25 10.28 12.09
N ASN B 842 0.34 9.19 12.86
CA ASN B 842 1.01 9.26 14.15
C ASN B 842 2.49 8.94 14.08
N LYS B 843 2.91 8.24 13.04
CA LYS B 843 4.33 7.84 12.92
C LYS B 843 5.00 8.40 11.68
N GLY B 844 4.26 9.16 10.86
CA GLY B 844 4.78 9.70 9.63
C GLY B 844 5.13 8.65 8.59
N LYS B 845 4.47 7.50 8.64
CA LYS B 845 4.66 6.45 7.66
C LYS B 845 3.89 6.81 6.38
N GLN B 846 4.39 6.36 5.24
CA GLN B 846 3.69 6.63 3.97
C GLN B 846 2.25 6.12 4.05
N ALA B 847 1.31 6.96 3.61
CA ALA B 847 -0.12 6.63 3.57
C ALA B 847 -0.43 5.91 2.28
N ALA B 848 -1.27 4.89 2.36
CA ALA B 848 -1.78 4.20 1.18
C ALA B 848 -3.22 3.93 1.54
N VAL B 849 -4.16 4.51 0.81
CA VAL B 849 -5.56 4.55 1.26
C VAL B 849 -6.46 4.03 0.16
N LYS B 850 -7.20 2.95 0.45
CA LYS B 850 -8.23 2.48 -0.42
C LYS B 850 -9.54 3.02 0.14
N ILE B 851 -10.46 3.42 -0.76
CA ILE B 851 -11.80 3.86 -0.33
C ILE B 851 -12.76 2.91 -1.01
N THR B 852 -13.17 1.89 -0.26
CA THR B 852 -13.99 0.82 -0.84
C THR B 852 -15.38 1.37 -1.19
N ALA B 853 -15.94 2.17 -0.28
CA ALA B 853 -17.23 2.81 -0.54
C ALA B 853 -17.00 4.19 -1.16
N GLY B 854 -16.63 4.20 -2.44
CA GLY B 854 -16.50 5.46 -3.18
C GLY B 854 -15.47 5.47 -4.28
N GLY B 855 -14.39 4.68 -4.13
CA GLY B 855 -13.30 4.62 -5.10
C GLY B 855 -12.24 5.70 -4.87
N ALA B 856 -11.06 5.32 -4.38
CA ALA B 856 -10.04 6.32 -3.99
C ALA B 856 -9.65 7.22 -5.15
N GLN B 857 -9.79 6.73 -6.38
CA GLN B 857 -9.41 7.53 -7.57
C GLN B 857 -10.29 8.75 -7.72
N ASN B 858 -11.45 8.72 -7.06
CA ASN B 858 -12.42 9.83 -7.07
C ASN B 858 -12.18 10.93 -6.04
N TYR B 859 -11.09 10.82 -5.26
CA TYR B 859 -10.87 11.70 -4.12
C TYR B 859 -9.56 12.44 -4.27
N GLU B 860 -9.38 13.47 -3.45
CA GLU B 860 -8.14 14.21 -3.37
C GLU B 860 -7.77 14.51 -1.89
N VAL B 861 -6.49 14.80 -1.67
CA VAL B 861 -5.95 14.87 -0.31
C VAL B 861 -5.49 16.30 -0.02
N LYS B 862 -5.86 16.79 1.15
CA LYS B 862 -5.41 18.09 1.62
C LYS B 862 -4.84 17.99 3.04
N ASN B 863 -3.94 18.91 3.36
CA ASN B 863 -3.45 19.09 4.72
C ASN B 863 -3.96 20.48 5.12
N GLY B 864 -5.12 20.54 5.77
CA GLY B 864 -5.77 21.85 5.97
C GLY B 864 -6.10 22.48 4.61
N ASP B 865 -5.57 23.66 4.32
CA ASP B 865 -5.82 24.31 3.02
C ASP B 865 -4.69 24.04 1.99
N THR B 866 -3.70 23.26 2.39
CA THR B 866 -2.61 22.85 1.51
C THR B 866 -3.00 21.63 0.68
N ALA B 867 -2.58 21.64 -0.60
CA ALA B 867 -2.78 20.51 -1.49
C ALA B 867 -1.65 19.50 -1.39
N VAL B 868 -1.99 18.24 -1.12
CA VAL B 868 -0.98 17.22 -0.92
C VAL B 868 -0.74 16.50 -2.25
N ASN B 869 0.52 16.22 -2.55
CA ASN B 869 0.90 15.50 -3.76
C ASN B 869 0.61 13.99 -3.60
N ALA B 870 -0.56 13.56 -4.03
CA ALA B 870 -0.93 12.15 -3.91
C ALA B 870 -1.11 11.53 -5.28
N LYS B 871 -0.66 10.29 -5.43
CA LYS B 871 -0.85 9.54 -6.67
C LYS B 871 -1.88 8.43 -6.45
N VAL B 872 -2.67 8.19 -7.49
CA VAL B 872 -3.54 7.02 -7.54
C VAL B 872 -2.75 5.91 -8.20
N VAL B 873 -2.79 4.71 -7.60
CA VAL B 873 -2.25 3.48 -8.19
C VAL B 873 -3.41 2.53 -8.21
N THR B 874 -3.37 1.55 -9.10
CA THR B 874 -4.46 0.60 -9.25
C THR B 874 -3.85 -0.79 -9.37
N ASN B 875 -4.66 -1.82 -9.14
CA ASN B 875 -4.20 -3.19 -9.28
C ASN B 875 -4.84 -3.84 -10.51
N ALA B 876 -4.48 -5.10 -10.78
CA ALA B 876 -5.03 -5.82 -11.94
C ALA B 876 -6.56 -5.92 -11.92
N ASP B 877 -7.17 -5.88 -10.72
CA ASP B 877 -8.63 -5.98 -10.57
C ASP B 877 -9.37 -4.62 -10.65
N GLY B 878 -8.63 -3.54 -10.88
CA GLY B 878 -9.22 -2.22 -11.03
C GLY B 878 -9.46 -1.42 -9.74
N ALA B 879 -9.03 -1.94 -8.59
CA ALA B 879 -9.11 -1.23 -7.33
C ALA B 879 -8.03 -0.16 -7.30
N SER B 880 -8.22 0.85 -6.45
CA SER B 880 -7.39 2.04 -6.45
C SER B 880 -6.97 2.38 -5.05
N LEU B 881 -5.75 2.91 -4.95
CA LEU B 881 -5.17 3.48 -3.73
C LEU B 881 -4.70 4.91 -3.95
N LEU B 882 -4.92 5.78 -2.97
CA LEU B 882 -4.25 7.07 -2.94
C LEU B 882 -2.95 6.88 -2.15
N VAL B 883 -1.84 7.30 -2.73
CA VAL B 883 -0.53 7.14 -2.06
C VAL B 883 0.13 8.50 -1.83
N PHE B 884 0.48 8.80 -0.58
CA PHE B 884 1.14 10.05 -0.30
C PHE B 884 2.04 10.00 0.90
N ASP B 885 3.04 10.88 0.93
CA ASP B 885 3.88 11.03 2.13
C ASP B 885 3.09 11.69 3.25
N THR B 886 3.46 11.35 4.48
CA THR B 886 2.86 11.97 5.65
C THR B 886 3.92 12.38 6.66
N THR B 887 3.58 13.43 7.41
CA THR B 887 4.40 13.85 8.50
C THR B 887 3.69 13.51 9.78
N ALA B 888 4.44 13.02 10.75
CA ALA B 888 3.91 12.65 12.06
C ALA B 888 3.23 13.81 12.79
N GLY B 889 1.99 13.60 13.26
CA GLY B 889 1.22 14.62 13.96
C GLY B 889 0.16 15.32 13.11
N THR B 890 0.23 15.09 11.82
CA THR B 890 -0.63 15.77 10.86
C THR B 890 -1.84 14.96 10.45
N THR B 891 -2.99 15.65 10.33
CA THR B 891 -4.22 15.07 9.79
C THR B 891 -4.44 15.51 8.34
N TYR B 892 -4.64 14.49 7.50
CA TYR B 892 -4.92 14.63 6.07
C TYR B 892 -6.39 14.43 5.86
N THR B 893 -7.00 15.34 5.08
CA THR B 893 -8.43 15.31 4.83
C THR B 893 -8.65 14.94 3.39
N ILE B 894 -9.45 13.90 3.17
CA ILE B 894 -9.66 13.33 1.84
C ILE B 894 -11.14 13.48 1.50
N THR B 895 -11.42 14.17 0.41
CA THR B 895 -12.78 14.48 -0.02
C THR B 895 -12.91 14.23 -1.55
N LYS B 896 -14.15 14.17 -2.03
CA LYS B 896 -14.38 13.84 -3.44
C LYS B 896 -13.81 14.97 -4.31
N LYS B 897 -13.16 14.62 -5.42
CA LYS B 897 -12.71 15.65 -6.40
C LYS B 897 -13.88 16.44 -6.94
C2 BGC C . -19.80 -28.71 28.06
C3 BGC C . -18.46 -27.97 27.98
C4 BGC C . -17.89 -27.97 26.56
C5 BGC C . -18.98 -27.61 25.54
C6 BGC C . -18.49 -27.70 24.09
C1 BGC C . -20.76 -28.11 27.03
O1 BGC C . -22.06 -28.66 27.14
O2 BGC C . -20.30 -28.67 29.38
O3 BGC C . -17.55 -28.54 28.90
O4 BGC C . -16.85 -27.00 26.44
O5 BGC C . -20.19 -28.34 25.74
O6 BGC C . -17.77 -28.91 23.89
C1 GAL C . -15.52 -27.54 26.32
C2 GAL C . -14.64 -26.40 25.79
C3 GAL C . -13.15 -26.83 25.82
C4 GAL C . -12.72 -27.33 27.18
C5 GAL C . -13.70 -28.38 27.72
C6 GAL C . -13.48 -28.70 29.20
O2 GAL C . -15.05 -25.77 24.66
O3 GAL C . -12.28 -25.80 25.38
O4 GAL C . -12.63 -26.26 28.09
O5 GAL C . -15.05 -27.94 27.60
O6 GAL C . -14.37 -29.74 29.56
C1 FUC C . -14.64 -24.51 24.06
C2 FUC C . -15.65 -24.05 23.01
C3 FUC C . -16.93 -23.68 23.76
C4 FUC C . -16.69 -22.55 24.79
C5 FUC C . -15.59 -22.96 25.77
C6 FUC C . -15.08 -21.78 26.60
O2 FUC C . -15.81 -25.15 22.08
O3 FUC C . -17.90 -23.26 22.85
O4 FUC C . -16.34 -21.34 24.11
O5 FUC C . -14.46 -23.46 25.04
CA CA D . 10.49 14.15 -14.08
CA CA E . -1.91 1.22 -32.00
CA CA F . -0.57 -8.61 10.15
CA CA G . -7.55 -8.01 34.55
O1 MES H . -39.04 -0.55 10.64
C2 MES H . -38.15 -0.13 11.68
C3 MES H . -36.87 -0.97 11.70
N4 MES H . -36.31 -0.96 10.33
C5 MES H . -37.20 -1.25 9.20
C6 MES H . -38.47 -0.41 9.33
C7 MES H . -34.86 -0.70 10.15
C8 MES H . -34.25 -1.89 9.36
S MES H . -32.65 -1.84 8.80
O1S MES H . -32.97 -3.16 8.20
O2S MES H . -32.04 -1.79 10.15
O3S MES H . -33.03 -0.53 8.21
#